data_7XSQ
#
_entry.id   7XSQ
#
_cell.length_a   1.00
_cell.length_b   1.00
_cell.length_c   1.00
_cell.angle_alpha   90.00
_cell.angle_beta   90.00
_cell.angle_gamma   90.00
#
_symmetry.space_group_name_H-M   'P 1'
#
loop_
_entity.id
_entity.type
_entity.pdbx_description
1 polymer 'RAMP superfamily protein'
2 polymer 'CHAT domain protein'
3 polymer 'RNA (34-MER)'
4 non-polymer 'ZINC ION'
#
loop_
_entity_poly.entity_id
_entity_poly.type
_entity_poly.pdbx_seq_one_letter_code
_entity_poly.pdbx_strand_id
1 'polypeptide(L)'
;MKSNDMNITVELTFFEPYRLVEWFDWDARKKSHSAMRGQAFAQWTWKGKGRTAGKSFITGTLVRSAVIKAVEELLSLNNG
KWEGVPCCNGSFQTDESKGKKPSFLRKRHTLQWQANNKNICDKEEACPFCILLGRFDNAGKVHERNKDYDIHFSNFDLDH
KQEKNDLRLVDIASGRILNRVDFDTGKAKDYFRTWEADYETYGTYTGRITLRNEHAKKLLLASLGFVDKLCGALCRIEVI
KKSESPLPSDTKEQSYTKDDTVEVLSEDHNDELRKQAEVIVEAFKQNDKLEKIRILADAIRTLRLHGEGVIEKDELPDGK
EERDKGHHLWDIKVQGTALRTKLKELWQSNKDIGWRKFTEMLGSNLYLIYKKETGGVSTRFRILGDTEYYSKAHDSEGSD
LFIPVTPPEGIETKEWIIVGRLKAATPFYFGVQQPSDSIPGKEKKSEDSLVINEHTSFNILLDKENRYRIPRSALRGALR
RDLRTAFGSGCNVSLGGQILCNCKVCIEMRRITLKDSVSDFSEPPEIRYRIAKNPGTATVEDGSLFDIEVGPEGLTFPFV
LRYRGHKFPEQLSSVIRYWEENDGKNGMAWLGGLDSTGKGRFALKDIKIFEWDLNQKINEYIKERGMRGKEKELLEMGES
SLPDGLIPYKFFEERECLFPYKENLKPQWSEVQYTIEVGSPLLTADTISALTEPGNRDAIAYKKRVYNDGNNAIEPEPRF
AVKSETHRGIFRTAVGRRTGDLGKEDHEDCTCDMCIIFGNEHESSKIRFEDLELINGNEFEKLEKHIDHVAIDRFTGGAL
DKAKFDTYPLAGSPKKPLKLKGRFWIKKGFSGDHKLLITTALSDIRDGLYPLGSKGGVGYGWVAGISIDDNVPDDFKEMI
NKTEMPLPEEVEESNNGPINNDYVHPGHQSPKQDHKNKNIYYPHYFLDSGSKVYREKDIITHEEFTEELLSGKINCKLET
LTPLIIPDTSDENGLKLQGNKPGHKNYKFFNINGELMIPGSELRGMLRTHFEALTKSCFAIFGEDSTLSWRMNADEKDYK
IDSNSIRKMESQRNPKYRIPDELQKELRNSGNGLFNRLYTSERRFWSDVSNKFENSIDYKREILRCAGRPKNYKGGIIRQ
RKDSLMAEELKVHRLPLYDNFDIPDSAYKANDHCRKSATCSTSRGCRERFTCGIKVRDKNRVFLNAANNNRQYLNNIKKS
NHDLYLQYLKGEKKIRFNSKVITGSERSPIDVIAELNERGRQTGFIKLSGLNNSNKSQGNTGTTFNSGWDRFELNILLDD
LETRPSKSDYPRPRLLFTKDQYEYNITKRCERVFEIDKGNKTGYPVDDQIKKNYEDILDSYDGIKDQEVAERFDTFTRGS
KLKVGDLVYFHIDGDNKIDSLIPVRISRKCASKTLGGKLDKALHPCTGLSDGLCPGCHLFGTTDYKGRVKFGFAKYENGP
EWLITRGNNPERSLTLGVLESPRPAFSIPDDESEIPGRKFYLHHNGWRIIRQKQLEIRETVQPERNVTTEVMDKGNVFSF
DVRFENLREWELGLLLQSLDPGKNIAHKLGKGKPYGFGSVKIKIDSLHTFKINSNNDKIKRVPQSDIREYINKGYQKLIE
WSGNNSIQKGNVLPQWHVIPHIDKLYKLLWVPFLNDSKLEPDVRYPVLNEESKGYIEGSDYTYKKLGDKDNLPYKTRVKG
LTTPWSPWNPFQVIAEHEEQEVNVTGSRPSVTDKIERDGKMV
;
A
2 'polypeptide(L)'
;MNNTEENIDRIQEPTREDIDRKEAERLLDEAFNPRTKPVDRKKIINSALKILIGLYKEKKDDLTSASFISIARAYYLVSI
TILPKGTTIPEKKKEALRKGIEFIDRAINKFNGSILDSQRAFRIKSVLSIEFNRIDREKCDNIKLKNLLNEAVDKGCTDF
DTYEWDIQIAIRLCELGVDMEGHFDNLIKSNKANDLQKAKAYYFIKKDDHKAKEHMDKCTASLKYTPCSHRLWDETVGFI
ERLKGDSSTLWRDFAIKTYRSCRVQEKETGTLRLRWYWSRHRVLYDMAFLAVKEQADDEEPDVNVKQAKIKKLAEISDSL
KSRFSLRLSDMEKMPKSDDESNHEFKKFLDKCVTAYQDGYVINRSEDKEGQGENKSTTSKQPEPRPQAKLLELTQVPEGW
VVVHFYLNKLEGMGNAIVFDKCANSWQYKEFQYKELFEVFLTWQANYNLYKENAAEHLVTLCKKIGETMPFLFCDNFIPN
GKDVLFVPHDFLHRLPLHGSIENKTNGKLFLENHSCCYLPAWSFASEKEASTSDEYVLLKNFDQGHFETLQNNQIWGTQS
VKDGASSDDLENIRNNPRLLTILCHGEANMSNPFRSMLKLANGGITYLEILNSVKGLKGSQVILGACETDLVPPLSDVMD
EHYSVATALLLIGAAGVVGTMWKVRSNKTKSLIEWKLENIEYKLNEWQKETGGAAYKDHPPTFYRSIAFRSIGFPL
;
B
3 'polyribonucleotide' GUUAUGAAACAAGAGAAGGACUUAAUGUCACGGUACCCAAUUUUCUGCCCCGGACUCCACGGCUGUUACUAGAG D
#
loop_
_chem_comp.id
_chem_comp.type
_chem_comp.name
_chem_comp.formula
A RNA linking ADENOSINE-5'-MONOPHOSPHATE 'C10 H14 N5 O7 P'
C RNA linking CYTIDINE-5'-MONOPHOSPHATE 'C9 H14 N3 O8 P'
G RNA linking GUANOSINE-5'-MONOPHOSPHATE 'C10 H14 N5 O8 P'
U RNA linking URIDINE-5'-MONOPHOSPHATE 'C9 H13 N2 O9 P'
ZN non-polymer 'ZINC ION' 'Zn 2'
#
# COMPACT_ATOMS: atom_id res chain seq x y z
N ASP A 5 36.26 -49.02 -14.10
CA ASP A 5 36.76 -47.68 -14.38
C ASP A 5 36.00 -47.04 -15.54
N MET A 6 34.74 -47.42 -15.70
CA MET A 6 33.96 -47.00 -16.85
C MET A 6 33.24 -45.68 -16.59
N ASN A 7 32.99 -44.95 -17.67
CA ASN A 7 32.41 -43.62 -17.62
C ASN A 7 30.90 -43.68 -17.74
N ILE A 8 30.25 -42.61 -17.27
CA ILE A 8 28.80 -42.47 -17.30
C ILE A 8 28.46 -41.16 -17.99
N THR A 9 27.57 -41.21 -18.97
CA THR A 9 27.11 -40.02 -19.68
C THR A 9 25.75 -39.63 -19.14
N VAL A 10 25.65 -38.40 -18.62
CA VAL A 10 24.51 -37.97 -17.81
C VAL A 10 23.82 -36.79 -18.48
N GLU A 11 22.49 -36.81 -18.49
CA GLU A 11 21.68 -35.71 -18.98
C GLU A 11 20.84 -35.12 -17.86
N LEU A 12 20.59 -33.81 -17.98
CA LEU A 12 19.88 -33.02 -16.98
C LEU A 12 18.80 -32.24 -17.72
N THR A 13 17.54 -32.47 -17.36
CA THR A 13 16.41 -31.85 -18.02
C THR A 13 15.60 -31.07 -17.01
N PHE A 14 15.18 -29.87 -17.39
CA PHE A 14 14.43 -28.99 -16.51
C PHE A 14 12.94 -29.01 -16.84
N PHE A 15 12.14 -28.57 -15.87
CA PHE A 15 10.70 -28.51 -16.06
C PHE A 15 10.10 -27.22 -15.52
N GLU A 16 10.92 -26.28 -15.06
CA GLU A 16 10.54 -24.94 -14.68
C GLU A 16 11.61 -24.01 -15.22
N PRO A 17 11.33 -22.72 -15.33
CA PRO A 17 12.40 -21.77 -15.69
C PRO A 17 13.43 -21.65 -14.58
N TYR A 18 14.70 -21.76 -14.95
CA TYR A 18 15.79 -21.73 -14.00
C TYR A 18 16.48 -20.37 -14.02
N ARG A 19 17.48 -20.23 -13.16
CA ARG A 19 18.16 -18.96 -12.93
C ARG A 19 19.53 -18.95 -13.62
N LEU A 20 20.02 -17.75 -13.93
CA LEU A 20 21.27 -17.58 -14.66
C LEU A 20 22.06 -16.43 -14.04
N VAL A 21 23.39 -16.53 -14.10
CA VAL A 21 24.27 -15.53 -13.52
C VAL A 21 25.55 -15.44 -14.34
N GLU A 22 26.29 -14.35 -14.17
CA GLU A 22 27.53 -14.11 -14.90
C GLU A 22 28.69 -14.78 -14.19
N TRP A 23 29.66 -15.28 -14.96
CA TRP A 23 30.77 -16.04 -14.41
C TRP A 23 31.94 -15.14 -14.06
N PHE A 24 32.29 -15.09 -12.79
CA PHE A 24 33.52 -14.51 -12.29
C PHE A 24 34.31 -15.61 -11.57
N ASP A 25 35.61 -15.38 -11.37
CA ASP A 25 36.47 -16.51 -11.08
C ASP A 25 36.44 -16.97 -9.62
N TRP A 26 37.11 -16.25 -8.72
CA TRP A 26 36.84 -16.40 -7.30
C TRP A 26 36.90 -15.06 -6.58
N ASP A 27 37.85 -14.22 -7.01
CA ASP A 27 38.13 -12.93 -6.40
C ASP A 27 37.35 -11.80 -7.04
N ALA A 28 37.22 -11.84 -8.38
CA ALA A 28 36.27 -10.98 -9.06
C ALA A 28 34.84 -11.31 -8.66
N ARG A 29 34.60 -12.53 -8.19
CA ARG A 29 33.31 -12.86 -7.60
C ARG A 29 33.08 -12.08 -6.33
N LYS A 30 34.11 -11.98 -5.48
CA LYS A 30 33.97 -11.24 -4.23
C LYS A 30 33.87 -9.74 -4.46
N LYS A 31 34.33 -9.25 -5.62
CA LYS A 31 34.13 -7.83 -5.91
C LYS A 31 32.68 -7.49 -6.25
N SER A 32 31.86 -8.48 -6.61
CA SER A 32 30.49 -8.24 -7.06
C SER A 32 29.48 -8.82 -6.09
N HIS A 33 28.28 -8.23 -6.08
CA HIS A 33 27.21 -8.69 -5.19
C HIS A 33 26.28 -9.69 -5.86
N SER A 34 25.92 -9.43 -7.12
CA SER A 34 25.01 -10.32 -7.83
C SER A 34 25.63 -11.67 -8.10
N ALA A 35 26.95 -11.72 -8.29
CA ALA A 35 27.62 -12.99 -8.48
C ALA A 35 27.73 -13.77 -7.18
N MET A 36 27.85 -13.08 -6.05
CA MET A 36 27.93 -13.77 -4.77
C MET A 36 26.56 -14.30 -4.34
N ARG A 37 25.50 -13.54 -4.62
CA ARG A 37 24.15 -14.08 -4.41
C ARG A 37 23.85 -15.20 -5.39
N GLY A 38 24.36 -15.09 -6.60
CA GLY A 38 24.01 -16.00 -7.67
C GLY A 38 24.84 -17.26 -7.79
N GLN A 39 25.52 -17.66 -6.72
CA GLN A 39 26.05 -19.01 -6.69
C GLN A 39 24.89 -19.98 -6.57
N ALA A 40 25.18 -21.25 -6.89
CA ALA A 40 24.18 -22.31 -7.06
C ALA A 40 23.12 -21.96 -8.11
N PHE A 41 23.50 -21.19 -9.13
CA PHE A 41 22.70 -20.94 -10.31
C PHE A 41 23.44 -21.56 -11.50
N ALA A 42 22.95 -21.29 -12.71
CA ALA A 42 23.63 -21.69 -13.94
C ALA A 42 24.47 -20.52 -14.44
N GLN A 43 25.70 -20.79 -14.84
CA GLN A 43 26.64 -19.74 -15.13
C GLN A 43 26.65 -19.38 -16.60
N TRP A 44 26.97 -18.12 -16.90
CA TRP A 44 26.99 -17.59 -18.25
C TRP A 44 28.33 -16.91 -18.50
N THR A 45 28.98 -17.27 -19.59
CA THR A 45 30.25 -16.65 -19.96
C THR A 45 30.14 -16.08 -21.37
N TRP A 46 30.88 -14.99 -21.61
CA TRP A 46 30.82 -14.31 -22.90
C TRP A 46 31.80 -14.92 -23.89
N LYS A 47 31.60 -14.60 -25.16
CA LYS A 47 32.45 -15.08 -26.25
C LYS A 47 32.77 -13.92 -27.16
N GLY A 48 34.04 -13.57 -27.27
CA GLY A 48 34.43 -12.42 -28.04
C GLY A 48 34.21 -11.13 -27.27
N LYS A 49 34.05 -10.04 -28.02
CA LYS A 49 33.83 -8.72 -27.45
C LYS A 49 32.51 -8.17 -27.97
N GLY A 50 32.06 -7.09 -27.34
CA GLY A 50 30.77 -6.52 -27.63
C GLY A 50 29.70 -6.90 -26.65
N ARG A 51 29.98 -7.88 -25.79
CA ARG A 51 29.07 -8.52 -24.81
C ARG A 51 27.66 -8.75 -25.36
N THR A 52 27.60 -9.56 -26.42
CA THR A 52 26.33 -9.95 -27.02
C THR A 52 26.14 -11.45 -27.19
N ALA A 53 27.19 -12.27 -27.12
CA ALA A 53 27.07 -13.69 -27.34
C ALA A 53 27.89 -14.45 -26.32
N GLY A 54 27.53 -15.71 -26.10
CA GLY A 54 28.26 -16.52 -25.14
C GLY A 54 27.74 -17.94 -24.98
N LYS A 55 27.95 -18.54 -23.82
CA LYS A 55 27.45 -19.88 -23.54
C LYS A 55 27.19 -20.09 -22.06
N SER A 56 26.27 -21.02 -21.76
CA SER A 56 25.81 -21.31 -20.41
C SER A 56 26.25 -22.71 -20.00
N PHE A 57 26.56 -22.86 -18.71
CA PHE A 57 27.03 -24.14 -18.22
C PHE A 57 26.78 -24.25 -16.72
N ILE A 58 26.71 -25.49 -16.25
CA ILE A 58 26.54 -25.83 -14.85
C ILE A 58 27.82 -26.50 -14.37
N THR A 59 28.39 -26.01 -13.29
CA THR A 59 29.65 -26.55 -12.78
C THR A 59 29.45 -27.93 -12.19
N GLY A 60 30.55 -28.68 -12.10
CA GLY A 60 30.50 -30.02 -11.56
C GLY A 60 30.44 -30.06 -10.05
N THR A 61 30.90 -29.02 -9.38
CA THR A 61 30.82 -28.96 -7.93
C THR A 61 29.38 -28.83 -7.44
N LEU A 62 28.52 -28.17 -8.23
CA LEU A 62 27.12 -28.04 -7.86
C LEU A 62 26.39 -29.38 -7.94
N VAL A 63 26.64 -30.13 -9.02
CA VAL A 63 26.09 -31.47 -9.15
C VAL A 63 26.65 -32.39 -8.07
N ARG A 64 27.92 -32.18 -7.68
CA ARG A 64 28.50 -32.99 -6.61
C ARG A 64 27.84 -32.71 -5.27
N SER A 65 27.54 -31.45 -4.98
CA SER A 65 26.85 -31.13 -3.73
C SER A 65 25.43 -31.67 -3.70
N ALA A 66 24.74 -31.63 -4.84
CA ALA A 66 23.39 -32.20 -4.93
C ALA A 66 23.40 -33.72 -4.71
N VAL A 67 24.36 -34.42 -5.33
CA VAL A 67 24.45 -35.86 -5.16
C VAL A 67 24.85 -36.23 -3.73
N ILE A 68 25.69 -35.41 -3.09
CA ILE A 68 26.10 -35.67 -1.71
C ILE A 68 24.92 -35.51 -0.75
N LYS A 69 24.09 -34.49 -0.98
CA LYS A 69 22.88 -34.32 -0.18
C LYS A 69 21.90 -35.47 -0.37
N ALA A 70 21.76 -35.95 -1.61
CA ALA A 70 20.87 -37.06 -1.87
C ALA A 70 21.36 -38.36 -1.23
N VAL A 71 22.66 -38.61 -1.25
CA VAL A 71 23.23 -39.81 -0.64
C VAL A 71 23.03 -39.76 0.88
N GLU A 72 23.17 -38.58 1.48
CA GLU A 72 22.96 -38.44 2.91
C GLU A 72 21.52 -38.72 3.30
N GLU A 73 20.56 -38.23 2.51
CA GLU A 73 19.15 -38.50 2.80
C GLU A 73 18.81 -39.98 2.62
N LEU A 74 19.33 -40.61 1.56
CA LEU A 74 19.05 -42.02 1.31
C LEU A 74 19.67 -42.91 2.37
N LEU A 75 20.84 -42.55 2.88
CA LEU A 75 21.42 -43.34 3.95
C LEU A 75 20.73 -43.09 5.28
N SER A 76 20.13 -41.91 5.46
CA SER A 76 19.38 -41.67 6.67
C SER A 76 18.03 -42.38 6.67
N LEU A 77 17.48 -42.71 5.51
CA LEU A 77 16.19 -43.38 5.49
C LEU A 77 16.30 -44.84 5.93
N ASN A 78 17.37 -45.53 5.55
CA ASN A 78 17.54 -46.94 5.90
C ASN A 78 18.51 -47.15 7.06
N ASN A 79 18.72 -46.12 7.89
CA ASN A 79 19.54 -46.16 9.10
C ASN A 79 20.99 -46.57 8.82
N GLY A 80 21.60 -45.95 7.81
CA GLY A 80 23.01 -46.15 7.57
C GLY A 80 23.39 -47.39 6.79
N LYS A 81 22.51 -47.88 5.94
CA LYS A 81 22.74 -49.07 5.14
C LYS A 81 22.19 -48.84 3.75
N TRP A 82 22.80 -49.46 2.75
CA TRP A 82 22.23 -49.51 1.41
C TRP A 82 22.54 -50.87 0.81
N GLU A 83 21.49 -51.69 0.63
CA GLU A 83 21.59 -53.04 0.08
C GLU A 83 22.55 -53.92 0.86
N GLY A 84 22.57 -53.75 2.17
CA GLY A 84 23.31 -54.63 3.04
C GLY A 84 24.73 -54.25 3.33
N VAL A 85 25.24 -53.17 2.74
CA VAL A 85 26.56 -52.70 3.10
C VAL A 85 26.40 -51.47 3.99
N PRO A 86 27.06 -51.42 5.13
CA PRO A 86 26.91 -50.27 6.02
C PRO A 86 27.98 -49.21 5.76
N CYS A 87 27.80 -48.08 6.41
CA CYS A 87 28.63 -46.93 6.12
C CYS A 87 28.69 -46.00 7.32
N CYS A 88 29.81 -45.31 7.45
CA CYS A 88 30.01 -44.34 8.51
C CYS A 88 29.38 -43.01 8.13
N ASN A 89 29.43 -42.06 9.06
CA ASN A 89 28.79 -40.77 8.86
C ASN A 89 29.72 -39.72 8.29
N GLY A 90 30.75 -40.13 7.55
CA GLY A 90 31.54 -39.22 6.75
C GLY A 90 32.39 -38.26 7.56
N SER A 91 32.77 -37.17 6.91
CA SER A 91 33.50 -36.11 7.58
C SER A 91 33.21 -34.80 6.87
N PHE A 92 32.83 -33.79 7.64
CA PHE A 92 32.46 -32.50 7.08
C PHE A 92 33.09 -31.35 7.85
N GLN A 93 34.27 -31.58 8.42
CA GLN A 93 35.00 -30.57 9.17
C GLN A 93 36.45 -30.55 8.72
N THR A 94 37.01 -29.36 8.55
CA THR A 94 38.37 -29.18 8.06
C THR A 94 39.14 -28.25 8.99
N ASP A 95 40.29 -28.72 9.46
CA ASP A 95 41.13 -27.90 10.34
C ASP A 95 41.87 -26.85 9.52
N GLU A 96 42.01 -25.66 10.10
CA GLU A 96 42.63 -24.54 9.40
C GLU A 96 44.15 -24.64 9.42
N SER A 97 44.71 -25.24 10.47
CA SER A 97 46.16 -25.30 10.61
C SER A 97 46.79 -26.25 9.59
N LYS A 98 46.07 -27.29 9.17
CA LYS A 98 46.55 -28.22 8.16
C LYS A 98 45.60 -28.15 6.95
N GLY A 99 46.06 -27.53 5.88
CA GLY A 99 45.27 -27.41 4.68
C GLY A 99 44.29 -26.25 4.73
N LYS A 100 43.81 -25.86 3.56
CA LYS A 100 42.90 -24.74 3.46
C LYS A 100 41.45 -25.21 3.50
N LYS A 101 40.55 -24.24 3.60
CA LYS A 101 39.11 -24.46 3.64
C LYS A 101 38.57 -24.65 2.23
N PRO A 102 37.55 -25.49 2.04
CA PRO A 102 37.20 -25.91 0.69
C PRO A 102 36.26 -25.01 -0.09
N SER A 103 36.46 -23.68 -0.06
CA SER A 103 35.89 -22.72 -0.99
C SER A 103 34.37 -22.58 -0.99
N PHE A 104 33.66 -23.40 -0.22
CA PHE A 104 32.21 -23.35 -0.06
C PHE A 104 31.93 -23.94 1.31
N LEU A 105 31.30 -23.17 2.18
CA LEU A 105 31.13 -23.55 3.57
C LEU A 105 29.66 -23.83 3.87
N ARG A 106 29.41 -24.86 4.67
CA ARG A 106 28.08 -25.38 4.93
C ARG A 106 27.46 -24.68 6.14
N LYS A 107 26.20 -24.25 6.01
CA LYS A 107 25.47 -23.65 7.11
C LYS A 107 24.33 -24.51 7.62
N ARG A 108 23.83 -25.46 6.84
CA ARG A 108 22.67 -26.25 7.23
C ARG A 108 23.08 -27.40 8.14
N HIS A 109 22.07 -28.10 8.66
CA HIS A 109 22.31 -29.27 9.49
C HIS A 109 22.62 -30.49 8.63
N THR A 110 23.46 -31.37 9.16
CA THR A 110 23.82 -32.61 8.48
C THR A 110 23.20 -33.80 9.21
N LEU A 111 22.64 -34.72 8.45
CA LEU A 111 22.02 -35.90 9.03
C LEU A 111 23.08 -36.93 9.41
N GLN A 112 22.92 -37.53 10.58
CA GLN A 112 23.85 -38.53 11.08
C GLN A 112 23.07 -39.74 11.55
N TRP A 113 23.77 -40.84 11.77
CA TRP A 113 23.17 -42.08 12.22
C TRP A 113 24.16 -42.79 13.13
N GLN A 114 23.70 -43.87 13.74
CA GLN A 114 24.54 -44.66 14.64
C GLN A 114 25.47 -45.54 13.81
N ALA A 115 26.78 -45.27 13.90
CA ALA A 115 27.76 -45.93 13.07
C ALA A 115 27.98 -47.36 13.58
N ASN A 116 27.64 -48.35 12.76
CA ASN A 116 27.72 -49.75 13.15
C ASN A 116 28.70 -50.56 12.30
N ASN A 117 29.66 -49.89 11.65
CA ASN A 117 30.61 -50.62 10.82
C ASN A 117 31.71 -51.27 11.65
N LYS A 118 32.10 -50.62 12.75
CA LYS A 118 33.08 -51.12 13.75
C LYS A 118 34.46 -51.34 13.15
N ASN A 119 34.78 -50.65 12.05
CA ASN A 119 36.12 -50.69 11.46
C ASN A 119 36.42 -49.30 10.92
N ILE A 120 37.51 -48.71 11.40
CA ILE A 120 37.85 -47.33 11.05
C ILE A 120 38.34 -47.29 9.62
N CYS A 121 37.75 -46.39 8.83
CA CYS A 121 38.02 -46.33 7.40
C CYS A 121 39.40 -45.73 7.13
N ASP A 122 40.13 -46.32 6.17
CA ASP A 122 41.43 -45.82 5.78
C ASP A 122 41.58 -45.92 4.26
N LYS A 123 42.80 -45.74 3.78
CA LYS A 123 43.07 -45.79 2.35
C LYS A 123 42.96 -47.21 1.79
N GLU A 124 43.09 -48.22 2.63
CA GLU A 124 43.08 -49.60 2.17
C GLU A 124 41.67 -50.06 1.83
N GLU A 125 40.75 -49.99 2.80
CA GLU A 125 39.36 -50.33 2.57
C GLU A 125 38.46 -49.23 3.14
N ALA A 126 37.45 -48.86 2.36
CA ALA A 126 36.59 -47.75 2.72
C ALA A 126 35.16 -48.05 2.33
N CYS A 127 34.24 -47.34 2.99
CA CYS A 127 32.82 -47.50 2.75
C CYS A 127 32.41 -46.76 1.48
N PRO A 128 31.22 -47.02 0.93
CA PRO A 128 30.77 -46.27 -0.25
C PRO A 128 30.61 -44.77 -0.05
N PHE A 129 30.27 -44.33 1.16
CA PHE A 129 30.14 -42.89 1.43
C PHE A 129 31.49 -42.19 1.37
N CYS A 130 32.56 -42.86 1.77
CA CYS A 130 33.88 -42.24 1.75
C CYS A 130 34.50 -42.28 0.35
N ILE A 131 34.08 -43.22 -0.48
CA ILE A 131 34.50 -43.21 -1.88
C ILE A 131 33.78 -42.10 -2.63
N LEU A 132 32.47 -41.95 -2.42
CA LEU A 132 31.72 -40.93 -3.14
C LEU A 132 32.08 -39.52 -2.70
N LEU A 133 32.51 -39.35 -1.44
CA LEU A 133 33.02 -38.07 -1.02
C LEU A 133 34.42 -37.83 -1.56
N GLY A 134 35.22 -38.87 -1.66
CA GLY A 134 36.58 -38.75 -2.11
C GLY A 134 37.53 -38.28 -1.03
N ARG A 135 37.54 -38.99 0.10
CA ARG A 135 38.48 -38.64 1.17
C ARG A 135 39.86 -39.20 0.88
N PHE A 136 39.94 -40.51 0.65
CA PHE A 136 41.22 -41.19 0.50
C PHE A 136 41.58 -41.33 -0.97
N ASP A 137 41.67 -40.20 -1.62
CA ASP A 137 42.03 -40.04 -3.02
C ASP A 137 43.40 -39.36 -3.08
N ASN A 138 43.83 -39.03 -4.29
CA ASN A 138 44.82 -37.99 -4.48
C ASN A 138 44.10 -36.75 -5.02
N ALA A 139 44.86 -35.68 -5.26
CA ALA A 139 44.39 -34.42 -5.82
C ALA A 139 43.28 -33.79 -4.95
N GLY A 140 43.71 -33.31 -3.79
CA GLY A 140 42.86 -32.51 -2.95
C GLY A 140 43.13 -31.02 -2.98
N LYS A 141 42.13 -30.25 -3.39
CA LYS A 141 41.99 -28.80 -3.24
C LYS A 141 42.94 -27.96 -4.09
N VAL A 142 43.90 -28.58 -4.77
CA VAL A 142 44.69 -27.94 -5.82
C VAL A 142 44.70 -28.90 -7.00
N HIS A 143 44.26 -28.43 -8.16
CA HIS A 143 43.99 -29.32 -9.27
C HIS A 143 45.27 -29.79 -9.94
N GLU A 144 45.22 -31.02 -10.46
CA GLU A 144 46.33 -31.68 -11.14
C GLU A 144 45.71 -32.41 -12.33
N ARG A 145 46.40 -33.44 -12.83
CA ARG A 145 45.88 -34.27 -13.91
C ARG A 145 44.56 -34.95 -13.52
N ASN A 146 43.82 -35.40 -14.54
CA ASN A 146 42.49 -35.94 -14.33
C ASN A 146 42.48 -37.39 -13.86
N LYS A 147 43.62 -38.07 -13.88
CA LYS A 147 43.73 -39.31 -13.15
C LYS A 147 43.90 -38.98 -11.66
N ASP A 148 44.01 -40.04 -10.85
CA ASP A 148 44.09 -39.98 -9.39
C ASP A 148 42.88 -39.28 -8.78
N TYR A 149 41.72 -39.46 -9.43
CA TYR A 149 40.42 -39.11 -8.90
C TYR A 149 39.61 -40.38 -8.82
N ASP A 150 39.11 -40.73 -7.64
CA ASP A 150 38.24 -41.90 -7.54
C ASP A 150 36.86 -41.61 -8.08
N ILE A 151 36.43 -40.37 -8.04
CA ILE A 151 35.12 -39.95 -8.55
C ILE A 151 35.28 -38.53 -9.11
N HIS A 152 34.78 -38.31 -10.32
CA HIS A 152 35.03 -37.05 -11.01
C HIS A 152 33.77 -36.57 -11.71
N PHE A 153 33.40 -35.32 -11.43
CA PHE A 153 32.25 -34.67 -12.05
C PHE A 153 32.77 -33.61 -13.00
N SER A 154 32.42 -33.73 -14.28
CA SER A 154 32.83 -32.75 -15.27
C SER A 154 31.76 -31.66 -15.40
N ASN A 155 32.04 -30.66 -16.22
CA ASN A 155 31.11 -29.58 -16.41
C ASN A 155 29.97 -30.02 -17.33
N PHE A 156 28.89 -29.26 -17.29
CA PHE A 156 27.65 -29.62 -17.96
C PHE A 156 27.32 -28.57 -19.00
N ASP A 157 27.40 -28.93 -20.28
CA ASP A 157 27.25 -28.02 -21.40
C ASP A 157 25.83 -28.07 -21.94
N LEU A 158 25.41 -26.96 -22.55
CA LEU A 158 24.05 -26.86 -23.07
C LEU A 158 23.92 -27.60 -24.39
N ASP A 159 22.99 -28.55 -24.45
CA ASP A 159 22.79 -29.37 -25.64
C ASP A 159 21.91 -28.57 -26.60
N HIS A 160 22.53 -27.65 -27.31
CA HIS A 160 21.83 -26.84 -28.30
C HIS A 160 21.64 -27.65 -29.57
N LYS A 161 20.42 -27.62 -30.11
CA LYS A 161 20.12 -28.32 -31.36
C LYS A 161 20.53 -27.52 -32.58
N GLN A 162 20.78 -26.23 -32.43
CA GLN A 162 21.22 -25.33 -33.50
C GLN A 162 22.46 -24.58 -33.06
N GLU A 163 23.43 -25.31 -32.50
CA GLU A 163 24.73 -24.75 -32.14
C GLU A 163 25.53 -24.55 -33.42
N LYS A 164 25.26 -23.45 -34.10
CA LYS A 164 25.87 -23.14 -35.39
C LYS A 164 26.81 -21.96 -35.32
N ASN A 165 26.35 -20.80 -34.83
CA ASN A 165 27.19 -19.62 -34.74
C ASN A 165 27.43 -19.17 -33.31
N ASP A 166 26.37 -18.78 -32.58
CA ASP A 166 26.45 -18.32 -31.19
C ASP A 166 25.03 -18.23 -30.64
N LEU A 167 24.94 -17.97 -29.34
CA LEU A 167 23.68 -17.69 -28.67
C LEU A 167 23.70 -16.26 -28.14
N ARG A 168 22.63 -15.53 -28.37
CA ARG A 168 22.49 -14.24 -27.72
C ARG A 168 21.87 -14.42 -26.35
N LEU A 169 22.20 -13.48 -25.44
CA LEU A 169 21.63 -13.55 -24.10
C LEU A 169 20.15 -13.20 -24.09
N VAL A 170 19.73 -12.32 -25.00
CA VAL A 170 18.32 -11.95 -25.10
C VAL A 170 17.47 -13.02 -25.75
N ASP A 171 18.06 -14.10 -26.27
CA ASP A 171 17.32 -15.19 -26.85
C ASP A 171 17.14 -16.36 -25.89
N ILE A 172 17.76 -16.31 -24.70
CA ILE A 172 17.67 -17.39 -23.73
C ILE A 172 17.06 -16.92 -22.42
N ALA A 173 17.42 -15.74 -21.95
CA ALA A 173 17.03 -15.25 -20.64
C ALA A 173 16.08 -14.07 -20.74
N SER A 174 15.59 -13.64 -19.58
CA SER A 174 14.76 -12.47 -19.43
C SER A 174 14.88 -11.97 -18.01
N GLY A 175 15.06 -10.66 -17.85
CA GLY A 175 15.31 -10.10 -16.53
C GLY A 175 14.04 -9.83 -15.76
N ARG A 176 14.14 -9.92 -14.44
CA ARG A 176 12.98 -9.79 -13.59
C ARG A 176 13.39 -9.26 -12.23
N ILE A 177 12.50 -8.50 -11.61
CA ILE A 177 12.70 -7.90 -10.29
C ILE A 177 11.81 -8.61 -9.30
N LEU A 178 12.41 -9.12 -8.23
CA LEU A 178 11.71 -9.77 -7.14
C LEU A 178 11.56 -8.78 -5.98
N ASN A 179 11.12 -9.24 -4.82
CA ASN A 179 10.71 -8.31 -3.77
C ASN A 179 10.82 -8.96 -2.40
N ARG A 180 10.68 -8.14 -1.36
CA ARG A 180 10.53 -8.61 0.02
C ARG A 180 9.58 -7.67 0.74
N VAL A 181 8.52 -8.22 1.31
CA VAL A 181 7.39 -7.44 1.82
C VAL A 181 7.32 -7.61 3.33
N ASP A 182 7.11 -6.50 4.04
CA ASP A 182 6.94 -6.54 5.48
C ASP A 182 5.54 -7.09 5.80
N PHE A 183 5.44 -7.83 6.89
CA PHE A 183 4.19 -8.50 7.23
C PHE A 183 3.19 -7.53 7.86
N ASP A 184 3.67 -6.52 8.58
CA ASP A 184 2.78 -5.62 9.29
C ASP A 184 2.31 -4.47 8.41
N THR A 185 3.22 -3.82 7.72
CA THR A 185 2.86 -2.68 6.89
C THR A 185 2.30 -3.06 5.53
N GLY A 186 2.66 -4.23 5.00
CA GLY A 186 2.23 -4.62 3.68
C GLY A 186 2.98 -3.99 2.54
N LYS A 187 4.03 -3.23 2.81
CA LYS A 187 4.84 -2.55 1.83
C LYS A 187 6.18 -3.27 1.70
N ALA A 188 6.86 -3.04 0.58
CA ALA A 188 8.14 -3.68 0.33
C ALA A 188 9.27 -2.94 1.01
N LYS A 189 10.31 -3.68 1.36
CA LYS A 189 11.51 -3.14 1.98
C LYS A 189 12.63 -2.94 0.98
N ASP A 190 12.89 -3.94 0.14
CA ASP A 190 13.98 -3.90 -0.80
C ASP A 190 13.65 -4.83 -1.96
N TYR A 191 14.54 -4.89 -2.94
CA TYR A 191 14.33 -5.75 -4.11
C TYR A 191 15.68 -6.21 -4.64
N PHE A 192 15.63 -7.14 -5.58
CA PHE A 192 16.81 -7.64 -6.25
C PHE A 192 16.42 -8.21 -7.60
N ARG A 193 17.42 -8.45 -8.45
CA ARG A 193 17.24 -8.81 -9.85
C ARG A 193 17.78 -10.21 -10.12
N THR A 194 17.09 -10.95 -10.99
CA THR A 194 17.52 -12.26 -11.47
C THR A 194 17.43 -12.33 -12.98
N TRP A 195 17.98 -13.39 -13.56
CA TRP A 195 17.79 -13.74 -14.96
C TRP A 195 17.12 -15.10 -15.02
N GLU A 196 15.95 -15.17 -15.63
CA GLU A 196 15.19 -16.40 -15.77
C GLU A 196 15.28 -16.92 -17.19
N ALA A 197 15.64 -18.18 -17.34
CA ALA A 197 15.90 -18.77 -18.64
C ALA A 197 14.79 -19.73 -19.06
N ASP A 198 14.63 -19.85 -20.37
CA ASP A 198 13.54 -20.64 -20.95
C ASP A 198 13.87 -22.12 -20.83
N TYR A 199 12.84 -22.93 -20.60
CA TYR A 199 13.01 -24.36 -20.45
C TYR A 199 12.40 -25.18 -21.59
N GLU A 200 11.63 -24.55 -22.47
CA GLU A 200 11.02 -25.28 -23.57
C GLU A 200 11.95 -25.48 -24.74
N THR A 201 12.97 -24.63 -24.88
CA THR A 201 13.95 -24.76 -25.95
C THR A 201 15.35 -25.04 -25.44
N TYR A 202 15.71 -24.50 -24.29
CA TYR A 202 17.08 -24.46 -23.80
C TYR A 202 17.18 -25.09 -22.42
N GLY A 203 16.66 -26.31 -22.28
CA GLY A 203 16.66 -26.93 -20.97
C GLY A 203 17.25 -28.32 -20.86
N THR A 204 18.26 -28.65 -21.65
CA THR A 204 18.92 -29.94 -21.56
C THR A 204 20.43 -29.74 -21.49
N TYR A 205 21.06 -30.34 -20.49
CA TYR A 205 22.50 -30.25 -20.29
C TYR A 205 23.09 -31.65 -20.24
N THR A 206 24.35 -31.78 -20.67
CA THR A 206 24.97 -33.09 -20.85
C THR A 206 26.37 -33.06 -20.26
N GLY A 207 26.68 -34.05 -19.41
CA GLY A 207 27.96 -34.12 -18.75
C GLY A 207 28.44 -35.55 -18.63
N ARG A 208 29.58 -35.71 -17.96
CA ARG A 208 30.24 -37.00 -17.85
C ARG A 208 30.75 -37.19 -16.43
N ILE A 209 30.48 -38.36 -15.85
CA ILE A 209 30.91 -38.71 -14.50
C ILE A 209 31.80 -39.94 -14.58
N THR A 210 33.00 -39.84 -14.00
CA THR A 210 33.99 -40.90 -14.05
C THR A 210 34.12 -41.52 -12.66
N LEU A 211 34.11 -42.86 -12.62
CA LEU A 211 34.15 -43.59 -11.36
C LEU A 211 35.10 -44.77 -11.49
N ARG A 212 35.85 -45.05 -10.42
CA ARG A 212 36.81 -46.16 -10.40
C ARG A 212 36.55 -47.14 -9.27
N ASN A 213 35.28 -47.37 -8.92
CA ASN A 213 34.92 -48.28 -7.84
C ASN A 213 33.47 -48.69 -7.99
N GLU A 214 33.18 -50.00 -7.90
CA GLU A 214 31.81 -50.48 -8.10
C GLU A 214 30.98 -50.38 -6.84
N HIS A 215 31.67 -50.52 -5.69
CA HIS A 215 31.06 -50.42 -4.38
C HIS A 215 30.35 -49.10 -4.17
N ALA A 216 30.85 -48.04 -4.78
CA ALA A 216 30.11 -46.79 -4.81
C ALA A 216 29.15 -46.69 -5.98
N LYS A 217 29.31 -47.55 -7.00
CA LYS A 217 28.55 -47.37 -8.24
C LYS A 217 27.09 -47.67 -8.04
N LYS A 218 26.80 -48.67 -7.20
CA LYS A 218 25.39 -49.00 -6.94
C LYS A 218 24.66 -47.86 -6.23
N LEU A 219 25.27 -47.29 -5.20
CA LEU A 219 24.67 -46.17 -4.47
C LEU A 219 24.61 -44.89 -5.32
N LEU A 220 25.58 -44.68 -6.21
CA LEU A 220 25.56 -43.49 -7.04
C LEU A 220 24.45 -43.55 -8.08
N LEU A 221 24.25 -44.71 -8.70
CA LEU A 221 23.15 -44.85 -9.64
C LEU A 221 21.80 -44.81 -8.94
N ALA A 222 21.74 -45.22 -7.68
CA ALA A 222 20.50 -45.06 -6.93
C ALA A 222 20.22 -43.59 -6.61
N SER A 223 21.26 -42.83 -6.26
CA SER A 223 21.06 -41.48 -5.75
C SER A 223 21.06 -40.41 -6.81
N LEU A 224 21.35 -40.73 -8.07
CA LEU A 224 21.16 -39.74 -9.12
C LEU A 224 19.68 -39.45 -9.37
N GLY A 225 18.79 -40.40 -9.06
CA GLY A 225 17.38 -40.19 -9.28
C GLY A 225 16.65 -39.48 -8.16
N PHE A 226 17.23 -39.44 -6.97
CA PHE A 226 16.63 -38.79 -5.82
C PHE A 226 16.86 -37.29 -5.80
N VAL A 227 17.73 -36.78 -6.68
CA VAL A 227 17.92 -35.34 -6.80
C VAL A 227 16.69 -34.74 -7.46
N ASP A 228 16.11 -33.74 -6.82
CA ASP A 228 14.84 -33.19 -7.26
C ASP A 228 14.83 -31.71 -7.56
N LYS A 229 15.91 -31.00 -7.35
CA LYS A 229 15.87 -29.54 -7.33
C LYS A 229 17.27 -29.02 -7.61
N LEU A 230 17.44 -28.27 -8.68
CA LEU A 230 18.74 -27.75 -9.06
C LEU A 230 18.56 -26.46 -9.83
N CYS A 231 19.35 -25.46 -9.47
CA CYS A 231 19.37 -24.14 -10.09
C CYS A 231 18.01 -23.44 -10.04
N GLY A 232 17.22 -23.73 -9.02
CA GLY A 232 15.94 -23.09 -8.83
C GLY A 232 14.78 -23.68 -9.59
N ALA A 233 14.89 -24.92 -10.04
CA ALA A 233 13.84 -25.52 -10.85
C ALA A 233 13.82 -27.02 -10.60
N LEU A 234 12.64 -27.61 -10.78
CA LEU A 234 12.52 -29.06 -10.72
C LEU A 234 13.22 -29.67 -11.92
N CYS A 235 13.91 -30.78 -11.69
CA CYS A 235 14.77 -31.34 -12.72
C CYS A 235 14.70 -32.85 -12.67
N ARG A 236 15.22 -33.47 -13.72
CA ARG A 236 15.31 -34.91 -13.82
C ARG A 236 16.66 -35.25 -14.44
N ILE A 237 17.37 -36.19 -13.82
CA ILE A 237 18.71 -36.59 -14.23
C ILE A 237 18.64 -38.03 -14.75
N GLU A 238 19.06 -38.22 -16.00
CA GLU A 238 19.00 -39.52 -16.65
C GLU A 238 20.40 -39.98 -17.03
N VAL A 239 20.55 -41.29 -17.17
CA VAL A 239 21.78 -41.93 -17.60
C VAL A 239 21.53 -42.59 -18.94
N ILE A 240 22.31 -42.20 -19.95
CA ILE A 240 22.20 -42.84 -21.26
C ILE A 240 23.40 -43.73 -21.48
N LYS A 241 23.38 -44.51 -22.56
CA LYS A 241 24.50 -45.37 -22.90
C LYS A 241 25.68 -44.55 -23.39
N SER A 266 14.61 -8.31 -33.61
CA SER A 266 14.03 -7.41 -34.59
C SER A 266 14.22 -5.96 -34.17
N GLU A 267 15.49 -5.54 -34.07
CA GLU A 267 15.79 -4.16 -33.69
C GLU A 267 15.54 -3.17 -34.81
N ASP A 268 15.59 -3.63 -36.07
CA ASP A 268 15.36 -2.73 -37.20
C ASP A 268 13.91 -2.27 -37.24
N HIS A 269 12.97 -3.16 -36.89
CA HIS A 269 11.57 -2.77 -36.82
C HIS A 269 11.32 -1.80 -35.69
N ASN A 270 12.01 -1.99 -34.56
CA ASN A 270 11.88 -1.05 -33.45
C ASN A 270 12.45 0.31 -33.82
N ASP A 271 13.54 0.34 -34.59
CA ASP A 271 14.11 1.61 -35.03
C ASP A 271 13.21 2.35 -36.01
N GLU A 272 12.66 1.62 -36.99
CA GLU A 272 11.74 2.24 -37.96
C GLU A 272 10.48 2.78 -37.29
N LEU A 273 9.90 2.00 -36.37
CA LEU A 273 8.73 2.47 -35.66
C LEU A 273 9.05 3.60 -34.71
N ARG A 274 10.27 3.66 -34.18
CA ARG A 274 10.64 4.75 -33.30
C ARG A 274 10.77 6.06 -34.07
N LYS A 275 11.34 6.00 -35.29
CA LYS A 275 11.40 7.20 -36.12
C LYS A 275 10.01 7.67 -36.54
N GLN A 276 9.12 6.74 -36.89
CA GLN A 276 7.76 7.15 -37.26
C GLN A 276 6.97 7.69 -36.08
N ALA A 277 7.20 7.15 -34.88
CA ALA A 277 6.56 7.70 -33.68
C ALA A 277 7.07 9.10 -33.36
N GLU A 278 8.36 9.36 -33.60
CA GLU A 278 8.87 10.72 -33.43
C GLU A 278 8.23 11.69 -34.41
N VAL A 279 7.99 11.23 -35.64
CA VAL A 279 7.29 12.05 -36.64
C VAL A 279 5.87 12.39 -36.19
N ILE A 280 5.15 11.40 -35.64
CA ILE A 280 3.78 11.62 -35.18
C ILE A 280 3.73 12.58 -34.00
N VAL A 281 4.65 12.43 -33.04
CA VAL A 281 4.66 13.30 -31.88
C VAL A 281 5.06 14.73 -32.27
N GLU A 282 5.91 14.88 -33.28
CA GLU A 282 6.26 16.23 -33.73
C GLU A 282 5.10 16.93 -34.44
N ALA A 283 4.30 16.16 -35.20
CA ALA A 283 3.10 16.74 -35.80
C ALA A 283 2.09 17.18 -34.73
N PHE A 284 1.89 16.35 -33.71
CA PHE A 284 0.98 16.72 -32.62
C PHE A 284 1.51 17.90 -31.81
N LYS A 285 2.83 18.03 -31.74
CA LYS A 285 3.43 19.18 -31.04
C LYS A 285 3.25 20.46 -31.84
N GLN A 286 3.34 20.37 -33.17
CA GLN A 286 3.15 21.55 -34.00
C GLN A 286 1.71 22.03 -33.98
N ASN A 287 0.75 21.11 -33.92
CA ASN A 287 -0.65 21.54 -33.86
C ASN A 287 -1.11 21.92 -32.45
N ASP A 288 -0.19 21.98 -31.47
CA ASP A 288 -0.46 22.39 -30.08
C ASP A 288 -1.46 21.46 -29.39
N LYS A 289 -1.30 20.16 -29.65
CA LYS A 289 -2.21 19.13 -29.15
C LYS A 289 -1.42 17.95 -28.58
N LEU A 290 -0.47 18.23 -27.70
CA LEU A 290 0.46 17.18 -27.26
C LEU A 290 -0.19 16.20 -26.30
N GLU A 291 -1.09 16.70 -25.45
CA GLU A 291 -1.72 15.88 -24.41
C GLU A 291 -2.64 14.81 -24.95
N LYS A 292 -2.99 14.83 -26.23
CA LYS A 292 -3.77 13.74 -26.79
C LYS A 292 -2.93 12.52 -27.12
N ILE A 293 -1.60 12.69 -27.23
CA ILE A 293 -0.68 11.61 -27.60
C ILE A 293 -0.81 10.44 -26.64
N ARG A 294 -0.95 10.74 -25.34
CA ARG A 294 -1.13 9.73 -24.31
C ARG A 294 -2.36 8.87 -24.58
N ILE A 295 -3.50 9.52 -24.87
CA ILE A 295 -4.72 8.81 -25.21
C ILE A 295 -4.49 7.94 -26.44
N LEU A 296 -3.81 8.51 -27.44
CA LEU A 296 -3.55 7.82 -28.70
C LEU A 296 -2.76 6.56 -28.49
N ALA A 297 -1.82 6.62 -27.51
CA ALA A 297 -0.96 5.48 -27.20
C ALA A 297 -1.81 4.28 -26.81
N ASP A 298 -2.71 4.47 -25.85
CA ASP A 298 -3.47 3.33 -25.39
C ASP A 298 -4.53 2.93 -26.38
N ALA A 299 -4.96 3.86 -27.24
CA ALA A 299 -5.89 3.52 -28.30
C ALA A 299 -5.29 2.49 -29.24
N ILE A 300 -4.01 2.68 -29.59
CA ILE A 300 -3.38 1.74 -30.50
C ILE A 300 -3.19 0.39 -29.83
N ARG A 301 -2.96 0.40 -28.51
CA ARG A 301 -2.82 -0.87 -27.80
C ARG A 301 -4.14 -1.61 -27.75
N THR A 302 -5.25 -0.89 -27.67
CA THR A 302 -6.55 -1.57 -27.63
C THR A 302 -6.88 -2.17 -28.97
N LEU A 303 -6.23 -1.69 -30.04
CA LEU A 303 -6.42 -2.27 -31.36
C LEU A 303 -5.88 -3.69 -31.48
N ARG A 304 -5.12 -4.18 -30.49
CA ARG A 304 -4.74 -5.58 -30.55
C ARG A 304 -5.89 -6.51 -30.18
N LEU A 305 -6.97 -5.99 -29.62
CA LEU A 305 -8.11 -6.84 -29.29
C LEU A 305 -9.04 -7.06 -30.46
N HIS A 306 -8.91 -6.26 -31.51
CA HIS A 306 -9.66 -6.41 -32.75
C HIS A 306 -8.75 -7.01 -33.81
N GLY A 307 -9.32 -7.31 -34.96
CA GLY A 307 -8.54 -7.81 -36.06
C GLY A 307 -7.77 -6.70 -36.76
N GLU A 308 -7.06 -7.11 -37.82
CA GLU A 308 -6.36 -6.14 -38.65
C GLU A 308 -7.29 -5.41 -39.59
N GLY A 309 -8.51 -5.93 -39.80
CA GLY A 309 -9.45 -5.34 -40.74
C GLY A 309 -9.90 -3.94 -40.37
N VAL A 310 -9.83 -3.58 -39.09
CA VAL A 310 -10.15 -2.24 -38.64
C VAL A 310 -9.19 -1.20 -39.18
N ILE A 311 -8.03 -1.61 -39.69
CA ILE A 311 -7.13 -0.68 -40.37
C ILE A 311 -7.18 -0.84 -41.87
N GLU A 312 -7.78 -1.90 -42.39
CA GLU A 312 -7.82 -2.15 -43.81
C GLU A 312 -9.19 -1.91 -44.43
N LYS A 313 -10.27 -2.02 -43.65
CA LYS A 313 -11.61 -1.69 -44.11
C LYS A 313 -12.08 -0.33 -43.62
N ASP A 314 -11.18 0.47 -43.05
CA ASP A 314 -11.44 1.78 -42.45
C ASP A 314 -12.62 1.80 -41.49
N GLU A 315 -12.66 0.86 -40.55
CA GLU A 315 -13.73 0.79 -39.56
C GLU A 315 -13.52 1.68 -38.35
N LEU A 316 -12.59 2.62 -38.41
CA LEU A 316 -12.42 3.56 -37.32
C LEU A 316 -13.57 4.56 -37.30
N PRO A 317 -13.88 5.14 -36.14
CA PRO A 317 -14.99 6.10 -36.05
C PRO A 317 -14.74 7.38 -36.83
N ASP A 318 -15.84 7.98 -37.29
CA ASP A 318 -15.83 9.20 -38.07
C ASP A 318 -16.53 10.31 -37.31
N GLY A 319 -16.35 11.54 -37.80
CA GLY A 319 -17.07 12.67 -37.26
C GLY A 319 -18.52 12.62 -37.69
N LYS A 320 -19.44 12.68 -36.72
CA LYS A 320 -20.86 12.48 -37.03
C LYS A 320 -21.43 13.66 -37.78
N GLU A 321 -21.03 14.87 -37.40
CA GLU A 321 -21.41 16.09 -38.12
C GLU A 321 -20.11 16.86 -38.29
N GLU A 322 -19.45 16.66 -39.42
CA GLU A 322 -18.22 17.36 -39.72
C GLU A 322 -18.31 18.03 -41.08
N ARG A 323 -17.72 19.21 -41.17
CA ARG A 323 -17.52 19.90 -42.43
C ARG A 323 -16.05 20.11 -42.73
N ASP A 324 -15.24 20.32 -41.69
CA ASP A 324 -13.79 20.41 -41.83
C ASP A 324 -13.05 19.67 -40.73
N LYS A 325 -13.67 19.39 -39.59
CA LYS A 325 -12.92 18.89 -38.44
C LYS A 325 -12.66 17.40 -38.54
N GLY A 326 -13.63 16.62 -38.99
CA GLY A 326 -13.46 15.18 -38.99
C GLY A 326 -13.59 14.64 -37.58
N HIS A 327 -12.76 13.65 -37.26
CA HIS A 327 -12.78 13.13 -35.91
C HIS A 327 -11.94 14.00 -34.99
N HIS A 328 -12.24 13.88 -33.70
CA HIS A 328 -11.53 14.62 -32.65
C HIS A 328 -10.07 14.21 -32.56
N LEU A 329 -9.74 12.97 -32.94
CA LEU A 329 -8.37 12.50 -32.87
C LEU A 329 -7.85 11.82 -34.13
N TRP A 330 -8.67 11.08 -34.87
CA TRP A 330 -8.18 10.28 -35.98
C TRP A 330 -8.05 11.07 -37.27
N ASP A 331 -8.20 12.39 -37.26
CA ASP A 331 -8.08 13.17 -38.48
C ASP A 331 -7.13 14.35 -38.29
N ILE A 332 -6.13 14.19 -37.43
CA ILE A 332 -5.07 15.18 -37.33
C ILE A 332 -4.06 14.94 -38.44
N LYS A 333 -3.64 16.01 -39.10
CA LYS A 333 -2.78 15.92 -40.28
C LYS A 333 -1.34 15.68 -39.86
N VAL A 334 -0.73 14.61 -40.38
CA VAL A 334 0.67 14.30 -40.13
C VAL A 334 1.38 14.25 -41.47
N GLN A 335 2.23 15.26 -41.74
CA GLN A 335 3.01 15.40 -42.97
C GLN A 335 2.13 15.42 -44.23
N GLY A 336 1.02 16.13 -44.17
CA GLY A 336 0.17 16.29 -45.32
C GLY A 336 -0.87 15.21 -45.53
N THR A 337 -1.00 14.26 -44.63
CA THR A 337 -2.05 13.26 -44.70
C THR A 337 -2.60 12.98 -43.32
N ALA A 338 -3.77 12.33 -43.29
CA ALA A 338 -4.46 12.06 -42.05
C ALA A 338 -3.81 10.91 -41.30
N LEU A 339 -4.28 10.69 -40.07
CA LEU A 339 -3.64 9.71 -39.21
C LEU A 339 -4.05 8.28 -39.54
N ARG A 340 -5.28 8.09 -40.05
CA ARG A 340 -5.72 6.74 -40.37
C ARG A 340 -5.02 6.21 -41.61
N THR A 341 -4.77 7.07 -42.60
CA THR A 341 -3.99 6.65 -43.77
C THR A 341 -2.54 6.41 -43.41
N LYS A 342 -2.01 7.19 -42.44
CA LYS A 342 -0.66 6.96 -41.95
C LYS A 342 -0.53 5.61 -41.25
N LEU A 343 -1.55 5.24 -40.48
CA LEU A 343 -1.55 3.94 -39.82
C LEU A 343 -1.69 2.80 -40.82
N LYS A 344 -2.47 3.01 -41.88
CA LYS A 344 -2.60 2.01 -42.94
C LYS A 344 -1.29 1.80 -43.68
N GLU A 345 -0.54 2.88 -43.91
CA GLU A 345 0.75 2.75 -44.57
C GLU A 345 1.79 2.10 -43.66
N LEU A 346 1.79 2.44 -42.37
CA LEU A 346 2.72 1.82 -41.44
C LEU A 346 2.43 0.33 -41.27
N TRP A 347 1.17 -0.07 -41.37
CA TRP A 347 0.89 -1.49 -41.31
C TRP A 347 1.24 -2.18 -42.62
N GLN A 348 1.12 -1.47 -43.74
CA GLN A 348 1.51 -2.05 -45.01
C GLN A 348 3.02 -2.18 -45.16
N SER A 349 3.80 -1.49 -44.34
CA SER A 349 5.25 -1.67 -44.38
C SER A 349 5.80 -2.59 -43.30
N ASN A 350 4.97 -3.12 -42.40
CA ASN A 350 5.45 -3.98 -41.30
C ASN A 350 4.56 -5.20 -41.11
N LYS A 351 4.24 -5.90 -42.19
CA LYS A 351 3.33 -7.03 -42.08
C LYS A 351 3.99 -8.30 -41.55
N ASP A 352 5.30 -8.34 -41.43
CA ASP A 352 5.98 -9.58 -41.08
C ASP A 352 6.00 -9.84 -39.58
N ILE A 353 5.92 -8.80 -38.75
CA ILE A 353 6.01 -8.98 -37.31
C ILE A 353 4.65 -9.20 -36.67
N GLY A 354 3.61 -9.29 -37.47
CA GLY A 354 2.29 -9.56 -36.95
C GLY A 354 1.58 -8.31 -36.46
N TRP A 355 0.31 -8.48 -36.12
CA TRP A 355 -0.54 -7.36 -35.75
C TRP A 355 -0.36 -6.96 -34.29
N ARG A 356 -0.27 -7.96 -33.41
CA ARG A 356 -0.18 -7.70 -31.98
C ARG A 356 1.12 -7.02 -31.60
N LYS A 357 2.24 -7.51 -32.13
CA LYS A 357 3.52 -6.89 -31.85
C LYS A 357 3.62 -5.50 -32.47
N PHE A 358 2.94 -5.28 -33.59
CA PHE A 358 2.91 -3.96 -34.22
C PHE A 358 2.23 -2.94 -33.34
N THR A 359 1.03 -3.28 -32.84
CA THR A 359 0.28 -2.37 -31.99
C THR A 359 1.00 -2.11 -30.67
N GLU A 360 1.58 -3.16 -30.07
CA GLU A 360 2.27 -2.98 -28.79
C GLU A 360 3.55 -2.16 -28.95
N MET A 361 4.27 -2.36 -30.06
CA MET A 361 5.51 -1.63 -30.30
C MET A 361 5.24 -0.15 -30.53
N LEU A 362 4.23 0.17 -31.34
CA LEU A 362 3.91 1.57 -31.61
C LEU A 362 3.38 2.27 -30.37
N GLY A 363 2.56 1.58 -29.56
CA GLY A 363 2.08 2.17 -28.31
C GLY A 363 3.19 2.42 -27.30
N SER A 364 4.12 1.46 -27.16
CA SER A 364 5.22 1.64 -26.21
C SER A 364 6.15 2.76 -26.63
N ASN A 365 6.44 2.88 -27.94
CA ASN A 365 7.29 3.97 -28.42
C ASN A 365 6.64 5.33 -28.20
N LEU A 366 5.33 5.44 -28.43
CA LEU A 366 4.65 6.71 -28.21
C LEU A 366 4.63 7.10 -26.74
N TYR A 367 4.43 6.12 -25.85
CA TYR A 367 4.43 6.43 -24.42
C TYR A 367 5.82 6.85 -23.93
N LEU A 368 6.87 6.22 -24.45
CA LEU A 368 8.21 6.57 -24.00
C LEU A 368 8.64 7.96 -24.50
N ILE A 369 8.26 8.31 -25.74
CA ILE A 369 8.55 9.66 -26.23
C ILE A 369 7.78 10.71 -25.44
N TYR A 370 6.53 10.42 -25.08
CA TYR A 370 5.72 11.36 -24.30
C TYR A 370 6.28 11.54 -22.90
N LYS A 371 6.76 10.47 -22.27
CA LYS A 371 7.34 10.56 -20.94
C LYS A 371 8.69 11.29 -20.97
N LYS A 372 9.43 11.15 -22.06
CA LYS A 372 10.67 11.91 -22.21
C LYS A 372 10.40 13.40 -22.37
N GLU A 373 9.41 13.76 -23.18
CA GLU A 373 9.16 15.16 -23.49
C GLU A 373 8.44 15.90 -22.37
N THR A 374 7.54 15.21 -21.65
CA THR A 374 6.81 15.88 -20.59
C THR A 374 7.70 16.17 -19.39
N GLY A 375 8.48 15.20 -18.95
CA GLY A 375 9.44 15.40 -17.90
C GLY A 375 8.81 15.63 -16.54
N GLY A 376 8.88 16.86 -16.05
CA GLY A 376 8.23 17.22 -14.81
C GLY A 376 6.72 17.27 -14.98
N VAL A 377 6.05 16.19 -14.57
CA VAL A 377 4.63 16.03 -14.77
C VAL A 377 3.83 16.46 -13.53
N SER A 378 4.52 17.08 -12.55
CA SER A 378 3.96 17.80 -11.40
C SER A 378 3.08 16.93 -10.50
N THR A 379 3.33 15.63 -10.49
CA THR A 379 2.63 14.70 -9.61
C THR A 379 3.39 14.64 -8.29
N ARG A 380 3.23 13.57 -7.52
CA ARG A 380 4.00 13.30 -6.31
C ARG A 380 5.51 13.42 -6.56
N PHE A 381 6.20 14.10 -5.63
CA PHE A 381 7.55 14.58 -5.88
C PHE A 381 8.58 13.46 -5.89
N ARG A 382 8.64 12.68 -4.79
CA ARG A 382 9.39 11.43 -4.70
C ARG A 382 10.91 11.63 -4.91
N ILE A 383 11.54 12.22 -3.91
CA ILE A 383 13.00 12.15 -3.79
C ILE A 383 13.41 10.76 -3.30
N LEU A 384 14.71 10.49 -3.38
CA LEU A 384 15.46 9.44 -2.69
C LEU A 384 15.24 8.00 -3.18
N GLY A 385 14.29 7.77 -4.09
CA GLY A 385 14.24 6.51 -4.81
C GLY A 385 13.91 5.27 -3.99
N ASP A 386 14.47 4.13 -4.42
CA ASP A 386 14.23 2.84 -3.80
C ASP A 386 15.55 2.07 -3.72
N THR A 387 15.56 0.98 -2.95
CA THR A 387 16.81 0.33 -2.54
C THR A 387 16.90 -1.11 -3.00
N GLU A 388 18.01 -1.47 -3.64
CA GLU A 388 18.40 -2.86 -3.81
C GLU A 388 19.16 -3.35 -2.59
N TYR A 389 19.06 -4.65 -2.33
CA TYR A 389 19.77 -5.23 -1.21
C TYR A 389 20.00 -6.70 -1.48
N TYR A 390 21.26 -7.09 -1.59
CA TYR A 390 21.67 -8.48 -1.62
C TYR A 390 22.29 -8.84 -0.27
N SER A 391 22.31 -10.13 0.05
CA SER A 391 22.70 -10.56 1.37
C SER A 391 24.21 -10.52 1.55
N LYS A 392 24.65 -9.87 2.63
CA LYS A 392 26.07 -9.61 2.83
C LYS A 392 26.82 -10.88 3.27
N ALA A 393 28.09 -10.95 2.90
CA ALA A 393 28.93 -12.10 3.20
C ALA A 393 29.31 -12.13 4.69
N HIS A 394 30.03 -13.20 5.05
CA HIS A 394 30.38 -13.51 6.43
C HIS A 394 31.85 -13.32 6.73
N ASP A 395 32.47 -12.28 6.13
CA ASP A 395 33.92 -12.13 6.12
C ASP A 395 34.49 -11.90 7.51
N SER A 396 33.79 -11.13 8.34
CA SER A 396 34.26 -10.89 9.70
C SER A 396 33.87 -12.03 10.63
N GLU A 397 34.83 -12.46 11.43
CA GLU A 397 34.76 -13.28 12.65
C GLU A 397 34.25 -14.70 12.47
N GLY A 398 33.72 -15.05 11.29
CA GLY A 398 33.40 -16.43 10.94
C GLY A 398 32.36 -17.18 11.76
N SER A 399 32.04 -18.39 11.31
CA SER A 399 31.26 -19.35 12.12
C SER A 399 31.55 -20.75 11.59
N ASP A 400 32.40 -21.49 12.31
CA ASP A 400 32.69 -22.88 11.97
C ASP A 400 31.78 -23.84 12.73
N LEU A 401 30.48 -23.67 12.54
CA LEU A 401 29.49 -24.43 13.31
C LEU A 401 29.12 -25.71 12.56
N PHE A 402 29.12 -26.84 13.28
CA PHE A 402 28.70 -28.12 12.74
C PHE A 402 27.58 -28.69 13.61
N ILE A 403 26.41 -28.86 13.01
CA ILE A 403 25.20 -29.26 13.72
C ILE A 403 24.73 -30.60 13.18
N PRO A 404 24.93 -31.69 13.93
CA PRO A 404 24.36 -32.98 13.54
C PRO A 404 22.91 -33.11 14.02
N VAL A 405 22.09 -33.75 13.19
CA VAL A 405 20.69 -34.02 13.50
C VAL A 405 20.45 -35.50 13.36
N THR A 406 20.00 -36.14 14.44
CA THR A 406 19.76 -37.58 14.44
C THR A 406 18.27 -37.85 14.59
N PRO A 407 17.61 -38.41 13.60
CA PRO A 407 16.23 -38.85 13.78
C PRO A 407 16.20 -40.12 14.60
N PRO A 408 15.10 -40.37 15.31
CA PRO A 408 14.99 -41.62 16.06
C PRO A 408 14.82 -42.82 15.14
N GLU A 409 14.94 -44.00 15.71
CA GLU A 409 15.20 -45.20 14.91
C GLU A 409 13.94 -45.67 14.18
N GLY A 410 12.81 -45.73 14.86
CA GLY A 410 11.62 -46.29 14.24
C GLY A 410 10.72 -45.27 13.58
N ILE A 411 11.29 -44.18 13.08
CA ILE A 411 10.50 -43.12 12.52
C ILE A 411 10.00 -43.49 11.13
N GLU A 412 8.95 -42.82 10.69
CA GLU A 412 8.35 -43.06 9.38
C GLU A 412 8.39 -41.78 8.59
N THR A 413 8.96 -41.83 7.38
CA THR A 413 9.10 -40.68 6.52
C THR A 413 8.23 -40.88 5.29
N LYS A 414 7.47 -39.84 4.93
CA LYS A 414 6.51 -39.93 3.85
C LYS A 414 6.59 -38.67 3.01
N GLU A 415 6.04 -38.75 1.80
CA GLU A 415 5.97 -37.59 0.91
C GLU A 415 4.56 -37.45 0.35
N TRP A 416 3.97 -36.29 0.57
CA TRP A 416 2.61 -35.99 0.15
C TRP A 416 2.61 -35.08 -1.06
N ILE A 417 1.70 -35.33 -1.99
CA ILE A 417 1.54 -34.50 -3.18
C ILE A 417 0.08 -34.10 -3.31
N ILE A 418 -0.15 -32.78 -3.43
CA ILE A 418 -1.47 -32.19 -3.57
C ILE A 418 -1.58 -31.62 -4.96
N VAL A 419 -2.61 -32.03 -5.71
CA VAL A 419 -2.81 -31.57 -7.09
C VAL A 419 -4.20 -30.98 -7.23
N GLY A 420 -4.30 -29.92 -8.01
CA GLY A 420 -5.58 -29.29 -8.23
C GLY A 420 -5.47 -28.17 -9.25
N ARG A 421 -6.52 -27.35 -9.31
CA ARG A 421 -6.57 -26.22 -10.21
C ARG A 421 -6.88 -24.95 -9.42
N LEU A 422 -6.39 -23.83 -9.93
CA LEU A 422 -6.61 -22.51 -9.35
C LEU A 422 -7.48 -21.70 -10.30
N LYS A 423 -8.57 -21.15 -9.78
CA LYS A 423 -9.56 -20.44 -10.58
C LYS A 423 -9.69 -19.01 -10.10
N ALA A 424 -9.60 -18.06 -11.02
CA ALA A 424 -9.71 -16.66 -10.67
C ALA A 424 -11.17 -16.29 -10.43
N ALA A 425 -11.43 -15.65 -9.29
CA ALA A 425 -12.76 -15.18 -8.95
C ALA A 425 -12.94 -13.69 -9.23
N THR A 426 -11.87 -12.97 -9.53
CA THR A 426 -11.90 -11.55 -9.83
C THR A 426 -10.84 -11.38 -10.93
N PRO A 427 -10.69 -10.20 -11.55
CA PRO A 427 -9.49 -9.98 -12.37
C PRO A 427 -8.21 -10.04 -11.55
N PHE A 428 -7.10 -10.35 -12.20
CA PHE A 428 -5.85 -10.53 -11.49
C PHE A 428 -4.74 -9.70 -12.11
N TYR A 429 -3.65 -9.56 -11.37
CA TYR A 429 -2.54 -8.71 -11.76
C TYR A 429 -1.26 -9.20 -11.10
N PHE A 430 -0.24 -9.48 -11.90
CA PHE A 430 1.10 -9.82 -11.44
C PHE A 430 2.08 -8.87 -12.13
N GLY A 431 2.71 -8.01 -11.34
CA GLY A 431 3.44 -6.89 -11.91
C GLY A 431 4.76 -7.29 -12.54
N VAL A 432 5.23 -6.40 -13.41
CA VAL A 432 6.47 -6.62 -14.15
C VAL A 432 7.08 -5.26 -14.44
N GLN A 433 8.39 -5.24 -14.60
CA GLN A 433 9.08 -4.03 -15.02
C GLN A 433 8.80 -3.76 -16.48
N GLN A 434 9.08 -2.55 -16.91
CA GLN A 434 8.84 -2.17 -18.29
C GLN A 434 9.83 -2.87 -19.20
N PRO A 435 9.38 -3.37 -20.34
CA PRO A 435 10.34 -3.81 -21.35
C PRO A 435 11.08 -2.60 -21.89
N SER A 436 12.33 -2.83 -22.28
CA SER A 436 13.40 -1.86 -22.54
C SER A 436 13.87 -1.16 -21.27
N ASP A 437 13.43 -1.61 -20.10
CA ASP A 437 14.02 -1.24 -18.83
C ASP A 437 14.62 -2.44 -18.14
N SER A 438 14.31 -3.64 -18.62
CA SER A 438 14.87 -4.89 -18.12
C SER A 438 15.34 -5.70 -19.32
N ILE A 439 16.52 -5.37 -19.82
CA ILE A 439 17.21 -6.16 -20.84
C ILE A 439 18.38 -6.84 -20.13
N PRO A 440 18.56 -8.15 -20.30
CA PRO A 440 19.57 -8.85 -19.50
C PRO A 440 21.00 -8.43 -19.76
N GLY A 441 21.33 -7.95 -20.94
CA GLY A 441 22.66 -7.41 -21.14
C GLY A 441 22.90 -6.11 -20.40
N LYS A 442 22.14 -5.08 -20.75
CA LYS A 442 22.38 -3.72 -20.31
C LYS A 442 21.19 -3.22 -19.49
N GLU A 443 21.30 -3.31 -18.17
CA GLU A 443 20.20 -2.86 -17.33
C GLU A 443 20.22 -1.34 -17.17
N LYS A 444 19.05 -0.79 -16.87
CA LYS A 444 18.92 0.64 -16.61
C LYS A 444 18.58 0.82 -15.14
N SER A 449 20.77 9.72 -13.79
CA SER A 449 19.41 9.66 -13.19
C SER A 449 19.39 10.29 -11.78
N LEU A 450 19.78 11.57 -11.67
CA LEU A 450 19.74 12.30 -10.39
C LEU A 450 18.29 12.55 -9.98
N VAL A 451 17.43 12.94 -10.91
CA VAL A 451 16.00 13.17 -10.59
C VAL A 451 15.23 11.86 -10.79
N ILE A 452 14.08 11.69 -10.14
CA ILE A 452 13.29 10.47 -10.19
C ILE A 452 12.06 10.74 -11.05
N ASN A 453 11.84 9.89 -12.04
CA ASN A 453 10.69 10.00 -12.95
C ASN A 453 9.98 8.65 -13.00
N GLU A 454 8.95 8.48 -12.18
CA GLU A 454 8.26 7.21 -12.11
C GLU A 454 7.25 7.08 -13.25
N HIS A 455 7.00 5.83 -13.63
CA HIS A 455 6.12 5.52 -14.73
C HIS A 455 4.66 5.63 -14.32
N THR A 456 3.79 5.69 -15.31
CA THR A 456 2.35 5.67 -15.09
C THR A 456 1.64 4.54 -15.82
N SER A 457 2.32 3.79 -16.67
CA SER A 457 1.73 2.63 -17.33
C SER A 457 2.41 1.36 -16.85
N PHE A 458 1.61 0.38 -16.45
CA PHE A 458 2.12 -0.86 -15.88
C PHE A 458 1.60 -2.04 -16.69
N ASN A 459 2.41 -3.09 -16.78
CA ASN A 459 2.10 -4.28 -17.57
C ASN A 459 1.92 -5.48 -16.66
N ILE A 460 1.58 -6.62 -17.28
CA ILE A 460 1.31 -7.86 -16.59
C ILE A 460 2.36 -8.88 -17.02
N LEU A 461 2.61 -9.86 -16.17
CA LEU A 461 3.64 -10.86 -16.42
C LEU A 461 3.10 -11.94 -17.35
N LEU A 462 3.77 -12.11 -18.50
CA LEU A 462 3.39 -13.11 -19.48
C LEU A 462 4.57 -14.00 -19.79
N ASP A 463 4.28 -15.13 -20.43
CA ASP A 463 5.29 -16.07 -20.87
C ASP A 463 5.81 -15.66 -22.25
N LYS A 464 6.54 -16.56 -22.93
CA LYS A 464 7.08 -16.26 -24.24
C LYS A 464 6.04 -16.48 -25.34
N GLU A 465 5.14 -17.44 -25.16
CA GLU A 465 4.03 -17.66 -26.08
C GLU A 465 2.80 -16.87 -25.70
N ASN A 466 2.98 -15.78 -24.95
CA ASN A 466 1.93 -14.85 -24.51
C ASN A 466 0.86 -15.54 -23.67
N ARG A 467 1.29 -16.43 -22.79
CA ARG A 467 0.38 -17.09 -21.87
C ARG A 467 0.57 -16.52 -20.47
N TYR A 468 -0.49 -16.54 -19.69
CA TYR A 468 -0.46 -15.97 -18.35
C TYR A 468 0.30 -16.88 -17.41
N ARG A 469 0.88 -16.28 -16.38
CA ARG A 469 1.82 -17.00 -15.53
C ARG A 469 1.65 -16.58 -14.09
N ILE A 470 1.40 -17.55 -13.21
CA ILE A 470 1.51 -17.37 -11.77
C ILE A 470 2.92 -17.80 -11.37
N PRO A 471 3.80 -16.89 -10.99
CA PRO A 471 5.17 -17.29 -10.67
C PRO A 471 5.25 -18.02 -9.34
N ARG A 472 6.38 -18.69 -9.14
CA ARG A 472 6.57 -19.49 -7.94
C ARG A 472 6.77 -18.59 -6.72
N SER A 473 7.39 -17.43 -6.91
CA SER A 473 7.68 -16.54 -5.81
C SER A 473 6.41 -15.97 -5.18
N ALA A 474 5.40 -15.68 -6.01
CA ALA A 474 4.15 -15.13 -5.49
C ALA A 474 3.39 -16.16 -4.69
N LEU A 475 3.34 -17.40 -5.19
CA LEU A 475 2.68 -18.48 -4.47
C LEU A 475 3.40 -18.80 -3.16
N ARG A 476 4.72 -18.77 -3.18
CA ARG A 476 5.47 -19.10 -1.98
C ARG A 476 5.37 -18.01 -0.92
N GLY A 477 5.33 -16.75 -1.36
CA GLY A 477 5.12 -15.66 -0.41
C GLY A 477 3.73 -15.65 0.19
N ALA A 478 2.72 -15.99 -0.61
CA ALA A 478 1.36 -16.06 -0.07
C ALA A 478 1.20 -17.21 0.90
N LEU A 479 1.85 -18.34 0.61
CA LEU A 479 1.83 -19.46 1.53
C LEU A 479 2.55 -19.13 2.83
N ARG A 480 3.65 -18.37 2.76
CA ARG A 480 4.35 -17.96 3.97
C ARG A 480 3.51 -17.01 4.81
N ARG A 481 2.81 -16.08 4.16
CA ARG A 481 1.95 -15.14 4.86
C ARG A 481 0.80 -15.85 5.56
N ASP A 482 0.13 -16.77 4.87
CA ASP A 482 -1.00 -17.47 5.47
C ASP A 482 -0.55 -18.45 6.55
N LEU A 483 0.64 -19.05 6.41
CA LEU A 483 1.14 -19.92 7.47
C LEU A 483 1.54 -19.13 8.69
N ARG A 484 2.06 -17.91 8.51
CA ARG A 484 2.37 -17.08 9.68
C ARG A 484 1.10 -16.62 10.38
N THR A 485 0.03 -16.38 9.63
CA THR A 485 -1.25 -16.06 10.26
C THR A 485 -1.82 -17.28 10.98
N ALA A 486 -1.67 -18.47 10.41
CA ALA A 486 -2.25 -19.66 11.02
C ALA A 486 -1.47 -20.11 12.26
N PHE A 487 -0.15 -19.94 12.26
CA PHE A 487 0.61 -20.31 13.44
C PHE A 487 0.45 -19.30 14.56
N GLY A 488 0.18 -18.05 14.23
CA GLY A 488 0.07 -17.00 15.20
C GLY A 488 1.33 -16.21 15.45
N SER A 489 2.49 -16.75 15.05
CA SER A 489 3.76 -16.14 15.39
C SER A 489 4.80 -16.58 14.36
N GLY A 490 5.62 -15.65 13.93
CA GLY A 490 6.68 -15.96 13.00
C GLY A 490 7.70 -14.84 12.99
N CYS A 491 8.84 -15.11 12.38
CA CYS A 491 9.89 -14.13 12.32
C CYS A 491 9.81 -13.34 11.02
N ASN A 492 10.45 -12.18 11.02
CA ASN A 492 10.76 -11.50 9.79
C ASN A 492 12.02 -12.11 9.19
N VAL A 493 12.05 -12.26 7.87
CA VAL A 493 13.09 -13.04 7.23
C VAL A 493 14.39 -12.24 7.22
N SER A 494 15.44 -12.83 7.75
CA SER A 494 16.77 -12.23 7.76
C SER A 494 17.59 -12.83 6.64
N LEU A 495 18.47 -12.02 6.06
CA LEU A 495 19.21 -12.43 4.87
C LEU A 495 20.65 -12.85 5.17
N GLY A 496 21.43 -12.00 5.82
CA GLY A 496 22.78 -12.44 6.10
C GLY A 496 22.79 -13.24 7.39
N GLY A 497 22.76 -14.56 7.28
CA GLY A 497 22.59 -15.41 8.45
C GLY A 497 23.58 -16.54 8.50
N GLN A 498 24.15 -16.75 9.69
CA GLN A 498 25.06 -17.85 9.92
C GLN A 498 24.39 -19.04 10.57
N ILE A 499 23.30 -18.82 11.29
CA ILE A 499 22.53 -19.87 11.94
C ILE A 499 21.12 -19.81 11.37
N LEU A 500 20.59 -20.96 10.97
CA LEU A 500 19.26 -21.00 10.41
C LEU A 500 18.20 -20.69 11.46
N CYS A 501 17.11 -20.06 11.03
CA CYS A 501 16.02 -19.78 11.94
C CYS A 501 15.26 -21.06 12.27
N ASN A 502 14.94 -21.23 13.55
CA ASN A 502 14.20 -22.38 14.02
C ASN A 502 12.78 -22.04 14.44
N CYS A 503 12.21 -20.97 13.89
CA CYS A 503 10.79 -20.73 14.09
C CYS A 503 9.99 -21.76 13.31
N LYS A 504 8.72 -21.92 13.69
CA LYS A 504 7.92 -23.01 13.15
C LYS A 504 7.59 -22.80 11.69
N VAL A 505 7.45 -21.54 11.26
CA VAL A 505 7.14 -21.24 9.88
C VAL A 505 8.30 -21.64 8.97
N CYS A 506 9.54 -21.36 9.39
CA CYS A 506 10.69 -21.71 8.57
C CYS A 506 10.94 -23.21 8.53
N ILE A 507 10.67 -23.90 9.64
CA ILE A 507 10.81 -25.36 9.67
C ILE A 507 9.82 -26.02 8.73
N GLU A 508 8.57 -25.56 8.75
CA GLU A 508 7.59 -26.14 7.83
C GLU A 508 7.78 -25.66 6.40
N MET A 509 8.39 -24.49 6.19
CA MET A 509 8.61 -24.01 4.82
C MET A 509 9.88 -24.57 4.20
N ARG A 510 10.76 -25.19 4.96
CA ARG A 510 11.90 -25.85 4.36
C ARG A 510 11.57 -27.23 3.82
N ARG A 511 10.31 -27.65 3.90
CA ARG A 511 9.88 -28.94 3.40
C ARG A 511 8.83 -28.85 2.29
N ILE A 512 8.40 -27.65 1.93
CA ILE A 512 7.36 -27.45 0.92
C ILE A 512 8.02 -27.11 -0.42
N THR A 513 7.63 -27.82 -1.47
CA THR A 513 8.06 -27.53 -2.83
C THR A 513 6.84 -27.26 -3.70
N LEU A 514 6.89 -26.18 -4.47
CA LEU A 514 5.83 -25.77 -5.37
C LEU A 514 6.31 -25.89 -6.82
N LYS A 515 5.48 -25.40 -7.74
CA LYS A 515 5.80 -25.47 -9.17
C LYS A 515 5.05 -24.35 -9.89
N ASP A 516 5.72 -23.68 -10.81
CA ASP A 516 5.11 -22.55 -11.49
C ASP A 516 4.05 -23.00 -12.48
N SER A 517 3.04 -22.15 -12.65
CA SER A 517 1.86 -22.49 -13.42
C SER A 517 1.77 -21.62 -14.65
N VAL A 518 1.24 -22.20 -15.73
CA VAL A 518 0.97 -21.47 -16.96
C VAL A 518 -0.38 -21.93 -17.47
N SER A 519 -1.11 -21.04 -18.12
CA SER A 519 -2.46 -21.33 -18.59
C SER A 519 -2.40 -21.85 -20.02
N ASP A 520 -3.56 -22.10 -20.60
CA ASP A 520 -3.70 -22.50 -22.00
C ASP A 520 -4.46 -21.43 -22.75
N PHE A 521 -4.11 -20.17 -22.50
CA PHE A 521 -4.83 -19.02 -22.99
C PHE A 521 -3.84 -17.96 -23.42
N SER A 522 -4.08 -17.34 -24.57
CA SER A 522 -3.11 -16.41 -25.14
C SER A 522 -3.73 -15.11 -25.67
N GLU A 523 -4.95 -14.79 -25.27
CA GLU A 523 -5.61 -13.60 -25.74
C GLU A 523 -5.12 -12.37 -24.98
N PRO A 524 -5.18 -11.17 -25.56
CA PRO A 524 -4.55 -10.02 -24.95
C PRO A 524 -5.29 -9.56 -23.70
N PRO A 525 -4.62 -8.83 -22.81
CA PRO A 525 -5.26 -8.35 -21.59
C PRO A 525 -6.06 -7.07 -21.84
N GLU A 526 -6.75 -6.63 -20.79
CA GLU A 526 -7.53 -5.40 -20.81
C GLU A 526 -6.76 -4.30 -20.09
N ILE A 527 -7.04 -3.06 -20.45
CA ILE A 527 -6.42 -1.90 -19.83
C ILE A 527 -7.45 -1.18 -18.97
N ARG A 528 -7.16 -1.03 -17.70
CA ARG A 528 -8.05 -0.40 -16.74
C ARG A 528 -7.44 0.91 -16.27
N TYR A 529 -8.28 1.93 -16.17
CA TYR A 529 -7.87 3.33 -16.07
C TYR A 529 -8.29 3.93 -14.74
N ARG A 530 -7.48 4.85 -14.23
CA ARG A 530 -7.76 5.51 -12.96
C ARG A 530 -7.29 6.96 -13.00
N ILE A 531 -8.06 7.83 -12.34
CA ILE A 531 -7.80 9.25 -12.22
C ILE A 531 -7.80 9.64 -10.75
N ALA A 532 -7.59 10.93 -10.50
CA ALA A 532 -7.66 11.52 -9.18
C ALA A 532 -8.68 12.64 -9.19
N LYS A 533 -9.19 13.00 -8.02
CA LYS A 533 -10.18 14.06 -7.90
C LYS A 533 -9.70 15.09 -6.89
N ASN A 534 -9.61 16.34 -7.33
CA ASN A 534 -9.25 17.46 -6.47
C ASN A 534 -10.39 17.71 -5.49
N PRO A 535 -10.18 17.60 -4.19
CA PRO A 535 -11.31 17.62 -3.25
C PRO A 535 -11.94 18.99 -3.04
N GLY A 536 -11.29 20.07 -3.46
CA GLY A 536 -11.87 21.39 -3.34
C GLY A 536 -12.79 21.76 -4.48
N THR A 537 -12.40 21.46 -5.71
CA THR A 537 -13.17 21.80 -6.89
C THR A 537 -14.02 20.65 -7.41
N ALA A 538 -13.81 19.44 -6.88
CA ALA A 538 -14.49 18.20 -7.29
C ALA A 538 -14.34 17.91 -8.78
N THR A 539 -13.21 18.29 -9.36
CA THR A 539 -12.87 17.96 -10.74
C THR A 539 -11.65 17.07 -10.75
N VAL A 540 -11.20 16.74 -11.96
CA VAL A 540 -10.06 15.85 -12.15
C VAL A 540 -8.78 16.69 -12.10
N GLU A 541 -7.71 16.12 -11.54
CA GLU A 541 -6.42 16.78 -11.54
C GLU A 541 -5.69 16.44 -12.83
N ASP A 542 -4.99 17.43 -13.37
CA ASP A 542 -4.25 17.22 -14.60
C ASP A 542 -2.99 16.41 -14.35
N GLY A 543 -2.71 15.49 -15.25
CA GLY A 543 -1.56 14.63 -15.09
C GLY A 543 -1.69 13.57 -14.03
N SER A 544 -2.91 13.23 -13.62
CA SER A 544 -3.14 12.22 -12.60
C SER A 544 -3.61 10.90 -13.18
N LEU A 545 -3.60 10.75 -14.49
CA LEU A 545 -4.13 9.55 -15.12
C LEU A 545 -3.09 8.44 -15.10
N PHE A 546 -3.53 7.23 -14.78
CA PHE A 546 -2.65 6.08 -14.91
C PHE A 546 -3.48 4.84 -15.24
N ASP A 547 -2.79 3.77 -15.65
CA ASP A 547 -3.46 2.61 -16.18
C ASP A 547 -2.68 1.34 -15.90
N ILE A 548 -3.41 0.23 -15.76
CA ILE A 548 -2.83 -1.08 -15.52
C ILE A 548 -3.41 -2.05 -16.54
N GLU A 549 -2.76 -3.20 -16.69
CA GLU A 549 -3.25 -4.28 -17.54
C GLU A 549 -3.68 -5.44 -16.66
N VAL A 550 -4.93 -5.88 -16.84
CA VAL A 550 -5.51 -6.94 -16.03
C VAL A 550 -5.95 -8.08 -16.93
N GLY A 551 -6.00 -9.27 -16.35
CA GLY A 551 -6.42 -10.46 -17.05
C GLY A 551 -7.82 -10.88 -16.64
N PRO A 552 -8.38 -11.85 -17.35
CA PRO A 552 -9.80 -12.17 -17.19
C PRO A 552 -10.08 -13.04 -15.97
N GLU A 553 -11.32 -13.00 -15.54
CA GLU A 553 -11.78 -13.85 -14.46
C GLU A 553 -12.39 -15.13 -15.02
N GLY A 554 -12.28 -16.20 -14.24
CA GLY A 554 -12.70 -17.51 -14.68
C GLY A 554 -11.60 -18.39 -15.22
N LEU A 555 -10.38 -17.88 -15.33
CA LEU A 555 -9.27 -18.66 -15.86
C LEU A 555 -8.84 -19.73 -14.88
N THR A 556 -8.21 -20.77 -15.41
CA THR A 556 -7.73 -21.88 -14.58
C THR A 556 -6.25 -22.13 -14.84
N PHE A 557 -5.52 -22.40 -13.75
CA PHE A 557 -4.10 -22.68 -13.71
C PHE A 557 -3.89 -24.00 -12.99
N PRO A 558 -2.85 -24.76 -13.32
CA PRO A 558 -2.55 -25.96 -12.52
C PRO A 558 -1.89 -25.61 -11.20
N PHE A 559 -1.96 -26.56 -10.26
CA PHE A 559 -1.43 -26.35 -8.91
C PHE A 559 -0.89 -27.66 -8.36
N VAL A 560 0.41 -27.68 -8.04
CA VAL A 560 1.08 -28.82 -7.41
C VAL A 560 1.76 -28.32 -6.12
N LEU A 561 1.67 -29.13 -5.06
CA LEU A 561 2.40 -28.89 -3.82
C LEU A 561 2.96 -30.22 -3.31
N ARG A 562 4.17 -30.20 -2.77
CA ARG A 562 4.79 -31.39 -2.20
C ARG A 562 5.32 -31.10 -0.81
N TYR A 563 5.14 -32.06 0.09
CA TYR A 563 5.61 -31.96 1.47
C TYR A 563 6.26 -33.27 1.87
N ARG A 564 7.52 -33.21 2.29
CA ARG A 564 8.27 -34.40 2.68
C ARG A 564 8.57 -34.36 4.17
N GLY A 565 7.96 -35.23 4.94
CA GLY A 565 8.15 -35.16 6.37
C GLY A 565 7.64 -36.37 7.11
N HIS A 566 7.44 -36.19 8.42
CA HIS A 566 7.05 -37.27 9.31
C HIS A 566 5.56 -37.30 9.61
N LYS A 567 4.91 -36.15 9.71
CA LYS A 567 3.47 -36.11 9.78
C LYS A 567 2.97 -34.83 9.14
N PHE A 568 1.80 -34.92 8.52
CA PHE A 568 1.22 -33.78 7.83
C PHE A 568 0.66 -32.81 8.86
N PRO A 569 1.01 -31.53 8.80
CA PRO A 569 0.62 -30.61 9.86
C PRO A 569 -0.86 -30.24 9.81
N GLU A 570 -1.33 -29.65 10.90
CA GLU A 570 -2.68 -29.11 10.93
C GLU A 570 -2.75 -27.73 10.32
N GLN A 571 -1.65 -26.98 10.35
CA GLN A 571 -1.68 -25.60 9.87
C GLN A 571 -1.69 -25.56 8.34
N LEU A 572 -0.98 -26.49 7.70
CA LEU A 572 -1.03 -26.57 6.24
C LEU A 572 -2.38 -27.05 5.76
N SER A 573 -3.03 -27.95 6.51
CA SER A 573 -4.38 -28.35 6.21
C SER A 573 -5.36 -27.20 6.39
N SER A 574 -5.11 -26.34 7.37
CA SER A 574 -5.95 -25.16 7.56
C SER A 574 -5.80 -24.17 6.43
N VAL A 575 -4.58 -23.96 5.93
CA VAL A 575 -4.37 -23.04 4.82
C VAL A 575 -4.98 -23.60 3.54
N ILE A 576 -4.90 -24.92 3.34
CA ILE A 576 -5.47 -25.53 2.14
C ILE A 576 -7.00 -25.46 2.17
N ARG A 577 -7.60 -25.74 3.34
CA ARG A 577 -9.05 -25.62 3.47
C ARG A 577 -9.53 -24.17 3.44
N TYR A 578 -8.66 -23.22 3.77
CA TYR A 578 -8.99 -21.81 3.65
C TYR A 578 -8.96 -21.36 2.20
N TRP A 579 -8.03 -21.90 1.41
CA TRP A 579 -7.92 -21.52 0.01
C TRP A 579 -8.98 -22.21 -0.85
N GLU A 580 -9.49 -23.33 -0.38
CA GLU A 580 -10.42 -24.15 -1.16
C GLU A 580 -11.83 -23.61 -1.05
N GLU A 581 -12.57 -23.64 -2.17
CA GLU A 581 -13.96 -23.23 -2.17
C GLU A 581 -14.87 -24.44 -2.27
N ASN A 582 -16.01 -24.34 -1.58
CA ASN A 582 -17.04 -25.36 -1.62
C ASN A 582 -18.40 -24.69 -1.78
N ASP A 583 -19.47 -25.44 -1.59
CA ASP A 583 -20.80 -24.83 -1.53
C ASP A 583 -20.92 -23.95 -0.28
N GLY A 584 -21.30 -22.70 -0.49
CA GLY A 584 -21.35 -21.74 0.60
C GLY A 584 -20.07 -20.95 0.77
N LYS A 585 -19.00 -21.61 1.19
CA LYS A 585 -17.74 -20.91 1.47
C LYS A 585 -16.99 -20.66 0.17
N ASN A 586 -16.49 -19.45 0.01
CA ASN A 586 -15.73 -19.06 -1.16
C ASN A 586 -14.24 -18.96 -0.83
N GLY A 587 -13.43 -18.95 -1.88
CA GLY A 587 -12.00 -19.03 -1.71
C GLY A 587 -11.39 -17.71 -1.29
N MET A 588 -10.27 -17.81 -0.59
CA MET A 588 -9.62 -16.65 0.03
C MET A 588 -8.12 -16.63 -0.24
N ALA A 589 -7.70 -17.02 -1.43
CA ALA A 589 -6.29 -17.01 -1.79
C ALA A 589 -5.97 -15.67 -2.45
N TRP A 590 -5.46 -14.74 -1.67
CA TRP A 590 -5.12 -13.41 -2.19
C TRP A 590 -3.70 -13.44 -2.71
N LEU A 591 -3.54 -13.84 -3.96
CA LEU A 591 -2.25 -13.72 -4.62
C LEU A 591 -2.19 -12.38 -5.33
N GLY A 592 -1.08 -12.09 -5.97
CA GLY A 592 -1.03 -10.94 -6.84
C GLY A 592 -0.68 -9.66 -6.12
N GLY A 593 -1.00 -8.56 -6.78
CA GLY A 593 -0.50 -7.27 -6.34
C GLY A 593 -1.34 -6.02 -6.49
N LEU A 594 -2.66 -6.09 -6.42
CA LEU A 594 -3.48 -4.87 -6.27
C LEU A 594 -4.70 -5.15 -5.40
N ASP A 595 -4.49 -5.77 -4.24
CA ASP A 595 -5.57 -6.39 -3.48
C ASP A 595 -6.55 -5.39 -2.87
N SER A 596 -6.17 -4.13 -2.71
CA SER A 596 -7.06 -3.15 -2.10
C SER A 596 -8.21 -2.78 -3.02
N THR A 597 -8.01 -2.90 -4.33
CA THR A 597 -9.10 -2.79 -5.29
C THR A 597 -9.64 -4.14 -5.69
N GLY A 598 -9.35 -5.18 -4.92
CA GLY A 598 -9.92 -6.50 -5.10
C GLY A 598 -9.46 -7.22 -6.33
N LYS A 599 -8.16 -7.41 -6.48
CA LYS A 599 -7.62 -8.07 -7.66
C LYS A 599 -6.69 -9.18 -7.22
N GLY A 600 -7.06 -10.41 -7.55
CA GLY A 600 -6.21 -11.54 -7.26
C GLY A 600 -6.75 -12.44 -6.18
N ARG A 601 -8.05 -12.61 -6.13
CA ARG A 601 -8.68 -13.56 -5.24
C ARG A 601 -8.93 -14.83 -6.02
N PHE A 602 -8.19 -15.87 -5.71
CA PHE A 602 -8.29 -17.15 -6.40
C PHE A 602 -8.99 -18.16 -5.49
N ALA A 603 -9.43 -19.25 -6.11
CA ALA A 603 -9.99 -20.36 -5.39
C ALA A 603 -9.33 -21.65 -5.87
N LEU A 604 -9.40 -22.67 -5.04
CA LEU A 604 -8.75 -23.95 -5.28
C LEU A 604 -9.82 -24.99 -5.54
N LYS A 605 -9.77 -25.62 -6.71
CA LYS A 605 -10.76 -26.60 -7.12
C LYS A 605 -10.10 -27.93 -7.41
N ASP A 606 -10.85 -29.01 -7.16
CA ASP A 606 -10.51 -30.39 -7.50
C ASP A 606 -9.22 -30.86 -6.85
N ILE A 607 -9.18 -30.82 -5.52
CA ILE A 607 -7.98 -31.20 -4.81
C ILE A 607 -7.92 -32.71 -4.69
N LYS A 608 -6.73 -33.27 -4.87
CA LYS A 608 -6.46 -34.66 -4.61
C LYS A 608 -5.12 -34.76 -3.88
N ILE A 609 -5.08 -35.56 -2.82
CA ILE A 609 -3.89 -35.74 -2.01
C ILE A 609 -3.45 -37.19 -2.10
N PHE A 610 -2.19 -37.41 -2.50
CA PHE A 610 -1.61 -38.73 -2.61
C PHE A 610 -0.37 -38.84 -1.73
N GLU A 611 0.02 -40.07 -1.42
CA GLU A 611 1.02 -40.35 -0.39
C GLU A 611 2.00 -41.42 -0.86
N TRP A 612 3.29 -41.12 -0.68
CA TRP A 612 4.41 -42.04 -0.89
C TRP A 612 4.95 -42.48 0.47
N ASP A 613 5.15 -43.78 0.63
CA ASP A 613 5.82 -44.35 1.79
C ASP A 613 7.27 -44.61 1.39
N LEU A 614 8.19 -43.85 1.96
CA LEU A 614 9.58 -43.87 1.52
C LEU A 614 10.45 -44.87 2.26
N ASN A 615 9.94 -45.51 3.31
CA ASN A 615 10.71 -46.52 3.99
C ASN A 615 10.59 -47.90 3.37
N GLN A 616 9.52 -48.18 2.65
CA GLN A 616 9.31 -49.47 2.00
C GLN A 616 9.30 -49.39 0.48
N LYS A 617 8.93 -48.26 -0.08
CA LYS A 617 8.78 -48.09 -1.51
C LYS A 617 9.76 -47.06 -2.06
N ILE A 618 11.02 -47.15 -1.65
CA ILE A 618 11.99 -46.17 -2.11
C ILE A 618 12.42 -46.45 -3.54
N ASN A 619 12.40 -47.73 -3.94
CA ASN A 619 12.84 -48.09 -5.29
C ASN A 619 11.82 -47.67 -6.34
N GLU A 620 10.53 -47.72 -6.03
CA GLU A 620 9.53 -47.25 -6.96
C GLU A 620 9.55 -45.74 -7.11
N TYR A 621 9.88 -45.03 -6.03
CA TYR A 621 10.08 -43.58 -6.11
C TYR A 621 11.26 -43.24 -7.01
N ILE A 622 12.36 -43.99 -6.88
CA ILE A 622 13.52 -43.76 -7.75
C ILE A 622 13.18 -44.08 -9.20
N LYS A 623 12.39 -45.13 -9.43
CA LYS A 623 12.05 -45.54 -10.79
C LYS A 623 11.10 -44.56 -11.46
N GLU A 624 10.16 -44.00 -10.71
CA GLU A 624 9.19 -43.08 -11.30
C GLU A 624 9.58 -41.62 -11.18
N ARG A 625 10.70 -41.33 -10.49
CA ARG A 625 11.25 -39.98 -10.32
C ARG A 625 10.28 -39.03 -9.64
N GLY A 626 9.40 -39.57 -8.79
CA GLY A 626 8.52 -38.74 -8.00
C GLY A 626 7.42 -38.03 -8.76
N MET A 627 7.10 -38.50 -9.97
CA MET A 627 6.10 -37.92 -10.87
C MET A 627 6.40 -36.44 -11.16
N ARG A 628 7.67 -36.11 -11.31
CA ARG A 628 8.07 -34.75 -11.58
C ARG A 628 7.88 -34.46 -13.06
N GLY A 629 7.00 -33.52 -13.37
CA GLY A 629 6.65 -33.22 -14.74
C GLY A 629 5.45 -33.97 -15.26
N LYS A 630 5.00 -35.02 -14.56
CA LYS A 630 3.83 -35.79 -14.95
C LYS A 630 2.66 -35.58 -13.99
N GLU A 631 2.56 -34.39 -13.40
CA GLU A 631 1.49 -34.10 -12.46
C GLU A 631 0.17 -33.80 -13.15
N LYS A 632 0.21 -33.45 -14.44
CA LYS A 632 -1.03 -33.29 -15.20
C LYS A 632 -1.72 -34.62 -15.40
N GLU A 633 -0.96 -35.71 -15.50
CA GLU A 633 -1.55 -37.03 -15.59
C GLU A 633 -2.18 -37.48 -14.29
N LEU A 634 -1.79 -36.90 -13.15
CA LEU A 634 -2.36 -37.31 -11.87
C LEU A 634 -3.75 -36.73 -11.66
N LEU A 635 -4.06 -35.60 -12.28
CA LEU A 635 -5.38 -35.01 -12.10
C LEU A 635 -6.46 -35.76 -12.87
N GLU A 636 -6.07 -36.49 -13.91
CA GLU A 636 -6.99 -37.23 -14.75
C GLU A 636 -6.83 -38.74 -14.58
N MET A 637 -6.00 -39.17 -13.65
CA MET A 637 -5.78 -40.59 -13.44
C MET A 637 -6.88 -41.18 -12.56
N GLY A 638 -7.32 -42.37 -12.90
CA GLY A 638 -8.16 -43.12 -12.00
C GLY A 638 -7.35 -43.77 -10.90
N GLU A 639 -8.04 -44.42 -9.98
CA GLU A 639 -7.35 -45.07 -8.88
C GLU A 639 -6.69 -46.38 -9.32
N SER A 640 -7.03 -46.90 -10.49
CA SER A 640 -6.54 -48.20 -10.91
C SER A 640 -5.20 -48.14 -11.63
N SER A 641 -4.90 -47.05 -12.32
CA SER A 641 -3.67 -46.95 -13.09
C SER A 641 -2.60 -46.12 -12.41
N LEU A 642 -2.64 -45.99 -11.08
CA LEU A 642 -1.60 -45.29 -10.36
C LEU A 642 -0.31 -46.11 -10.34
N PRO A 643 0.85 -45.46 -10.23
CA PRO A 643 2.10 -46.21 -10.06
C PRO A 643 2.14 -46.93 -8.73
N ASP A 644 2.99 -47.94 -8.67
CA ASP A 644 3.11 -48.73 -7.45
C ASP A 644 3.79 -47.90 -6.36
N GLY A 645 3.18 -47.92 -5.18
CA GLY A 645 3.69 -47.20 -4.05
C GLY A 645 2.98 -45.89 -3.74
N LEU A 646 2.16 -45.38 -4.66
CA LEU A 646 1.45 -44.12 -4.46
C LEU A 646 0.00 -44.44 -4.13
N ILE A 647 -0.44 -44.09 -2.93
CA ILE A 647 -1.79 -44.43 -2.51
C ILE A 647 -2.56 -43.15 -2.24
N PRO A 648 -3.89 -43.17 -2.32
CA PRO A 648 -4.66 -42.01 -1.91
C PRO A 648 -4.67 -41.85 -0.40
N TYR A 649 -4.83 -40.60 0.03
CA TYR A 649 -4.73 -40.21 1.44
C TYR A 649 -6.12 -39.85 1.94
N LYS A 650 -6.59 -40.55 2.96
CA LYS A 650 -7.95 -40.41 3.42
C LYS A 650 -8.10 -39.91 4.84
N PHE A 651 -7.01 -39.65 5.56
CA PHE A 651 -7.12 -38.99 6.86
C PHE A 651 -6.91 -37.48 6.74
N PHE A 652 -7.62 -36.86 5.81
CA PHE A 652 -7.52 -35.42 5.59
C PHE A 652 -8.64 -34.74 6.36
N GLU A 653 -8.27 -33.86 7.29
CA GLU A 653 -9.19 -33.35 8.28
C GLU A 653 -10.15 -32.35 7.66
N GLU A 654 -11.40 -32.39 8.11
CA GLU A 654 -12.43 -31.53 7.56
C GLU A 654 -12.27 -30.11 8.11
N ARG A 655 -13.14 -29.23 7.61
CA ARG A 655 -13.01 -27.80 7.90
C ARG A 655 -13.36 -27.49 9.35
N GLU A 656 -14.40 -28.12 9.88
CA GLU A 656 -14.93 -27.81 11.21
C GLU A 656 -14.25 -28.60 12.33
N CYS A 657 -13.04 -29.11 12.10
CA CYS A 657 -12.27 -29.79 13.12
C CYS A 657 -10.88 -29.19 13.33
N LEU A 658 -10.43 -28.32 12.44
CA LEU A 658 -9.09 -27.77 12.53
C LEU A 658 -9.09 -26.53 13.43
N PHE A 659 -8.25 -26.54 14.46
CA PHE A 659 -8.07 -25.45 15.40
C PHE A 659 -7.24 -24.26 14.93
N PRO A 660 -6.25 -24.38 14.03
CA PRO A 660 -5.75 -23.16 13.36
C PRO A 660 -6.80 -22.44 12.56
N TYR A 661 -7.70 -23.16 11.90
CA TYR A 661 -8.96 -22.63 11.44
C TYR A 661 -9.85 -22.34 12.64
N LYS A 662 -10.87 -21.51 12.44
CA LYS A 662 -11.83 -20.98 13.43
C LYS A 662 -11.21 -20.07 14.49
N GLU A 663 -9.89 -19.89 14.52
CA GLU A 663 -9.28 -19.11 15.58
C GLU A 663 -8.35 -18.05 15.01
N ASN A 664 -7.71 -18.35 13.89
CA ASN A 664 -6.76 -17.43 13.29
C ASN A 664 -7.03 -17.11 11.83
N LEU A 665 -7.67 -17.99 11.06
CA LEU A 665 -7.82 -17.79 9.62
C LEU A 665 -9.21 -17.32 9.23
N LYS A 666 -10.26 -17.92 9.78
CA LYS A 666 -11.63 -17.52 9.46
C LYS A 666 -12.02 -16.11 9.93
N PRO A 667 -11.65 -15.62 11.16
CA PRO A 667 -12.05 -14.25 11.50
C PRO A 667 -11.16 -13.15 10.93
N GLN A 668 -10.36 -13.45 9.91
CA GLN A 668 -9.42 -12.45 9.41
C GLN A 668 -10.11 -11.40 8.55
N TRP A 669 -10.83 -11.83 7.51
CA TRP A 669 -11.56 -10.92 6.65
C TRP A 669 -13.04 -11.23 6.70
N SER A 670 -13.86 -10.19 6.86
CA SER A 670 -15.30 -10.33 6.98
C SER A 670 -15.99 -9.68 5.79
N GLU A 671 -17.01 -10.35 5.28
CA GLU A 671 -17.65 -10.02 4.02
C GLU A 671 -18.94 -9.25 4.24
N VAL A 672 -19.14 -8.19 3.46
CA VAL A 672 -20.39 -7.45 3.43
C VAL A 672 -20.86 -7.42 1.99
N GLN A 673 -21.99 -8.07 1.71
CA GLN A 673 -22.62 -8.08 0.41
C GLN A 673 -23.87 -7.22 0.42
N TYR A 674 -24.10 -6.50 -0.68
CA TYR A 674 -25.29 -5.66 -0.76
C TYR A 674 -25.69 -5.47 -2.21
N THR A 675 -26.86 -4.85 -2.38
CA THR A 675 -27.46 -4.60 -3.68
C THR A 675 -27.94 -3.16 -3.75
N ILE A 676 -27.44 -2.43 -4.72
CA ILE A 676 -27.84 -1.06 -5.01
C ILE A 676 -28.97 -1.09 -6.02
N GLU A 677 -30.05 -0.37 -5.73
CA GLU A 677 -31.16 -0.19 -6.65
C GLU A 677 -31.12 1.24 -7.18
N VAL A 678 -30.83 1.36 -8.48
CA VAL A 678 -30.65 2.63 -9.18
C VAL A 678 -31.84 2.83 -10.09
N GLY A 679 -32.59 3.92 -9.87
CA GLY A 679 -33.79 4.21 -10.62
C GLY A 679 -33.66 5.28 -11.67
N SER A 680 -32.45 5.60 -12.08
CA SER A 680 -32.13 6.64 -13.05
C SER A 680 -31.18 6.03 -14.07
N PRO A 681 -31.03 6.64 -15.24
CA PRO A 681 -29.99 6.21 -16.18
C PRO A 681 -28.60 6.27 -15.58
N LEU A 682 -27.78 5.30 -15.93
CA LEU A 682 -26.44 5.13 -15.37
C LEU A 682 -25.41 5.20 -16.49
N LEU A 683 -24.43 6.09 -16.34
CA LEU A 683 -23.40 6.27 -17.36
C LEU A 683 -22.04 6.33 -16.68
N THR A 684 -21.26 5.26 -16.84
CA THR A 684 -19.87 5.21 -16.42
C THR A 684 -19.05 5.02 -17.68
N ALA A 685 -18.29 6.04 -18.06
CA ALA A 685 -17.70 6.10 -19.39
C ALA A 685 -16.50 5.15 -19.51
N ASP A 686 -16.11 4.92 -20.76
CA ASP A 686 -15.00 4.03 -21.10
C ASP A 686 -13.85 4.77 -21.74
N THR A 687 -14.13 5.75 -22.60
CA THR A 687 -13.23 6.73 -23.22
C THR A 687 -12.14 6.18 -24.12
N ILE A 688 -12.06 4.86 -24.29
CA ILE A 688 -11.21 4.24 -25.29
C ILE A 688 -12.03 3.42 -26.28
N SER A 689 -13.02 2.69 -25.79
CA SER A 689 -13.95 1.99 -26.64
C SER A 689 -14.80 2.94 -27.48
N ALA A 690 -14.97 4.18 -27.04
CA ALA A 690 -15.62 5.17 -27.88
C ALA A 690 -14.74 5.61 -29.04
N LEU A 691 -13.43 5.48 -28.91
CA LEU A 691 -12.51 5.82 -29.98
C LEU A 691 -12.13 4.64 -30.85
N THR A 692 -12.41 3.41 -30.42
CA THR A 692 -12.05 2.23 -31.19
C THR A 692 -13.24 1.54 -31.84
N GLU A 693 -14.33 1.35 -31.11
CA GLU A 693 -15.47 0.59 -31.63
C GLU A 693 -16.28 1.42 -32.60
N PRO A 694 -16.80 0.83 -33.68
CA PRO A 694 -17.54 1.62 -34.67
C PRO A 694 -18.94 1.98 -34.18
N GLY A 695 -19.44 3.09 -34.68
CA GLY A 695 -20.78 3.51 -34.33
C GLY A 695 -20.96 5.00 -34.08
N ASN A 696 -19.87 5.76 -34.22
CA ASN A 696 -19.68 7.19 -33.90
C ASN A 696 -20.52 7.69 -32.71
N ARG A 697 -20.30 7.03 -31.58
CA ARG A 697 -20.91 7.38 -30.30
C ARG A 697 -19.90 8.10 -29.42
N ASP A 698 -20.39 9.04 -28.61
CA ASP A 698 -19.50 9.92 -27.84
C ASP A 698 -19.18 9.38 -26.46
N ALA A 699 -20.16 8.84 -25.74
CA ALA A 699 -19.91 8.30 -24.41
C ALA A 699 -20.73 7.03 -24.23
N ILE A 700 -20.04 5.91 -24.02
CA ILE A 700 -20.68 4.61 -23.90
C ILE A 700 -20.33 4.01 -22.55
N ALA A 701 -21.14 3.04 -22.13
CA ALA A 701 -21.00 2.44 -20.81
C ALA A 701 -19.86 1.45 -20.77
N TYR A 702 -19.62 0.90 -19.58
CA TYR A 702 -18.46 0.07 -19.32
C TYR A 702 -18.81 -1.42 -19.37
N LYS A 703 -17.96 -2.20 -20.01
CA LYS A 703 -18.16 -3.63 -20.22
C LYS A 703 -16.93 -4.41 -19.76
N LYS A 704 -17.10 -5.72 -19.61
CA LYS A 704 -16.05 -6.63 -19.17
C LYS A 704 -16.03 -7.87 -20.04
N ARG A 705 -14.96 -8.65 -19.92
CA ARG A 705 -14.82 -9.93 -20.58
C ARG A 705 -14.67 -11.01 -19.53
N VAL A 706 -15.44 -12.09 -19.67
CA VAL A 706 -15.48 -13.17 -18.69
C VAL A 706 -15.15 -14.47 -19.39
N TYR A 707 -14.16 -15.19 -18.87
CA TYR A 707 -13.79 -16.49 -19.40
C TYR A 707 -14.68 -17.57 -18.82
N ASN A 708 -15.15 -18.47 -19.67
CA ASN A 708 -15.98 -19.59 -19.25
C ASN A 708 -15.16 -20.88 -19.32
N ASP A 709 -15.53 -21.84 -18.47
CA ASP A 709 -14.80 -23.10 -18.36
C ASP A 709 -15.56 -24.31 -18.88
N GLY A 710 -16.85 -24.17 -19.19
CA GLY A 710 -17.57 -25.22 -19.86
C GLY A 710 -17.03 -25.37 -21.27
N ASN A 711 -17.15 -24.31 -22.05
CA ASN A 711 -16.35 -24.17 -23.26
C ASN A 711 -15.01 -23.55 -22.86
N ASN A 712 -14.13 -23.33 -23.82
CA ASN A 712 -12.80 -22.86 -23.47
C ASN A 712 -12.47 -21.52 -24.11
N ALA A 713 -13.46 -20.71 -24.40
CA ALA A 713 -13.25 -19.36 -24.92
C ALA A 713 -13.93 -18.35 -24.01
N ILE A 714 -13.75 -17.07 -24.34
CA ILE A 714 -14.46 -16.03 -23.63
C ILE A 714 -15.93 -16.06 -24.02
N GLU A 715 -16.75 -15.46 -23.18
CA GLU A 715 -18.18 -15.43 -23.45
C GLU A 715 -18.47 -14.41 -24.54
N PRO A 716 -19.43 -14.71 -25.42
CA PRO A 716 -19.71 -13.77 -26.53
C PRO A 716 -20.37 -12.49 -26.06
N GLU A 717 -21.28 -12.56 -25.08
CA GLU A 717 -21.83 -11.30 -24.61
C GLU A 717 -21.00 -10.74 -23.45
N PRO A 718 -20.81 -9.43 -23.40
CA PRO A 718 -20.06 -8.83 -22.31
C PRO A 718 -20.96 -8.37 -21.17
N ARG A 719 -20.34 -8.12 -20.03
CA ARG A 719 -21.03 -7.87 -18.78
C ARG A 719 -20.83 -6.42 -18.33
N PHE A 720 -21.91 -5.75 -17.98
CA PHE A 720 -21.88 -4.36 -17.55
C PHE A 720 -21.65 -4.26 -16.06
N ALA A 721 -20.83 -3.29 -15.65
CA ALA A 721 -20.45 -3.19 -14.25
C ALA A 721 -20.05 -1.76 -13.92
N VAL A 722 -19.90 -1.51 -12.62
CA VAL A 722 -19.26 -0.32 -12.09
C VAL A 722 -18.01 -0.79 -11.37
N LYS A 723 -16.88 -0.15 -11.69
CA LYS A 723 -15.57 -0.64 -11.29
C LYS A 723 -15.36 -0.52 -9.78
N SER A 724 -14.37 -1.27 -9.29
CA SER A 724 -14.10 -1.30 -7.86
C SER A 724 -13.46 -0.02 -7.38
N GLU A 725 -12.68 0.63 -8.25
CA GLU A 725 -12.01 1.87 -7.89
C GLU A 725 -13.02 2.99 -7.68
N THR A 726 -14.14 2.94 -8.41
CA THR A 726 -15.16 3.97 -8.30
C THR A 726 -15.84 3.95 -6.95
N HIS A 727 -16.31 2.78 -6.48
CA HIS A 727 -16.98 2.85 -5.19
C HIS A 727 -16.00 2.78 -4.02
N ARG A 728 -14.74 2.41 -4.27
CA ARG A 728 -13.69 2.69 -3.28
C ARG A 728 -13.54 4.20 -3.06
N GLY A 729 -13.47 4.96 -4.15
CA GLY A 729 -13.39 6.40 -4.01
C GLY A 729 -14.65 7.05 -3.45
N ILE A 730 -15.81 6.45 -3.73
CA ILE A 730 -17.07 6.92 -3.15
C ILE A 730 -17.03 6.80 -1.63
N PHE A 731 -16.59 5.63 -1.14
CA PHE A 731 -16.50 5.44 0.31
C PHE A 731 -15.43 6.34 0.94
N ARG A 732 -14.33 6.57 0.22
CA ARG A 732 -13.27 7.43 0.74
C ARG A 732 -13.71 8.87 0.87
N THR A 733 -14.40 9.39 -0.15
CA THR A 733 -14.89 10.76 -0.09
C THR A 733 -15.99 10.90 0.97
N ALA A 734 -16.84 9.89 1.10
CA ALA A 734 -17.90 9.93 2.11
C ALA A 734 -17.37 9.89 3.53
N VAL A 735 -16.28 9.18 3.78
CA VAL A 735 -15.70 9.16 5.12
C VAL A 735 -14.93 10.46 5.39
N GLY A 736 -14.12 10.88 4.42
CA GLY A 736 -13.26 12.04 4.61
C GLY A 736 -14.00 13.36 4.68
N ARG A 737 -15.21 13.45 4.14
CA ARG A 737 -15.93 14.70 4.29
C ARG A 737 -16.57 14.83 5.66
N ARG A 738 -16.96 13.73 6.28
CA ARG A 738 -17.53 13.84 7.62
C ARG A 738 -16.45 13.96 8.67
N THR A 739 -15.35 13.23 8.55
CA THR A 739 -14.29 13.40 9.53
C THR A 739 -13.49 14.68 9.29
N GLY A 740 -13.57 15.26 8.10
CA GLY A 740 -12.86 16.48 7.82
C GLY A 740 -11.40 16.31 7.52
N ASP A 741 -11.02 15.19 6.91
CA ASP A 741 -9.62 14.87 6.66
C ASP A 741 -9.19 15.14 5.23
N LEU A 742 -10.11 15.44 4.32
CA LEU A 742 -9.70 15.72 2.95
C LEU A 742 -9.07 17.10 2.80
N GLY A 743 -9.21 17.97 3.81
CA GLY A 743 -8.65 19.31 3.74
C GLY A 743 -7.15 19.37 3.93
N LYS A 744 -6.55 18.34 4.51
CA LYS A 744 -5.11 18.29 4.71
C LYS A 744 -4.40 18.12 3.36
N GLU A 745 -3.37 18.91 3.14
CA GLU A 745 -2.65 18.84 1.88
C GLU A 745 -1.57 17.75 1.85
N ASP A 746 -1.15 17.26 3.00
CA ASP A 746 -0.10 16.25 3.09
C ASP A 746 -0.60 15.08 3.89
N HIS A 747 -0.20 13.87 3.49
CA HIS A 747 -0.62 12.67 4.19
C HIS A 747 0.54 11.74 4.51
N GLU A 748 1.78 12.20 4.36
CA GLU A 748 2.91 11.39 4.79
C GLU A 748 3.07 11.48 6.30
N ASP A 749 3.45 10.36 6.90
CA ASP A 749 3.61 10.18 8.35
C ASP A 749 2.36 10.57 9.14
N CYS A 750 1.19 10.26 8.60
CA CYS A 750 -0.07 10.65 9.20
C CYS A 750 -0.70 9.46 9.90
N THR A 751 -1.54 9.76 10.90
CA THR A 751 -2.30 8.76 11.62
C THR A 751 -3.73 9.25 11.82
N CYS A 752 -4.33 9.78 10.77
CA CYS A 752 -5.72 10.20 10.83
C CYS A 752 -6.64 9.01 10.59
N ASP A 753 -7.93 9.28 10.51
CA ASP A 753 -8.90 8.19 10.40
C ASP A 753 -8.93 7.59 9.00
N MET A 754 -8.90 8.42 7.97
CA MET A 754 -8.95 7.92 6.62
C MET A 754 -7.61 7.34 6.16
N CYS A 755 -6.53 7.62 6.88
CA CYS A 755 -5.26 6.93 6.62
C CYS A 755 -5.15 5.65 7.40
N ILE A 756 -5.98 5.44 8.41
CA ILE A 756 -6.03 4.17 9.11
C ILE A 756 -6.95 3.19 8.41
N ILE A 757 -8.11 3.64 7.95
CA ILE A 757 -9.02 2.73 7.27
C ILE A 757 -8.54 2.44 5.85
N PHE A 758 -8.11 3.46 5.12
CA PHE A 758 -7.84 3.32 3.71
C PHE A 758 -6.35 3.28 3.35
N GLY A 759 -5.47 3.53 4.29
CA GLY A 759 -4.04 3.36 4.07
C GLY A 759 -3.41 4.50 3.30
N ASN A 760 -2.09 4.47 3.26
CA ASN A 760 -1.31 5.47 2.54
C ASN A 760 -0.06 4.80 2.01
N GLU A 761 0.95 5.60 1.69
CA GLU A 761 2.20 5.11 1.11
C GLU A 761 3.07 4.35 2.11
N HIS A 762 2.65 4.21 3.37
CA HIS A 762 3.40 3.44 4.36
C HIS A 762 2.65 2.23 4.90
N GLU A 763 1.32 2.22 4.89
CA GLU A 763 0.55 1.09 5.37
C GLU A 763 -0.46 0.64 4.30
N SER A 764 -0.76 -0.65 4.33
CA SER A 764 -1.78 -1.20 3.45
C SER A 764 -3.18 -0.92 4.00
N SER A 765 -4.18 -1.07 3.15
CA SER A 765 -5.55 -0.75 3.50
C SER A 765 -6.19 -1.87 4.32
N LYS A 766 -7.15 -1.48 5.14
CA LYS A 766 -7.90 -2.42 5.97
C LYS A 766 -9.26 -2.74 5.38
N ILE A 767 -9.54 -2.29 4.16
CA ILE A 767 -10.84 -2.48 3.54
C ILE A 767 -10.61 -2.71 2.06
N ARG A 768 -11.23 -3.76 1.52
CA ARG A 768 -10.98 -4.20 0.14
C ARG A 768 -12.28 -4.28 -0.63
N PHE A 769 -12.31 -3.70 -1.82
CA PHE A 769 -13.52 -3.55 -2.60
C PHE A 769 -13.51 -4.40 -3.86
N GLU A 770 -14.70 -4.80 -4.29
CA GLU A 770 -14.89 -5.53 -5.54
C GLU A 770 -15.91 -4.78 -6.40
N ASP A 771 -16.16 -5.29 -7.59
CA ASP A 771 -16.99 -4.59 -8.56
C ASP A 771 -18.46 -4.70 -8.19
N LEU A 772 -19.26 -3.84 -8.82
CA LEU A 772 -20.71 -3.87 -8.73
C LEU A 772 -21.24 -4.33 -10.08
N GLU A 773 -21.77 -5.55 -10.13
CA GLU A 773 -22.18 -6.17 -11.37
C GLU A 773 -23.69 -6.12 -11.56
N LEU A 774 -24.11 -5.92 -12.81
CA LEU A 774 -25.53 -5.85 -13.13
C LEU A 774 -26.11 -7.24 -13.19
N ILE A 775 -27.19 -7.48 -12.44
CA ILE A 775 -27.74 -8.82 -12.30
C ILE A 775 -29.07 -9.00 -13.02
N ASN A 776 -29.85 -7.95 -13.22
CA ASN A 776 -31.18 -8.08 -13.81
C ASN A 776 -31.23 -7.59 -15.25
N GLY A 777 -30.12 -7.63 -15.97
CA GLY A 777 -30.10 -7.05 -17.30
C GLY A 777 -30.60 -7.94 -18.41
N ASN A 778 -31.55 -8.82 -18.11
CA ASN A 778 -32.18 -9.67 -19.09
C ASN A 778 -33.68 -9.46 -19.22
N GLU A 779 -34.30 -8.75 -18.28
CA GLU A 779 -35.71 -8.40 -18.38
C GLU A 779 -35.94 -7.05 -19.05
N PHE A 780 -34.91 -6.47 -19.66
CA PHE A 780 -35.09 -5.27 -20.45
C PHE A 780 -35.21 -5.62 -21.93
N GLU A 781 -35.86 -4.74 -22.67
CA GLU A 781 -35.71 -4.69 -24.12
C GLU A 781 -35.12 -3.34 -24.49
N LYS A 782 -34.07 -3.38 -25.31
CA LYS A 782 -33.23 -2.22 -25.63
C LYS A 782 -32.68 -1.58 -24.35
N LEU A 783 -31.73 -2.31 -23.75
CA LEU A 783 -31.10 -1.92 -22.48
C LEU A 783 -30.40 -0.57 -22.57
N GLU A 784 -29.72 -0.29 -23.67
CA GLU A 784 -29.08 1.01 -23.85
C GLU A 784 -30.02 2.01 -24.49
N LYS A 785 -30.00 3.24 -23.99
CA LYS A 785 -30.91 4.29 -24.42
C LYS A 785 -30.09 5.43 -25.00
N HIS A 786 -30.55 6.01 -26.09
CA HIS A 786 -29.85 7.14 -26.71
C HIS A 786 -30.48 8.46 -26.24
N ILE A 787 -29.68 9.32 -25.61
CA ILE A 787 -30.14 10.62 -25.15
C ILE A 787 -29.22 11.69 -25.73
N ASP A 788 -29.79 12.64 -26.45
CA ASP A 788 -29.02 13.72 -27.06
C ASP A 788 -29.28 15.05 -26.34
N HIS A 789 -28.26 15.88 -26.28
CA HIS A 789 -28.28 17.15 -25.57
C HIS A 789 -27.69 18.24 -26.45
N VAL A 790 -28.09 19.49 -26.17
CA VAL A 790 -27.57 20.66 -26.87
C VAL A 790 -27.60 21.85 -25.91
N ALA A 791 -26.82 22.87 -26.24
CA ALA A 791 -26.76 24.12 -25.48
C ALA A 791 -27.49 25.23 -26.22
N ILE A 792 -28.17 26.10 -25.47
CA ILE A 792 -28.99 27.15 -26.04
C ILE A 792 -28.33 28.49 -25.80
N ASP A 793 -28.11 29.25 -26.88
CA ASP A 793 -27.52 30.57 -26.78
C ASP A 793 -28.49 31.52 -26.10
N ARG A 794 -27.93 32.42 -25.28
CA ARG A 794 -28.76 33.28 -24.44
C ARG A 794 -29.37 34.44 -25.23
N PHE A 795 -28.62 35.01 -26.16
CA PHE A 795 -29.13 36.12 -26.94
C PHE A 795 -30.09 35.64 -28.02
N THR A 796 -29.64 34.75 -28.90
CA THR A 796 -30.44 34.39 -30.06
C THR A 796 -31.55 33.41 -29.70
N GLY A 797 -31.38 32.61 -28.65
CA GLY A 797 -32.41 31.71 -28.21
C GLY A 797 -32.42 30.36 -28.87
N GLY A 798 -31.69 30.19 -29.98
CA GLY A 798 -31.57 28.91 -30.63
C GLY A 798 -30.33 28.17 -30.16
N ALA A 799 -30.09 27.02 -30.76
CA ALA A 799 -28.99 26.18 -30.32
C ALA A 799 -27.67 26.76 -30.78
N LEU A 800 -26.70 26.73 -29.88
CA LEU A 800 -25.34 27.05 -30.26
C LEU A 800 -24.83 25.94 -31.16
N ASP A 801 -24.28 26.33 -32.31
CA ASP A 801 -23.82 25.35 -33.30
C ASP A 801 -22.64 24.56 -32.75
N LYS A 802 -22.53 23.31 -33.22
CA LYS A 802 -21.43 22.37 -32.97
C LYS A 802 -21.20 22.11 -31.48
N ALA A 803 -22.27 22.18 -30.69
CA ALA A 803 -22.24 21.79 -29.29
C ALA A 803 -23.19 20.64 -28.99
N LYS A 804 -23.76 20.02 -30.01
CA LYS A 804 -24.62 18.87 -29.80
C LYS A 804 -23.80 17.66 -29.38
N PHE A 805 -24.27 16.94 -28.37
CA PHE A 805 -23.56 15.74 -27.94
C PHE A 805 -24.56 14.67 -27.52
N ASP A 806 -24.07 13.43 -27.44
CA ASP A 806 -24.89 12.25 -27.26
C ASP A 806 -24.38 11.43 -26.08
N THR A 807 -25.28 10.65 -25.48
CA THR A 807 -24.95 9.69 -24.45
C THR A 807 -25.71 8.40 -24.71
N TYR A 808 -25.09 7.28 -24.32
CA TYR A 808 -25.71 5.95 -24.33
C TYR A 808 -25.69 5.32 -22.94
N PRO A 809 -26.56 5.75 -22.03
CA PRO A 809 -26.60 5.09 -20.73
C PRO A 809 -27.46 3.84 -20.73
N LEU A 810 -27.46 3.17 -19.58
CA LEU A 810 -28.32 2.03 -19.35
C LEU A 810 -29.67 2.52 -18.85
N ALA A 811 -30.74 1.90 -19.33
CA ALA A 811 -32.08 2.43 -19.14
C ALA A 811 -32.64 2.12 -17.77
N GLY A 812 -32.49 3.05 -16.83
CA GLY A 812 -33.09 2.90 -15.51
C GLY A 812 -34.35 3.73 -15.40
N SER A 813 -35.38 3.13 -14.82
CA SER A 813 -36.69 3.74 -14.65
C SER A 813 -37.13 3.59 -13.20
N PRO A 814 -37.97 4.50 -12.69
CA PRO A 814 -38.46 4.36 -11.31
C PRO A 814 -39.36 3.15 -11.06
N LYS A 815 -39.96 2.56 -12.09
CA LYS A 815 -40.74 1.34 -11.93
C LYS A 815 -40.07 0.11 -12.52
N LYS A 816 -38.92 0.26 -13.16
CA LYS A 816 -38.06 -0.86 -13.53
C LYS A 816 -36.62 -0.45 -13.27
N PRO A 817 -36.17 -0.59 -12.03
CA PRO A 817 -34.84 -0.11 -11.68
C PRO A 817 -33.75 -1.12 -12.00
N LEU A 818 -32.52 -0.61 -12.09
CA LEU A 818 -31.35 -1.45 -12.17
C LEU A 818 -30.95 -1.95 -10.79
N LYS A 819 -30.46 -3.18 -10.75
CA LYS A 819 -29.99 -3.79 -9.51
C LYS A 819 -28.55 -4.24 -9.70
N LEU A 820 -27.65 -3.68 -8.90
CA LEU A 820 -26.23 -3.97 -8.96
C LEU A 820 -25.80 -4.64 -7.67
N LYS A 821 -25.03 -5.73 -7.79
CA LYS A 821 -24.61 -6.52 -6.63
C LYS A 821 -23.13 -6.31 -6.36
N GLY A 822 -22.79 -6.01 -5.11
CA GLY A 822 -21.42 -5.69 -4.77
C GLY A 822 -21.04 -6.22 -3.40
N ARG A 823 -19.76 -6.05 -3.08
CA ARG A 823 -19.17 -6.71 -1.93
C ARG A 823 -17.89 -6.01 -1.50
N PHE A 824 -17.68 -5.89 -0.19
CA PHE A 824 -16.37 -5.48 0.32
C PHE A 824 -15.99 -6.31 1.55
N TRP A 825 -14.71 -6.19 1.93
CA TRP A 825 -14.11 -6.99 3.00
C TRP A 825 -13.46 -6.09 4.03
N ILE A 826 -13.69 -6.39 5.31
CA ILE A 826 -13.21 -5.63 6.46
C ILE A 826 -12.24 -6.51 7.24
N LYS A 827 -11.13 -5.93 7.69
CA LYS A 827 -10.15 -6.67 8.45
C LYS A 827 -10.48 -6.69 9.94
N LYS A 828 -9.97 -7.71 10.62
CA LYS A 828 -10.15 -7.85 12.06
C LYS A 828 -9.30 -6.84 12.81
N GLY A 829 -9.91 -6.16 13.76
CA GLY A 829 -9.16 -5.21 14.57
C GLY A 829 -9.70 -3.82 14.49
N PHE A 830 -10.89 -3.67 13.91
CA PHE A 830 -11.51 -2.37 13.76
C PHE A 830 -12.19 -1.96 15.05
N SER A 831 -12.02 -0.69 15.42
CA SER A 831 -12.63 -0.16 16.62
C SER A 831 -14.09 0.21 16.35
N GLY A 832 -14.74 0.74 17.38
CA GLY A 832 -16.16 1.04 17.26
C GLY A 832 -16.43 2.28 16.42
N ASP A 833 -15.57 3.29 16.55
CA ASP A 833 -15.78 4.52 15.79
C ASP A 833 -15.53 4.32 14.31
N HIS A 834 -14.64 3.40 13.95
CA HIS A 834 -14.38 3.13 12.54
C HIS A 834 -15.53 2.37 11.89
N LYS A 835 -16.13 1.44 12.63
CA LYS A 835 -17.33 0.79 12.13
C LYS A 835 -18.51 1.75 12.05
N LEU A 836 -18.59 2.72 12.99
CA LEU A 836 -19.58 3.77 12.88
C LEU A 836 -19.38 4.62 11.63
N LEU A 837 -18.12 4.90 11.29
CA LEU A 837 -17.82 5.67 10.08
C LEU A 837 -18.23 4.93 8.81
N ILE A 838 -17.95 3.62 8.75
CA ILE A 838 -18.30 2.85 7.56
C ILE A 838 -19.82 2.70 7.42
N THR A 839 -20.52 2.48 8.53
CA THR A 839 -21.98 2.39 8.47
C THR A 839 -22.61 3.73 8.12
N THR A 840 -22.00 4.84 8.55
CA THR A 840 -22.53 6.14 8.19
C THR A 840 -22.30 6.43 6.70
N ALA A 841 -21.19 5.95 6.14
CA ALA A 841 -20.98 6.08 4.70
C ALA A 841 -21.99 5.27 3.91
N LEU A 842 -22.34 4.08 4.40
CA LEU A 842 -23.35 3.26 3.74
C LEU A 842 -24.74 3.91 3.82
N SER A 843 -25.06 4.50 4.97
CA SER A 843 -26.33 5.22 5.08
C SER A 843 -26.36 6.47 4.21
N ASP A 844 -25.21 7.11 4.00
CA ASP A 844 -25.17 8.27 3.12
C ASP A 844 -25.30 7.89 1.65
N ILE A 845 -24.81 6.72 1.26
CA ILE A 845 -25.06 6.25 -0.10
C ILE A 845 -26.53 5.88 -0.25
N ARG A 846 -27.14 5.32 0.79
CA ARG A 846 -28.56 4.97 0.74
C ARG A 846 -29.45 6.20 0.68
N ASP A 847 -29.07 7.29 1.34
CA ASP A 847 -29.90 8.48 1.37
C ASP A 847 -29.81 9.30 0.08
N GLY A 848 -28.72 9.19 -0.67
CA GLY A 848 -28.64 9.80 -1.97
C GLY A 848 -27.78 11.03 -2.10
N LEU A 849 -26.65 11.11 -1.40
CA LEU A 849 -25.76 12.24 -1.53
C LEU A 849 -24.61 12.00 -2.48
N TYR A 850 -24.37 10.76 -2.89
CA TYR A 850 -23.24 10.39 -3.74
C TYR A 850 -23.74 9.56 -4.91
N PRO A 851 -24.05 10.18 -6.05
CA PRO A 851 -24.50 9.42 -7.21
C PRO A 851 -23.36 8.79 -7.98
N LEU A 852 -23.66 7.63 -8.56
CA LEU A 852 -22.68 6.82 -9.26
C LEU A 852 -22.55 7.27 -10.71
N GLY A 853 -21.32 7.42 -11.16
CA GLY A 853 -21.08 7.69 -12.56
C GLY A 853 -21.12 9.16 -12.91
N SER A 854 -21.28 9.42 -14.19
CA SER A 854 -21.16 10.75 -14.75
C SER A 854 -22.51 11.44 -14.85
N LYS A 855 -22.46 12.77 -14.96
CA LYS A 855 -23.62 13.64 -15.19
C LYS A 855 -24.66 13.53 -14.08
N GLY A 856 -24.20 13.54 -12.83
CA GLY A 856 -25.11 13.43 -11.71
C GLY A 856 -25.94 14.67 -11.47
N GLY A 857 -25.50 15.83 -11.95
CA GLY A 857 -26.24 17.04 -11.76
C GLY A 857 -27.46 17.17 -12.61
N VAL A 858 -27.55 16.39 -13.68
CA VAL A 858 -28.72 16.38 -14.53
C VAL A 858 -29.55 15.12 -14.33
N GLY A 859 -29.26 14.35 -13.29
CA GLY A 859 -30.13 13.27 -12.88
C GLY A 859 -29.69 11.86 -13.23
N TYR A 860 -28.44 11.66 -13.61
CA TYR A 860 -27.96 10.34 -14.01
C TYR A 860 -27.38 9.61 -12.82
N GLY A 861 -27.87 8.40 -12.57
CA GLY A 861 -27.29 7.55 -11.56
C GLY A 861 -27.66 7.85 -10.13
N TRP A 862 -28.94 8.11 -9.85
CA TRP A 862 -29.37 8.40 -8.50
C TRP A 862 -29.80 7.12 -7.79
N VAL A 863 -29.29 6.91 -6.58
CA VAL A 863 -29.58 5.70 -5.84
C VAL A 863 -30.98 5.78 -5.24
N ALA A 864 -31.80 4.79 -5.54
CA ALA A 864 -33.11 4.66 -4.93
C ALA A 864 -33.11 3.78 -3.70
N GLY A 865 -32.22 2.80 -3.61
CA GLY A 865 -32.21 2.00 -2.41
C GLY A 865 -30.99 1.12 -2.24
N ILE A 866 -30.87 0.55 -1.04
CA ILE A 866 -29.81 -0.40 -0.71
C ILE A 866 -30.43 -1.54 0.09
N SER A 867 -30.20 -2.78 -0.36
CA SER A 867 -30.59 -3.96 0.38
C SER A 867 -29.36 -4.73 0.81
N ILE A 868 -29.42 -5.30 2.00
CA ILE A 868 -28.27 -5.95 2.64
C ILE A 868 -28.61 -7.42 2.86
N ASP A 869 -27.75 -8.30 2.36
CA ASP A 869 -27.98 -9.73 2.46
C ASP A 869 -27.81 -10.20 3.89
N ASP A 870 -28.47 -11.32 4.22
CA ASP A 870 -28.63 -11.76 5.60
C ASP A 870 -27.44 -12.51 6.16
N ASN A 871 -26.36 -12.67 5.41
CA ASN A 871 -25.14 -13.27 5.94
C ASN A 871 -24.19 -12.24 6.53
N VAL A 872 -24.55 -10.97 6.49
CA VAL A 872 -23.74 -9.87 7.02
C VAL A 872 -23.67 -9.99 8.52
N PRO A 873 -22.51 -9.69 9.15
CA PRO A 873 -22.42 -9.74 10.61
C PRO A 873 -23.41 -8.80 11.29
N ASP A 874 -23.81 -9.17 12.50
CA ASP A 874 -24.98 -8.57 13.13
C ASP A 874 -24.74 -7.13 13.58
N ASP A 875 -23.48 -6.75 13.80
CA ASP A 875 -23.17 -5.38 14.20
C ASP A 875 -23.49 -4.39 13.08
N PHE A 876 -23.13 -4.73 11.83
CA PHE A 876 -23.52 -3.89 10.70
C PHE A 876 -25.03 -3.91 10.49
N LYS A 877 -25.69 -5.04 10.80
CA LYS A 877 -27.13 -5.13 10.64
C LYS A 877 -27.85 -4.17 11.57
N GLU A 878 -27.50 -4.16 12.86
CA GLU A 878 -28.15 -3.23 13.77
C GLU A 878 -27.72 -1.80 13.54
N MET A 879 -26.46 -1.58 13.13
CA MET A 879 -26.00 -0.22 12.92
C MET A 879 -26.54 0.41 11.65
N ILE A 880 -26.97 -0.38 10.67
CA ILE A 880 -27.68 0.19 9.53
C ILE A 880 -29.18 0.25 9.80
N ASN A 881 -29.75 -0.74 10.49
CA ASN A 881 -31.18 -0.70 10.78
C ASN A 881 -31.56 0.28 11.88
N LYS A 882 -30.59 0.87 12.58
CA LYS A 882 -30.88 1.84 13.63
C LYS A 882 -30.93 3.28 13.11
N THR A 883 -30.37 3.56 11.94
CA THR A 883 -30.26 4.92 11.43
C THR A 883 -31.32 5.22 10.36
N GLU A 884 -32.55 4.77 10.58
CA GLU A 884 -33.67 5.11 9.70
C GLU A 884 -34.02 6.59 9.80
N PRO A 898 -48.37 22.53 0.87
CA PRO A 898 -48.37 23.31 2.10
C PRO A 898 -47.77 24.70 1.91
N ILE A 899 -46.63 24.80 1.24
CA ILE A 899 -45.97 26.08 1.03
C ILE A 899 -46.61 26.79 -0.16
N ASN A 900 -47.15 27.98 0.08
CA ASN A 900 -47.71 28.82 -0.94
C ASN A 900 -47.05 30.19 -0.85
N ASN A 901 -47.02 30.92 -1.97
CA ASN A 901 -46.27 32.17 -2.00
C ASN A 901 -47.14 33.39 -1.72
N ASP A 902 -48.32 33.48 -2.37
CA ASP A 902 -49.31 34.54 -2.17
C ASP A 902 -48.75 35.93 -2.47
N TYR A 903 -48.03 36.03 -3.57
CA TYR A 903 -47.57 37.31 -4.12
C TYR A 903 -48.22 37.49 -5.48
N VAL A 904 -48.96 38.58 -5.64
CA VAL A 904 -49.65 38.89 -6.87
C VAL A 904 -49.01 40.13 -7.47
N HIS A 905 -48.59 40.03 -8.70
CA HIS A 905 -47.84 41.03 -9.46
C HIS A 905 -48.80 41.93 -10.24
N PRO A 906 -48.63 43.24 -10.16
CA PRO A 906 -49.35 44.13 -11.07
C PRO A 906 -48.89 44.00 -12.51
N GLY A 907 -49.76 43.50 -13.37
CA GLY A 907 -49.38 43.29 -14.75
C GLY A 907 -49.30 44.57 -15.54
N HIS A 908 -48.93 44.44 -16.82
CA HIS A 908 -48.83 45.59 -17.70
C HIS A 908 -50.20 46.20 -17.96
N GLN A 909 -50.24 47.52 -18.09
CA GLN A 909 -51.51 48.22 -18.25
C GLN A 909 -52.05 48.09 -19.66
N SER A 910 -51.18 47.92 -20.65
CA SER A 910 -51.61 47.94 -22.04
C SER A 910 -52.45 46.73 -22.46
N PRO A 911 -52.14 45.45 -22.08
CA PRO A 911 -53.13 44.40 -22.36
C PRO A 911 -54.18 44.23 -21.27
N LYS A 912 -54.65 45.34 -20.71
CA LYS A 912 -55.64 45.23 -19.66
C LYS A 912 -56.69 46.33 -19.81
N GLN A 913 -56.31 47.42 -20.47
CA GLN A 913 -57.22 48.54 -20.65
C GLN A 913 -58.17 48.33 -21.82
N ASP A 914 -57.70 47.64 -22.86
CA ASP A 914 -58.55 47.51 -24.05
C ASP A 914 -59.68 46.51 -23.83
N HIS A 915 -59.35 45.30 -23.36
CA HIS A 915 -60.24 44.15 -23.11
C HIS A 915 -61.25 43.87 -24.22
N LYS A 916 -60.89 44.19 -25.46
CA LYS A 916 -61.63 43.79 -26.63
C LYS A 916 -60.79 42.95 -27.59
N ASN A 917 -59.51 42.75 -27.26
CA ASN A 917 -58.56 41.93 -28.01
C ASN A 917 -58.35 42.43 -29.43
N LYS A 918 -58.08 43.72 -29.56
CA LYS A 918 -57.79 44.32 -30.86
C LYS A 918 -56.31 44.57 -31.08
N ASN A 919 -55.46 44.32 -30.11
CA ASN A 919 -54.02 44.54 -30.24
C ASN A 919 -53.32 43.26 -30.68
N ILE A 920 -52.21 43.43 -31.41
CA ILE A 920 -51.31 42.34 -31.73
C ILE A 920 -49.94 42.66 -31.16
N TYR A 921 -49.41 41.75 -30.35
CA TYR A 921 -48.09 41.90 -29.74
C TYR A 921 -47.09 41.00 -30.43
N TYR A 922 -45.88 41.15 -30.06
CA TYR A 922 -44.75 40.37 -30.56
C TYR A 922 -44.40 39.26 -29.58
N PRO A 923 -44.02 38.08 -30.07
CA PRO A 923 -43.89 36.93 -29.17
C PRO A 923 -42.61 36.84 -28.36
N HIS A 924 -41.51 37.50 -28.76
CA HIS A 924 -40.32 37.47 -27.94
C HIS A 924 -39.83 38.87 -27.64
N TYR A 925 -39.39 39.08 -26.41
CA TYR A 925 -38.91 40.37 -25.95
C TYR A 925 -37.60 40.19 -25.21
N PHE A 926 -36.83 41.26 -25.16
CA PHE A 926 -35.50 41.24 -24.59
C PHE A 926 -35.46 41.94 -23.23
N LEU A 927 -34.52 41.54 -22.39
CA LEU A 927 -34.30 42.10 -21.08
C LEU A 927 -32.87 42.57 -20.97
N ASP A 928 -32.67 43.78 -20.42
CA ASP A 928 -31.37 44.45 -20.45
C ASP A 928 -31.09 45.06 -19.08
N SER A 929 -30.32 44.34 -18.27
CA SER A 929 -29.56 44.94 -17.18
C SER A 929 -28.13 45.14 -17.69
N GLY A 930 -27.53 46.27 -17.31
CA GLY A 930 -26.47 46.78 -18.14
C GLY A 930 -25.12 46.08 -18.19
N SER A 931 -24.28 46.27 -17.18
CA SER A 931 -22.95 45.67 -17.26
C SER A 931 -22.38 45.18 -15.95
N LYS A 932 -22.84 45.66 -14.80
CA LYS A 932 -22.17 45.36 -13.54
C LYS A 932 -22.48 43.93 -13.09
N VAL A 933 -21.43 43.16 -12.85
CA VAL A 933 -21.52 41.78 -12.40
C VAL A 933 -20.58 41.62 -11.21
N TYR A 934 -21.03 40.90 -10.19
CA TYR A 934 -20.29 40.77 -8.95
C TYR A 934 -19.57 39.43 -8.92
N ARG A 935 -18.25 39.46 -8.82
CA ARG A 935 -17.43 38.27 -8.90
C ARG A 935 -16.78 37.99 -7.56
N GLU A 936 -17.13 36.86 -6.95
CA GLU A 936 -16.59 36.48 -5.66
C GLU A 936 -15.37 35.58 -5.83
N LYS A 937 -14.32 35.85 -5.04
CA LYS A 937 -13.07 35.13 -5.15
C LYS A 937 -12.83 34.17 -4.00
N ASP A 938 -13.72 34.11 -3.02
CA ASP A 938 -13.64 33.15 -1.91
C ASP A 938 -14.66 32.04 -2.15
N ILE A 939 -14.30 31.09 -3.02
CA ILE A 939 -15.23 30.10 -3.51
C ILE A 939 -15.47 29.03 -2.46
N ILE A 940 -16.74 28.66 -2.25
CA ILE A 940 -17.09 27.62 -1.31
C ILE A 940 -16.62 26.27 -1.84
N THR A 941 -15.92 25.52 -1.01
CA THR A 941 -15.30 24.27 -1.43
C THR A 941 -16.15 23.07 -1.03
N HIS A 942 -15.86 21.94 -1.68
CA HIS A 942 -16.53 20.68 -1.43
C HIS A 942 -15.74 19.77 -0.50
N GLU A 943 -14.77 20.31 0.23
CA GLU A 943 -13.92 19.48 1.08
C GLU A 943 -14.64 18.99 2.31
N GLU A 944 -15.64 19.73 2.79
CA GLU A 944 -16.28 19.39 4.05
C GLU A 944 -17.69 19.93 4.08
N PHE A 945 -18.42 19.54 5.13
CA PHE A 945 -19.76 20.03 5.39
C PHE A 945 -19.64 21.12 6.44
N THR A 946 -19.70 22.37 6.00
CA THR A 946 -19.49 23.50 6.89
C THR A 946 -20.69 23.66 7.82
N GLU A 947 -20.43 24.20 9.02
CA GLU A 947 -21.47 24.25 10.05
C GLU A 947 -22.47 25.36 9.81
N GLU A 948 -22.01 26.53 9.38
CA GLU A 948 -22.90 27.66 9.19
C GLU A 948 -23.75 27.56 7.94
N LEU A 949 -23.48 26.62 7.04
CA LEU A 949 -24.18 26.53 5.78
C LEU A 949 -25.26 25.44 5.84
N LEU A 950 -26.05 25.33 4.79
CA LEU A 950 -27.20 24.44 4.73
C LEU A 950 -27.05 23.42 3.61
N SER A 951 -27.72 22.28 3.78
CA SER A 951 -27.75 21.23 2.78
C SER A 951 -29.04 20.44 2.94
N GLY A 952 -29.61 19.98 1.83
CA GLY A 952 -30.86 19.24 1.90
C GLY A 952 -31.48 18.97 0.54
N LYS A 953 -32.80 18.86 0.54
CA LYS A 953 -33.53 18.52 -0.67
C LYS A 953 -34.91 19.17 -0.70
N ILE A 954 -35.39 19.43 -1.91
CA ILE A 954 -36.69 20.03 -2.17
C ILE A 954 -37.48 19.08 -3.06
N ASN A 955 -38.71 18.78 -2.67
CA ASN A 955 -39.63 18.05 -3.52
C ASN A 955 -40.64 19.03 -4.10
N CYS A 956 -40.75 19.03 -5.43
CA CYS A 956 -41.57 19.96 -6.18
C CYS A 956 -42.50 19.22 -7.13
N LYS A 957 -43.62 19.86 -7.45
CA LYS A 957 -44.60 19.35 -8.40
C LYS A 957 -44.79 20.35 -9.51
N LEU A 958 -45.07 19.84 -10.70
CA LEU A 958 -45.13 20.63 -11.92
C LEU A 958 -46.47 20.44 -12.59
N GLU A 959 -47.11 21.55 -12.95
CA GLU A 959 -48.44 21.51 -13.53
C GLU A 959 -48.43 22.29 -14.84
N THR A 960 -49.15 21.77 -15.83
CA THR A 960 -49.17 22.37 -17.16
C THR A 960 -50.40 23.25 -17.32
N LEU A 961 -50.16 24.49 -17.73
CA LEU A 961 -51.22 25.44 -18.03
C LEU A 961 -51.58 25.46 -19.49
N THR A 962 -50.63 25.22 -20.37
CA THR A 962 -50.81 25.10 -21.80
C THR A 962 -50.28 23.72 -22.20
N PRO A 963 -50.61 23.22 -23.40
CA PRO A 963 -49.99 21.97 -23.87
C PRO A 963 -48.47 22.01 -24.00
N LEU A 964 -47.86 20.84 -23.87
CA LEU A 964 -46.43 20.66 -23.71
C LEU A 964 -45.87 19.66 -24.71
N ILE A 965 -44.74 20.00 -25.32
CA ILE A 965 -44.03 19.14 -26.28
C ILE A 965 -42.61 18.95 -25.79
N ILE A 966 -42.27 17.73 -25.39
CA ILE A 966 -40.89 17.33 -25.11
C ILE A 966 -40.59 16.12 -25.99
N PRO A 967 -39.74 16.27 -27.00
CA PRO A 967 -39.59 15.20 -27.99
C PRO A 967 -38.51 14.19 -27.65
N ASP A 968 -38.69 12.98 -28.18
CA ASP A 968 -37.75 11.86 -28.04
C ASP A 968 -37.01 11.75 -29.36
N THR A 969 -35.94 12.51 -29.50
CA THR A 969 -35.27 12.71 -30.77
C THR A 969 -34.21 11.66 -31.08
N SER A 970 -34.29 10.48 -30.46
CA SER A 970 -33.50 9.35 -30.91
C SER A 970 -34.08 8.76 -32.19
N ASP A 971 -35.35 8.39 -32.14
CA ASP A 971 -36.04 7.80 -33.28
C ASP A 971 -36.56 8.93 -34.18
N GLU A 972 -35.98 9.05 -35.37
CA GLU A 972 -36.40 10.08 -36.31
C GLU A 972 -37.69 9.70 -37.03
N ASN A 973 -37.90 8.40 -37.25
CA ASN A 973 -39.12 7.94 -37.90
C ASN A 973 -40.31 7.95 -36.94
N GLY A 974 -40.07 7.73 -35.65
CA GLY A 974 -41.05 8.08 -34.64
C GLY A 974 -42.25 7.14 -34.60
N LEU A 975 -43.43 7.71 -34.72
CA LEU A 975 -44.67 6.95 -34.77
C LEU A 975 -45.32 6.97 -36.14
N LYS A 976 -45.27 8.09 -36.84
CA LYS A 976 -45.88 8.22 -38.15
C LYS A 976 -44.93 7.65 -39.20
N LEU A 977 -45.49 6.94 -40.16
CA LEU A 977 -44.71 6.40 -41.25
C LEU A 977 -44.11 7.54 -42.08
N GLN A 978 -42.85 7.36 -42.46
CA GLN A 978 -42.14 8.22 -43.39
C GLN A 978 -42.11 7.67 -44.80
N GLY A 979 -42.73 6.52 -45.04
CA GLY A 979 -42.88 5.97 -46.37
C GLY A 979 -43.74 6.88 -47.22
N ASN A 980 -44.96 7.12 -46.76
CA ASN A 980 -45.71 8.27 -47.25
C ASN A 980 -45.05 9.53 -46.71
N LYS A 981 -45.15 10.63 -47.49
CA LYS A 981 -44.53 11.95 -47.34
C LYS A 981 -43.08 11.84 -46.86
N PRO A 982 -42.16 11.43 -47.74
CA PRO A 982 -40.81 11.10 -47.28
C PRO A 982 -40.00 12.33 -46.92
N GLY A 983 -39.23 12.21 -45.85
CA GLY A 983 -38.47 13.32 -45.31
C GLY A 983 -39.14 14.06 -44.19
N HIS A 984 -40.31 13.60 -43.75
CA HIS A 984 -41.13 14.30 -42.77
C HIS A 984 -40.79 13.76 -41.39
N LYS A 985 -40.11 14.56 -40.59
CA LYS A 985 -39.69 14.12 -39.27
C LYS A 985 -40.88 14.09 -38.32
N ASN A 986 -41.04 12.97 -37.63
CA ASN A 986 -42.05 12.88 -36.59
C ASN A 986 -41.47 12.14 -35.40
N TYR A 987 -41.91 12.53 -34.21
CA TYR A 987 -41.29 12.12 -32.97
C TYR A 987 -42.35 11.57 -32.02
N LYS A 988 -41.90 11.16 -30.85
CA LYS A 988 -42.76 10.77 -29.75
C LYS A 988 -42.37 11.57 -28.51
N PHE A 989 -43.16 11.43 -27.47
CA PHE A 989 -42.81 12.04 -26.19
C PHE A 989 -41.68 11.26 -25.56
N PHE A 990 -40.98 11.90 -24.63
CA PHE A 990 -39.81 11.30 -24.01
C PHE A 990 -40.23 10.16 -23.10
N ASN A 991 -39.63 8.99 -23.29
CA ASN A 991 -40.01 7.85 -22.48
C ASN A 991 -38.80 6.94 -22.25
N ILE A 992 -38.67 6.46 -21.03
CA ILE A 992 -37.75 5.40 -20.66
C ILE A 992 -38.61 4.21 -20.25
N ASN A 993 -38.57 3.14 -21.05
CA ASN A 993 -39.32 1.90 -20.82
C ASN A 993 -40.83 2.14 -20.78
N GLY A 994 -41.31 3.03 -21.64
CA GLY A 994 -42.74 3.26 -21.74
C GLY A 994 -43.33 4.15 -20.67
N GLU A 995 -42.52 4.93 -19.97
CA GLU A 995 -42.98 5.84 -18.93
C GLU A 995 -42.58 7.25 -19.28
N LEU A 996 -43.56 8.14 -19.34
CA LEU A 996 -43.34 9.50 -19.79
C LEU A 996 -42.56 10.28 -18.73
N MET A 997 -41.46 10.87 -19.16
CA MET A 997 -40.57 11.61 -18.26
C MET A 997 -40.14 12.91 -18.92
N ILE A 998 -39.63 13.82 -18.09
CA ILE A 998 -38.99 15.05 -18.54
C ILE A 998 -37.54 14.97 -18.10
N PRO A 999 -36.57 15.25 -18.97
CA PRO A 999 -35.17 15.19 -18.56
C PRO A 999 -34.79 16.28 -17.58
N GLY A 1000 -33.76 16.00 -16.78
CA GLY A 1000 -33.29 16.97 -15.81
C GLY A 1000 -32.52 18.12 -16.39
N SER A 1001 -31.94 17.94 -17.58
CA SER A 1001 -31.19 19.01 -18.22
C SER A 1001 -32.09 20.16 -18.66
N GLU A 1002 -33.32 19.86 -19.08
CA GLU A 1002 -34.28 20.89 -19.44
C GLU A 1002 -34.64 21.75 -18.24
N LEU A 1003 -34.94 21.10 -17.12
CA LEU A 1003 -35.27 21.81 -15.89
C LEU A 1003 -34.10 22.65 -15.39
N ARG A 1004 -32.88 22.09 -15.48
CA ARG A 1004 -31.70 22.83 -15.01
C ARG A 1004 -31.42 24.03 -15.90
N GLY A 1005 -31.60 23.91 -17.21
CA GLY A 1005 -31.38 25.05 -18.09
C GLY A 1005 -32.41 26.15 -17.91
N MET A 1006 -33.67 25.77 -17.70
CA MET A 1006 -34.73 26.74 -17.44
C MET A 1006 -34.48 27.52 -16.15
N LEU A 1007 -34.17 26.81 -15.06
CA LEU A 1007 -33.92 27.48 -13.79
C LEU A 1007 -32.61 28.26 -13.81
N ARG A 1008 -31.63 27.83 -14.59
CA ARG A 1008 -30.37 28.56 -14.68
C ARG A 1008 -30.55 29.87 -15.43
N THR A 1009 -31.33 29.86 -16.50
CA THR A 1009 -31.61 31.09 -17.24
C THR A 1009 -32.41 32.07 -16.38
N HIS A 1010 -33.36 31.57 -15.60
CA HIS A 1010 -34.09 32.44 -14.69
C HIS A 1010 -33.21 33.01 -13.58
N PHE A 1011 -32.30 32.20 -13.02
CA PHE A 1011 -31.42 32.66 -11.97
C PHE A 1011 -30.40 33.67 -12.49
N GLU A 1012 -29.92 33.48 -13.70
CA GLU A 1012 -28.97 34.42 -14.27
C GLU A 1012 -29.63 35.74 -14.64
N ALA A 1013 -30.89 35.70 -15.05
CA ALA A 1013 -31.60 36.95 -15.31
C ALA A 1013 -31.95 37.67 -14.02
N LEU A 1014 -32.17 36.93 -12.93
CA LEU A 1014 -32.51 37.54 -11.66
C LEU A 1014 -31.30 38.16 -10.98
N THR A 1015 -30.16 37.46 -10.98
CA THR A 1015 -29.02 37.84 -10.15
C THR A 1015 -27.97 38.66 -10.90
N LYS A 1016 -28.27 39.11 -12.12
CA LYS A 1016 -27.37 39.89 -12.97
C LYS A 1016 -26.04 39.19 -13.17
N SER A 1017 -26.09 38.02 -13.79
CA SER A 1017 -24.91 37.21 -14.04
C SER A 1017 -24.48 37.34 -15.48
N CYS A 1018 -23.40 36.67 -15.82
CA CYS A 1018 -22.86 36.76 -17.16
C CYS A 1018 -23.59 35.80 -18.10
N PHE A 1019 -23.32 35.96 -19.39
CA PHE A 1019 -23.83 35.04 -20.39
C PHE A 1019 -23.00 33.76 -20.29
N ALA A 1020 -23.63 32.65 -19.93
CA ALA A 1020 -22.89 31.41 -19.79
C ALA A 1020 -22.55 30.81 -21.15
N ILE A 1021 -23.53 30.72 -22.03
CA ILE A 1021 -23.39 30.10 -23.33
C ILE A 1021 -23.68 31.16 -24.38
N PHE A 1022 -22.64 31.62 -25.05
CA PHE A 1022 -22.76 32.73 -26.00
C PHE A 1022 -21.93 32.39 -27.21
N GLY A 1023 -22.57 32.35 -28.38
CA GLY A 1023 -21.87 32.07 -29.61
C GLY A 1023 -21.24 33.33 -30.17
N GLU A 1024 -19.92 33.31 -30.34
CA GLU A 1024 -19.21 34.40 -30.99
C GLU A 1024 -19.11 34.05 -32.47
N ASP A 1025 -20.22 34.26 -33.17
CA ASP A 1025 -20.42 33.77 -34.53
C ASP A 1025 -19.70 34.66 -35.53
N SER A 1026 -20.01 34.47 -36.81
CA SER A 1026 -19.36 35.21 -37.88
C SER A 1026 -19.92 36.62 -37.95
N THR A 1027 -19.40 37.40 -38.88
CA THR A 1027 -19.75 38.82 -39.00
C THR A 1027 -21.20 38.98 -39.44
N LEU A 1028 -21.96 39.70 -38.61
CA LEU A 1028 -23.36 39.99 -38.90
C LEU A 1028 -23.44 40.93 -40.08
N SER A 1029 -24.34 40.65 -41.02
CA SER A 1029 -24.54 41.49 -42.18
C SER A 1029 -25.70 42.45 -41.96
N TRP A 1030 -25.53 43.68 -42.44
CA TRP A 1030 -26.50 44.79 -42.31
C TRP A 1030 -26.90 45.07 -40.86
N LYS A 1389 -23.69 44.88 -47.51
CA LYS A 1389 -22.39 45.32 -47.00
C LYS A 1389 -21.97 44.49 -45.80
N CYS A 1390 -20.66 44.34 -45.63
CA CYS A 1390 -20.13 43.68 -44.44
C CYS A 1390 -20.01 44.70 -43.32
N ALA A 1391 -20.57 44.38 -42.17
CA ALA A 1391 -20.62 45.30 -41.05
C ALA A 1391 -19.34 45.18 -40.23
N SER A 1392 -19.35 45.72 -39.01
CA SER A 1392 -18.17 45.86 -38.18
C SER A 1392 -17.78 44.55 -37.51
N LYS A 1393 -16.98 44.65 -36.45
CA LYS A 1393 -16.43 43.51 -35.71
C LYS A 1393 -17.52 42.56 -35.23
N THR A 1394 -17.12 41.30 -35.02
CA THR A 1394 -18.02 40.19 -34.75
C THR A 1394 -18.76 40.38 -33.44
N LEU A 1395 -19.83 39.61 -33.27
CA LEU A 1395 -20.76 39.91 -32.18
C LEU A 1395 -20.27 39.42 -30.82
N GLY A 1396 -19.08 38.83 -30.74
CA GLY A 1396 -18.42 38.74 -29.46
C GLY A 1396 -17.82 40.07 -29.03
N GLY A 1397 -17.42 40.90 -30.00
CA GLY A 1397 -16.89 42.21 -29.69
C GLY A 1397 -17.95 43.27 -29.45
N LYS A 1398 -19.18 43.01 -29.88
CA LYS A 1398 -20.28 43.89 -29.53
C LYS A 1398 -20.61 43.80 -28.05
N LEU A 1399 -20.46 42.61 -27.46
CA LEU A 1399 -20.74 42.42 -26.06
C LEU A 1399 -19.68 43.08 -25.19
N ASP A 1400 -20.09 43.55 -24.02
CA ASP A 1400 -19.16 44.12 -23.06
C ASP A 1400 -18.29 43.02 -22.47
N LYS A 1401 -17.14 43.45 -21.94
CA LYS A 1401 -16.17 42.49 -21.42
C LYS A 1401 -16.62 41.87 -20.10
N ALA A 1402 -17.43 42.58 -19.33
CA ALA A 1402 -17.86 42.06 -18.04
C ALA A 1402 -18.91 40.98 -18.18
N LEU A 1403 -19.61 40.90 -19.30
CA LEU A 1403 -20.65 39.90 -19.51
C LEU A 1403 -20.16 38.69 -20.28
N HIS A 1404 -18.85 38.58 -20.51
CA HIS A 1404 -18.28 37.39 -21.12
C HIS A 1404 -18.32 36.23 -20.12
N PRO A 1405 -18.23 34.98 -20.59
CA PRO A 1405 -18.26 33.85 -19.64
C PRO A 1405 -17.03 33.80 -18.76
N CYS A 1406 -17.23 33.30 -17.54
CA CYS A 1406 -16.15 33.18 -16.58
C CYS A 1406 -15.20 32.08 -16.98
N THR A 1407 -13.93 32.41 -17.18
CA THR A 1407 -12.89 31.45 -17.50
C THR A 1407 -11.84 31.46 -16.40
N GLY A 1408 -11.65 30.33 -15.74
CA GLY A 1408 -10.69 30.22 -14.67
C GLY A 1408 -11.23 30.69 -13.34
N LEU A 1409 -10.54 30.29 -12.27
CA LEU A 1409 -10.91 30.64 -10.91
C LEU A 1409 -10.12 31.80 -10.35
N SER A 1410 -9.32 32.47 -11.18
CA SER A 1410 -8.50 33.58 -10.69
C SER A 1410 -9.32 34.86 -10.56
N ASP A 1411 -10.08 35.19 -11.59
CA ASP A 1411 -10.86 36.42 -11.64
C ASP A 1411 -12.24 36.29 -11.04
N GLY A 1412 -12.48 35.26 -10.23
CA GLY A 1412 -13.72 35.14 -9.50
C GLY A 1412 -14.82 34.51 -10.34
N LEU A 1413 -15.94 34.27 -9.66
CA LEU A 1413 -17.09 33.62 -10.27
C LEU A 1413 -18.35 34.47 -10.05
N CYS A 1414 -19.16 34.57 -11.09
CA CYS A 1414 -20.48 35.18 -11.01
C CYS A 1414 -21.40 34.31 -10.17
N PRO A 1415 -22.51 34.86 -9.65
CA PRO A 1415 -23.43 34.03 -8.84
C PRO A 1415 -24.03 32.83 -9.54
N GLY A 1416 -24.31 32.94 -10.84
CA GLY A 1416 -24.79 31.79 -11.58
C GLY A 1416 -23.74 30.71 -11.75
N CYS A 1417 -22.51 31.11 -12.00
CA CYS A 1417 -21.43 30.14 -12.14
C CYS A 1417 -20.99 29.61 -10.78
N HIS A 1418 -21.21 30.37 -9.71
CA HIS A 1418 -20.88 29.89 -8.38
C HIS A 1418 -21.92 28.92 -7.85
N LEU A 1419 -23.17 29.06 -8.28
CA LEU A 1419 -24.19 28.13 -7.81
C LEU A 1419 -24.36 26.93 -8.75
N PHE A 1420 -24.29 27.14 -10.06
CA PHE A 1420 -24.58 26.08 -11.00
C PHE A 1420 -23.34 25.43 -11.61
N GLY A 1421 -22.18 26.07 -11.52
CA GLY A 1421 -20.94 25.42 -11.88
C GLY A 1421 -20.33 25.97 -13.16
N THR A 1422 -19.09 25.56 -13.38
CA THR A 1422 -18.34 25.89 -14.58
C THR A 1422 -17.40 24.72 -14.89
N THR A 1423 -16.46 24.93 -15.80
CA THR A 1423 -15.58 23.85 -16.23
C THR A 1423 -14.51 23.54 -15.20
N ASP A 1424 -14.16 24.49 -14.33
CA ASP A 1424 -13.17 24.27 -13.30
C ASP A 1424 -13.78 24.14 -11.92
N TYR A 1425 -15.10 24.08 -11.81
CA TYR A 1425 -15.74 24.09 -10.50
C TYR A 1425 -17.08 23.38 -10.61
N LYS A 1426 -17.29 22.37 -9.78
CA LYS A 1426 -18.54 21.65 -9.73
C LYS A 1426 -19.62 22.50 -9.08
N GLY A 1427 -20.84 22.40 -9.59
CA GLY A 1427 -21.95 23.11 -9.01
C GLY A 1427 -22.41 22.52 -7.70
N ARG A 1428 -23.27 23.25 -7.01
CA ARG A 1428 -23.81 22.82 -5.73
C ARG A 1428 -25.31 22.54 -5.76
N VAL A 1429 -25.87 22.33 -6.94
CA VAL A 1429 -27.28 21.96 -7.10
C VAL A 1429 -27.36 20.81 -8.09
N LYS A 1430 -28.25 19.85 -7.83
CA LYS A 1430 -28.48 18.71 -8.70
C LYS A 1430 -29.97 18.55 -8.97
N PHE A 1431 -30.33 18.45 -10.25
CA PHE A 1431 -31.72 18.37 -10.71
C PHE A 1431 -32.01 16.99 -11.23
N GLY A 1432 -33.08 16.38 -10.75
CA GLY A 1432 -33.41 15.01 -11.12
C GLY A 1432 -34.41 14.91 -12.25
N PHE A 1433 -34.69 13.67 -12.62
CA PHE A 1433 -35.67 13.38 -13.67
C PHE A 1433 -37.07 13.45 -13.10
N ALA A 1434 -38.01 13.93 -13.91
CA ALA A 1434 -39.39 14.13 -13.48
C ALA A 1434 -40.26 13.01 -14.00
N LYS A 1435 -41.08 12.44 -13.12
CA LYS A 1435 -41.95 11.33 -13.49
C LYS A 1435 -43.40 11.78 -13.53
N TYR A 1436 -44.15 11.21 -14.47
CA TYR A 1436 -45.57 11.48 -14.61
C TYR A 1436 -46.32 10.80 -13.48
N GLU A 1437 -47.34 11.48 -12.94
CA GLU A 1437 -48.05 10.86 -11.83
C GLU A 1437 -49.57 10.97 -11.87
N ASN A 1438 -50.18 11.93 -12.58
CA ASN A 1438 -51.61 12.16 -12.40
C ASN A 1438 -52.14 12.87 -13.64
N GLY A 1439 -53.45 13.07 -13.66
CA GLY A 1439 -54.08 13.93 -14.64
C GLY A 1439 -54.43 13.23 -15.92
N PRO A 1440 -55.00 13.96 -16.87
CA PRO A 1440 -55.23 13.42 -18.21
C PRO A 1440 -53.93 13.38 -19.01
N GLU A 1441 -54.05 12.97 -20.27
CA GLU A 1441 -52.94 13.00 -21.21
C GLU A 1441 -53.54 12.99 -22.61
N TRP A 1442 -52.68 13.23 -23.59
CA TRP A 1442 -52.96 13.02 -25.02
C TRP A 1442 -54.13 13.88 -25.50
N LEU A 1443 -53.82 15.17 -25.70
CA LEU A 1443 -54.70 16.09 -26.41
C LEU A 1443 -55.21 15.49 -27.72
N ILE A 1444 -56.52 15.22 -27.77
CA ILE A 1444 -57.17 14.53 -28.88
C ILE A 1444 -57.60 15.54 -29.92
N THR A 1445 -57.30 15.25 -31.18
CA THR A 1445 -57.77 16.04 -32.31
C THR A 1445 -58.43 15.10 -33.32
N ARG A 1446 -59.48 15.59 -33.98
CA ARG A 1446 -60.40 14.71 -34.68
C ARG A 1446 -59.82 14.16 -35.97
N GLY A 1447 -59.58 15.03 -36.94
CA GLY A 1447 -59.13 14.52 -38.23
C GLY A 1447 -57.63 14.48 -38.30
N ASN A 1448 -57.08 13.31 -37.96
CA ASN A 1448 -55.65 13.13 -37.75
C ASN A 1448 -55.41 11.63 -37.64
N ASN A 1449 -54.25 11.18 -38.13
CA ASN A 1449 -54.01 9.75 -38.29
C ASN A 1449 -53.71 9.06 -36.96
N PRO A 1450 -52.95 9.65 -36.00
CA PRO A 1450 -53.25 9.34 -34.60
C PRO A 1450 -54.15 10.40 -34.01
N GLU A 1451 -54.90 10.08 -32.95
CA GLU A 1451 -55.71 11.11 -32.32
C GLU A 1451 -54.86 12.10 -31.54
N ARG A 1452 -53.66 11.72 -31.17
CA ARG A 1452 -52.62 12.60 -30.66
C ARG A 1452 -51.89 13.22 -31.86
N SER A 1453 -50.68 13.73 -31.64
CA SER A 1453 -49.70 14.02 -32.68
C SER A 1453 -50.18 15.13 -33.62
N LEU A 1454 -50.22 16.35 -33.06
CA LEU A 1454 -50.39 17.56 -33.85
C LEU A 1454 -49.23 17.74 -34.84
N THR A 1455 -49.55 18.36 -35.96
CA THR A 1455 -48.57 18.79 -36.95
C THR A 1455 -48.32 20.27 -36.75
N LEU A 1456 -47.07 20.64 -36.50
CA LEU A 1456 -46.78 22.01 -36.15
C LEU A 1456 -46.53 22.83 -37.41
N GLY A 1457 -46.21 24.11 -37.21
CA GLY A 1457 -45.83 24.99 -38.29
C GLY A 1457 -44.35 24.96 -38.51
N VAL A 1458 -43.85 25.97 -39.19
CA VAL A 1458 -42.43 26.04 -39.48
C VAL A 1458 -41.72 26.69 -38.30
N LEU A 1459 -40.46 26.30 -38.08
CA LEU A 1459 -39.64 26.83 -37.00
C LEU A 1459 -38.27 27.16 -37.58
N GLU A 1460 -38.15 28.33 -38.18
CA GLU A 1460 -36.93 28.72 -38.87
C GLU A 1460 -35.96 29.38 -37.90
N SER A 1461 -34.69 29.39 -38.29
CA SER A 1461 -33.59 29.81 -37.43
C SER A 1461 -33.71 31.28 -37.06
N PRO A 1462 -33.29 31.67 -35.84
CA PRO A 1462 -33.46 33.06 -35.42
C PRO A 1462 -32.42 33.95 -36.05
N ARG A 1463 -32.85 35.14 -36.46
CA ARG A 1463 -31.99 36.05 -37.19
C ARG A 1463 -31.67 37.26 -36.32
N PRO A 1464 -30.43 37.45 -35.88
CA PRO A 1464 -30.12 38.55 -34.98
C PRO A 1464 -29.95 39.90 -35.68
N ALA A 1465 -30.11 39.99 -37.00
CA ALA A 1465 -30.03 41.27 -37.68
C ALA A 1465 -31.27 42.12 -37.51
N PHE A 1466 -32.32 41.59 -36.87
CA PHE A 1466 -33.49 42.42 -36.57
C PHE A 1466 -33.30 43.25 -35.31
N SER A 1467 -32.47 42.79 -34.39
CA SER A 1467 -32.23 43.50 -33.15
C SER A 1467 -30.99 44.38 -33.18
N ILE A 1468 -30.04 44.10 -34.06
CA ILE A 1468 -28.82 44.89 -34.21
C ILE A 1468 -28.76 45.45 -35.61
N PRO A 1469 -29.58 46.45 -35.98
CA PRO A 1469 -29.60 46.86 -37.39
C PRO A 1469 -28.71 48.03 -37.77
N ASP A 1470 -27.47 48.10 -37.24
CA ASP A 1470 -26.47 49.12 -37.57
C ASP A 1470 -25.16 48.82 -36.84
N ASP A 1471 -24.12 49.63 -37.11
CA ASP A 1471 -22.82 49.42 -36.48
C ASP A 1471 -22.76 49.94 -35.05
N GLU A 1472 -23.69 50.81 -34.65
CA GLU A 1472 -23.97 51.07 -33.25
C GLU A 1472 -25.06 50.09 -32.80
N SER A 1473 -25.74 50.40 -31.69
CA SER A 1473 -26.91 49.67 -31.17
C SER A 1473 -26.56 48.21 -30.85
N GLU A 1474 -25.77 48.06 -29.80
CA GLU A 1474 -25.21 46.80 -29.31
C GLU A 1474 -26.25 45.77 -28.85
N ILE A 1475 -25.76 44.62 -28.42
CA ILE A 1475 -26.51 43.42 -28.03
C ILE A 1475 -27.55 43.72 -26.95
N PRO A 1476 -28.83 43.54 -27.24
CA PRO A 1476 -29.89 43.97 -26.31
C PRO A 1476 -30.29 42.94 -25.25
N GLY A 1477 -29.31 42.26 -24.68
CA GLY A 1477 -29.60 41.42 -23.55
C GLY A 1477 -30.28 40.11 -23.87
N ARG A 1478 -30.85 39.51 -22.83
CA ARG A 1478 -31.40 38.17 -22.92
C ARG A 1478 -32.78 38.19 -23.58
N LYS A 1479 -33.28 37.00 -23.91
CA LYS A 1479 -34.46 36.86 -24.74
C LYS A 1479 -35.46 35.92 -24.08
N PHE A 1480 -36.71 36.37 -23.96
CA PHE A 1480 -37.74 35.60 -23.30
C PHE A 1480 -38.99 35.60 -24.15
N TYR A 1481 -39.86 34.63 -23.91
CA TYR A 1481 -41.07 34.41 -24.67
C TYR A 1481 -42.29 34.64 -23.80
N LEU A 1482 -43.42 34.87 -24.44
CA LEU A 1482 -44.64 35.30 -23.77
C LEU A 1482 -45.61 34.13 -23.60
N HIS A 1483 -46.68 34.36 -22.86
CA HIS A 1483 -47.61 33.32 -22.49
C HIS A 1483 -48.95 33.59 -23.16
N HIS A 1484 -49.35 32.73 -24.08
CA HIS A 1484 -50.55 32.96 -24.87
C HIS A 1484 -51.05 31.65 -25.46
N ASN A 1485 -52.27 31.70 -25.96
CA ASN A 1485 -52.95 30.56 -26.56
C ASN A 1485 -52.95 30.63 -28.09
N GLY A 1486 -51.78 30.45 -28.71
CA GLY A 1486 -51.72 30.28 -30.16
C GLY A 1486 -51.91 28.85 -30.64
N TRP A 1487 -51.90 27.89 -29.71
CA TRP A 1487 -52.10 26.51 -30.07
C TRP A 1487 -53.51 26.23 -30.53
N ARG A 1488 -54.47 27.08 -30.19
CA ARG A 1488 -55.82 26.93 -30.71
C ARG A 1488 -55.85 27.17 -32.21
N ILE A 1489 -55.13 28.19 -32.68
CA ILE A 1489 -55.11 28.45 -34.11
C ILE A 1489 -54.14 27.52 -34.84
N ILE A 1490 -53.25 26.83 -34.11
CA ILE A 1490 -52.57 25.69 -34.74
C ILE A 1490 -53.53 24.51 -34.87
N ARG A 1491 -54.27 24.19 -33.80
CA ARG A 1491 -55.10 23.00 -33.75
C ARG A 1491 -56.29 23.06 -34.70
N GLN A 1492 -56.86 24.25 -34.91
CA GLN A 1492 -58.00 24.35 -35.81
C GLN A 1492 -57.57 24.21 -37.26
N LYS A 1493 -56.46 24.84 -37.62
CA LYS A 1493 -56.01 24.85 -39.02
C LYS A 1493 -55.05 23.71 -39.34
N GLN A 1494 -55.45 22.47 -39.03
CA GLN A 1494 -54.56 21.33 -39.25
C GLN A 1494 -54.48 20.95 -40.72
N LEU A 1495 -55.64 20.91 -41.39
CA LEU A 1495 -55.70 20.51 -42.79
C LEU A 1495 -55.08 21.55 -43.69
N GLU A 1496 -55.02 22.80 -43.25
CA GLU A 1496 -54.45 23.86 -44.07
C GLU A 1496 -52.93 23.74 -44.14
N ILE A 1497 -52.30 23.38 -43.03
CA ILE A 1497 -50.84 23.29 -43.00
C ILE A 1497 -50.35 21.89 -43.30
N ARG A 1498 -51.21 20.88 -43.25
CA ARG A 1498 -50.79 19.58 -43.77
C ARG A 1498 -50.63 19.60 -45.27
N GLU A 1499 -51.46 20.37 -45.97
CA GLU A 1499 -51.23 20.76 -47.34
C GLU A 1499 -50.44 22.06 -47.33
N THR A 1500 -50.21 22.61 -48.53
CA THR A 1500 -49.67 23.96 -48.77
C THR A 1500 -48.28 24.26 -48.20
N VAL A 1501 -47.62 23.30 -47.55
CA VAL A 1501 -46.23 23.45 -47.16
C VAL A 1501 -45.48 22.25 -47.70
N GLN A 1502 -44.16 22.40 -47.79
CA GLN A 1502 -43.33 21.26 -48.12
C GLN A 1502 -43.12 20.43 -46.85
N PRO A 1503 -43.35 19.12 -46.88
CA PRO A 1503 -43.29 18.32 -45.65
C PRO A 1503 -41.88 18.07 -45.12
N GLU A 1504 -40.85 18.55 -45.78
CA GLU A 1504 -39.51 18.53 -45.21
C GLU A 1504 -39.31 19.63 -44.18
N ARG A 1505 -40.02 20.75 -44.31
CA ARG A 1505 -39.89 21.87 -43.38
C ARG A 1505 -40.73 21.72 -42.13
N ASN A 1506 -41.55 20.69 -42.05
CA ASN A 1506 -42.52 20.50 -40.98
C ASN A 1506 -42.08 19.38 -40.04
N VAL A 1507 -42.71 19.31 -38.87
CA VAL A 1507 -42.39 18.33 -37.84
C VAL A 1507 -43.69 17.91 -37.16
N THR A 1508 -43.91 16.61 -37.01
CA THR A 1508 -45.08 16.08 -36.31
C THR A 1508 -44.65 15.46 -34.98
N THR A 1509 -45.39 15.74 -33.91
CA THR A 1509 -44.99 15.28 -32.58
C THR A 1509 -46.19 15.13 -31.68
N GLU A 1510 -46.10 14.21 -30.72
CA GLU A 1510 -47.16 14.01 -29.74
C GLU A 1510 -47.21 15.17 -28.75
N VAL A 1511 -48.40 15.41 -28.20
CA VAL A 1511 -48.62 16.51 -27.28
C VAL A 1511 -49.31 16.00 -26.02
N MET A 1512 -49.13 16.73 -24.93
CA MET A 1512 -49.81 16.45 -23.67
C MET A 1512 -50.77 17.59 -23.36
N ASP A 1513 -51.87 17.26 -22.72
CA ASP A 1513 -52.91 18.23 -22.45
C ASP A 1513 -52.54 19.06 -21.21
N LYS A 1514 -53.31 20.11 -20.97
CA LYS A 1514 -53.11 20.87 -19.75
C LYS A 1514 -53.77 20.17 -18.57
N GLY A 1515 -53.17 20.36 -17.40
CA GLY A 1515 -53.67 19.75 -16.19
C GLY A 1515 -52.90 18.53 -15.71
N ASN A 1516 -51.76 18.22 -16.29
CA ASN A 1516 -50.99 17.05 -15.89
C ASN A 1516 -49.97 17.42 -14.83
N VAL A 1517 -49.79 16.51 -13.87
CA VAL A 1517 -48.91 16.75 -12.74
C VAL A 1517 -47.69 15.84 -12.86
N PHE A 1518 -46.51 16.45 -12.87
CA PHE A 1518 -45.23 15.79 -12.79
C PHE A 1518 -44.63 16.04 -11.40
N SER A 1519 -43.64 15.24 -11.03
CA SER A 1519 -43.01 15.37 -9.72
C SER A 1519 -41.51 15.19 -9.83
N PHE A 1520 -40.75 16.07 -9.20
CA PHE A 1520 -39.29 15.99 -9.30
C PHE A 1520 -38.65 16.56 -8.04
N ASP A 1521 -37.34 16.37 -7.95
CA ASP A 1521 -36.56 16.67 -6.76
C ASP A 1521 -35.33 17.50 -7.11
N VAL A 1522 -34.98 18.42 -6.23
CA VAL A 1522 -33.75 19.19 -6.34
C VAL A 1522 -32.93 18.92 -5.09
N ARG A 1523 -31.63 18.71 -5.24
CA ARG A 1523 -30.78 18.40 -4.12
C ARG A 1523 -29.64 19.41 -4.05
N PHE A 1524 -29.28 19.85 -2.85
CA PHE A 1524 -28.30 20.92 -2.72
C PHE A 1524 -27.41 20.71 -1.50
N GLU A 1525 -26.16 21.14 -1.62
CA GLU A 1525 -25.19 21.04 -0.54
C GLU A 1525 -24.34 22.30 -0.46
N ASN A 1526 -24.04 22.70 0.78
CA ASN A 1526 -23.20 23.85 1.12
C ASN A 1526 -23.72 25.16 0.53
N LEU A 1527 -24.90 25.56 0.96
CA LEU A 1527 -25.50 26.81 0.53
C LEU A 1527 -25.64 27.78 1.69
N ARG A 1528 -25.52 29.07 1.39
CA ARG A 1528 -25.80 30.13 2.34
C ARG A 1528 -27.30 30.35 2.42
N GLU A 1529 -27.71 31.33 3.23
CA GLU A 1529 -29.14 31.53 3.42
C GLU A 1529 -29.77 32.27 2.26
N TRP A 1530 -29.06 33.24 1.67
CA TRP A 1530 -29.66 34.01 0.60
C TRP A 1530 -29.69 33.23 -0.71
N GLU A 1531 -28.76 32.29 -0.89
CA GLU A 1531 -28.80 31.43 -2.07
C GLU A 1531 -30.01 30.51 -2.04
N LEU A 1532 -30.30 29.92 -0.88
CA LEU A 1532 -31.48 29.09 -0.75
C LEU A 1532 -32.76 29.89 -0.87
N GLY A 1533 -32.77 31.13 -0.35
CA GLY A 1533 -33.93 31.99 -0.52
C GLY A 1533 -34.19 32.37 -1.96
N LEU A 1534 -33.15 32.74 -2.70
CA LEU A 1534 -33.32 33.07 -4.11
C LEU A 1534 -33.65 31.85 -4.96
N LEU A 1535 -33.19 30.66 -4.56
CA LEU A 1535 -33.56 29.44 -5.28
C LEU A 1535 -35.02 29.09 -5.08
N LEU A 1536 -35.51 29.20 -3.84
CA LEU A 1536 -36.93 28.96 -3.58
C LEU A 1536 -37.81 30.04 -4.20
N GLN A 1537 -37.28 31.24 -4.37
CA GLN A 1537 -38.05 32.25 -5.09
C GLN A 1537 -38.06 31.99 -6.59
N SER A 1538 -36.95 31.52 -7.15
CA SER A 1538 -36.89 31.23 -8.57
C SER A 1538 -37.67 29.98 -8.95
N LEU A 1539 -37.95 29.09 -8.00
CA LEU A 1539 -38.82 27.96 -8.30
C LEU A 1539 -40.27 28.40 -8.40
N ASP A 1540 -40.80 28.99 -7.33
CA ASP A 1540 -42.20 29.43 -7.27
C ASP A 1540 -42.20 30.93 -7.03
N PRO A 1541 -42.23 31.75 -8.08
CA PRO A 1541 -42.19 33.20 -7.90
C PRO A 1541 -43.54 33.83 -7.59
N GLY A 1542 -44.55 33.06 -7.24
CA GLY A 1542 -45.81 33.59 -6.79
C GLY A 1542 -46.94 33.24 -7.73
N LYS A 1543 -48.13 33.72 -7.37
CA LYS A 1543 -49.27 33.62 -8.25
C LYS A 1543 -49.07 34.52 -9.46
N ASN A 1544 -49.73 34.15 -10.55
CA ASN A 1544 -49.71 34.82 -11.85
C ASN A 1544 -48.32 34.88 -12.48
N ILE A 1545 -47.35 34.10 -12.02
CA ILE A 1545 -46.05 34.01 -12.68
C ILE A 1545 -45.77 32.53 -12.97
N ALA A 1546 -45.24 32.26 -14.16
CA ALA A 1546 -45.03 30.90 -14.62
C ALA A 1546 -43.85 30.87 -15.59
N HIS A 1547 -43.36 29.67 -15.86
CA HIS A 1547 -42.20 29.42 -16.70
C HIS A 1547 -42.59 28.97 -18.09
N LYS A 1548 -41.59 28.81 -18.95
CA LYS A 1548 -41.76 28.27 -20.29
C LYS A 1548 -40.76 27.15 -20.53
N LEU A 1549 -41.21 26.09 -21.20
CA LEU A 1549 -40.42 24.85 -21.29
C LEU A 1549 -40.84 24.07 -22.52
N GLY A 1550 -39.88 23.66 -23.33
CA GLY A 1550 -40.14 22.70 -24.37
C GLY A 1550 -40.14 23.33 -25.75
N LYS A 1551 -40.73 22.59 -26.68
CA LYS A 1551 -40.81 22.96 -28.08
C LYS A 1551 -42.08 23.76 -28.36
N GLY A 1552 -41.96 24.73 -29.26
CA GLY A 1552 -43.12 25.51 -29.68
C GLY A 1552 -43.42 26.71 -28.82
N LYS A 1553 -42.41 27.35 -28.27
CA LYS A 1553 -42.59 28.50 -27.40
C LYS A 1553 -43.08 29.78 -28.09
N PRO A 1554 -42.74 30.08 -29.35
CA PRO A 1554 -43.45 31.18 -30.02
C PRO A 1554 -44.92 30.91 -30.26
N TYR A 1555 -45.32 29.67 -30.48
CA TYR A 1555 -46.71 29.34 -30.74
C TYR A 1555 -47.52 29.18 -29.46
N GLY A 1556 -46.90 29.29 -28.30
CA GLY A 1556 -47.61 29.24 -27.05
C GLY A 1556 -47.53 27.94 -26.30
N PHE A 1557 -46.79 26.97 -26.78
CA PHE A 1557 -46.72 25.68 -26.13
C PHE A 1557 -45.80 25.72 -24.92
N GLY A 1558 -46.20 25.02 -23.87
CA GLY A 1558 -45.30 24.76 -22.77
C GLY A 1558 -45.17 25.83 -21.73
N SER A 1559 -46.25 26.15 -21.02
CA SER A 1559 -46.22 27.07 -19.90
C SER A 1559 -46.51 26.27 -18.65
N VAL A 1560 -45.51 26.17 -17.77
CA VAL A 1560 -45.57 25.30 -16.61
C VAL A 1560 -45.49 26.14 -15.34
N LYS A 1561 -45.99 25.58 -14.25
CA LYS A 1561 -46.01 26.23 -12.95
C LYS A 1561 -45.55 25.25 -11.89
N ILE A 1562 -44.59 25.66 -11.07
CA ILE A 1562 -43.94 24.79 -10.10
C ILE A 1562 -44.41 25.16 -8.71
N LYS A 1563 -44.83 24.16 -7.94
CA LYS A 1563 -45.19 24.33 -6.55
C LYS A 1563 -44.18 23.60 -5.68
N ILE A 1564 -43.73 24.26 -4.61
CA ILE A 1564 -42.74 23.69 -3.70
C ILE A 1564 -43.49 22.89 -2.64
N ASP A 1565 -43.40 21.56 -2.71
CA ASP A 1565 -44.17 20.72 -1.81
C ASP A 1565 -43.47 20.58 -0.46
N SER A 1566 -42.19 20.24 -0.46
CA SER A 1566 -41.52 20.07 0.82
C SER A 1566 -40.05 20.46 0.74
N LEU A 1567 -39.48 20.81 1.90
CA LEU A 1567 -38.08 21.18 2.01
C LEU A 1567 -37.49 20.52 3.25
N HIS A 1568 -36.47 19.68 3.07
CA HIS A 1568 -35.79 19.03 4.16
C HIS A 1568 -34.34 19.50 4.22
N THR A 1569 -33.81 19.62 5.43
CA THR A 1569 -32.42 20.03 5.62
C THR A 1569 -31.75 19.05 6.57
N PHE A 1570 -30.42 19.04 6.56
CA PHE A 1570 -29.67 18.24 7.51
C PHE A 1570 -28.35 18.91 7.83
N LYS A 1571 -27.89 18.71 9.06
CA LYS A 1571 -26.60 19.21 9.52
C LYS A 1571 -25.87 18.02 10.13
N ILE A 1572 -24.98 17.40 9.35
CA ILE A 1572 -24.43 16.11 9.72
C ILE A 1572 -23.17 16.19 10.56
N ASN A 1573 -22.65 17.38 10.80
CA ASN A 1573 -21.59 17.58 11.77
C ASN A 1573 -22.14 17.82 13.18
N SER A 1574 -23.44 17.61 13.40
CA SER A 1574 -24.06 17.73 14.71
C SER A 1574 -23.89 16.44 15.49
N ASN A 1575 -24.64 16.31 16.59
CA ASN A 1575 -24.55 15.10 17.41
C ASN A 1575 -25.17 13.89 16.71
N ASN A 1576 -26.21 14.11 15.91
CA ASN A 1576 -26.84 13.04 15.16
C ASN A 1576 -27.25 13.56 13.79
N ASP A 1577 -27.14 12.69 12.79
CA ASP A 1577 -27.55 13.03 11.42
C ASP A 1577 -29.06 13.00 11.36
N LYS A 1578 -29.69 14.15 11.58
CA LYS A 1578 -31.14 14.25 11.64
C LYS A 1578 -31.69 14.75 10.30
N ILE A 1579 -33.02 14.79 10.22
CA ILE A 1579 -33.74 15.38 9.10
C ILE A 1579 -34.88 16.21 9.68
N LYS A 1580 -34.94 17.48 9.33
CA LYS A 1580 -35.99 18.36 9.78
C LYS A 1580 -37.09 18.46 8.73
N ARG A 1581 -37.99 19.42 8.91
CA ARG A 1581 -39.11 19.63 8.01
C ARG A 1581 -39.19 21.07 7.49
N VAL A 1582 -38.53 22.04 8.13
CA VAL A 1582 -38.47 23.45 7.75
C VAL A 1582 -39.85 24.07 7.52
N PRO A 1583 -40.55 24.53 8.57
CA PRO A 1583 -41.90 25.10 8.40
C PRO A 1583 -41.95 26.42 7.66
N GLN A 1584 -43.15 27.01 7.55
CA GLN A 1584 -43.36 28.18 6.70
C GLN A 1584 -42.59 29.42 7.15
N SER A 1585 -42.35 29.57 8.46
CA SER A 1585 -41.70 30.77 8.96
C SER A 1585 -40.25 30.83 8.56
N ASP A 1586 -39.55 29.69 8.56
CA ASP A 1586 -38.14 29.68 8.23
C ASP A 1586 -37.90 29.91 6.74
N ILE A 1587 -38.78 29.38 5.89
CA ILE A 1587 -38.62 29.64 4.46
C ILE A 1587 -38.99 31.08 4.13
N ARG A 1588 -39.94 31.67 4.88
CA ARG A 1588 -40.21 33.10 4.73
C ARG A 1588 -39.00 33.95 5.11
N GLU A 1589 -38.32 33.57 6.18
CA GLU A 1589 -37.14 34.32 6.59
C GLU A 1589 -35.97 34.15 5.61
N TYR A 1590 -35.87 32.97 4.99
CA TYR A 1590 -34.86 32.76 3.95
C TYR A 1590 -35.12 33.64 2.73
N ILE A 1591 -36.38 33.75 2.32
CA ILE A 1591 -36.72 34.61 1.18
C ILE A 1591 -36.47 36.08 1.52
N ASN A 1592 -36.70 36.47 2.78
CA ASN A 1592 -36.40 37.85 3.19
C ASN A 1592 -34.90 38.13 3.16
N LYS A 1593 -34.08 37.15 3.55
CA LYS A 1593 -32.63 37.32 3.46
C LYS A 1593 -32.17 37.46 2.02
N GLY A 1594 -32.76 36.67 1.11
CA GLY A 1594 -32.42 36.82 -0.29
C GLY A 1594 -32.83 38.16 -0.86
N TYR A 1595 -33.98 38.67 -0.43
CA TYR A 1595 -34.45 39.97 -0.89
C TYR A 1595 -33.54 41.10 -0.41
N GLN A 1596 -33.06 41.01 0.84
CA GLN A 1596 -32.13 42.02 1.33
C GLN A 1596 -30.79 41.95 0.63
N LYS A 1597 -30.32 40.75 0.27
CA LYS A 1597 -29.08 40.63 -0.51
C LYS A 1597 -29.24 41.25 -1.89
N LEU A 1598 -30.42 41.11 -2.50
CA LEU A 1598 -30.64 41.70 -3.81
C LEU A 1598 -30.71 43.23 -3.73
N ILE A 1599 -31.31 43.76 -2.66
CA ILE A 1599 -31.34 45.21 -2.45
C ILE A 1599 -29.94 45.76 -2.20
N GLU A 1600 -29.12 45.02 -1.44
CA GLU A 1600 -27.74 45.42 -1.18
C GLU A 1600 -26.91 45.41 -2.46
N TRP A 1601 -27.16 44.46 -3.36
CA TRP A 1601 -26.46 44.49 -4.64
C TRP A 1601 -26.92 45.64 -5.51
N SER A 1602 -28.20 46.01 -5.43
CA SER A 1602 -28.68 47.14 -6.21
C SER A 1602 -28.10 48.46 -5.72
N GLY A 1603 -27.99 48.62 -4.40
CA GLY A 1603 -27.34 49.78 -3.82
C GLY A 1603 -28.27 50.87 -3.33
N ASN A 1604 -29.57 50.73 -3.55
CA ASN A 1604 -30.53 51.76 -3.15
C ASN A 1604 -30.88 51.56 -1.68
N ASN A 1605 -30.35 52.44 -0.83
CA ASN A 1605 -30.57 52.37 0.61
C ASN A 1605 -31.86 53.04 1.06
N SER A 1606 -32.76 53.39 0.14
CA SER A 1606 -34.00 54.05 0.52
C SER A 1606 -35.07 53.08 1.02
N ILE A 1607 -34.98 51.82 0.64
CA ILE A 1607 -35.99 50.83 1.03
C ILE A 1607 -35.71 50.40 2.47
N GLN A 1608 -36.75 50.40 3.31
CA GLN A 1608 -36.62 50.09 4.72
C GLN A 1608 -36.37 48.60 4.93
N LYS A 1609 -35.98 48.27 6.16
CA LYS A 1609 -35.83 46.89 6.60
C LYS A 1609 -36.90 46.59 7.64
N GLY A 1610 -37.56 45.46 7.48
CA GLY A 1610 -38.59 45.07 8.43
C GLY A 1610 -39.04 43.65 8.19
N ASN A 1611 -39.95 43.20 9.05
CA ASN A 1611 -40.52 41.85 8.95
C ASN A 1611 -41.82 41.85 8.13
N VAL A 1612 -41.75 42.44 6.95
CA VAL A 1612 -42.90 42.57 6.06
C VAL A 1612 -42.66 41.73 4.83
N LEU A 1613 -43.71 41.52 4.06
CA LEU A 1613 -43.61 40.73 2.84
C LEU A 1613 -42.98 41.56 1.73
N PRO A 1614 -42.05 41.01 0.97
CA PRO A 1614 -41.32 41.82 0.00
C PRO A 1614 -42.17 42.14 -1.22
N GLN A 1615 -41.83 43.24 -1.86
CA GLN A 1615 -42.46 43.66 -3.10
C GLN A 1615 -41.36 43.75 -4.14
N TRP A 1616 -41.33 42.78 -5.05
CA TRP A 1616 -40.19 42.62 -5.95
C TRP A 1616 -40.20 43.62 -7.09
N HIS A 1617 -41.30 44.32 -7.33
CA HIS A 1617 -41.37 45.25 -8.45
C HIS A 1617 -40.72 46.60 -8.16
N VAL A 1618 -40.04 46.76 -7.02
CA VAL A 1618 -39.35 48.02 -6.74
C VAL A 1618 -37.97 48.07 -7.37
N ILE A 1619 -37.44 46.93 -7.81
CA ILE A 1619 -36.18 46.89 -8.52
C ILE A 1619 -36.55 46.87 -10.00
N PRO A 1620 -35.85 47.61 -10.87
CA PRO A 1620 -36.28 47.74 -12.26
C PRO A 1620 -36.24 46.45 -13.09
N HIS A 1621 -35.13 45.72 -13.01
CA HIS A 1621 -34.96 44.56 -13.85
C HIS A 1621 -35.83 43.39 -13.40
N ILE A 1622 -36.11 43.29 -12.10
CA ILE A 1622 -37.04 42.28 -11.62
C ILE A 1622 -38.45 42.59 -12.11
N ASP A 1623 -38.78 43.88 -12.23
CA ASP A 1623 -40.09 44.26 -12.75
C ASP A 1623 -40.22 43.94 -14.23
N LYS A 1624 -39.18 44.20 -15.02
CA LYS A 1624 -39.21 43.82 -16.44
C LYS A 1624 -39.29 42.30 -16.62
N LEU A 1625 -38.50 41.56 -15.84
CA LEU A 1625 -38.49 40.11 -15.94
C LEU A 1625 -39.81 39.49 -15.51
N TYR A 1626 -40.44 40.05 -14.48
CA TYR A 1626 -41.73 39.49 -14.07
C TYR A 1626 -42.87 40.02 -14.92
N LYS A 1627 -42.66 41.07 -15.69
CA LYS A 1627 -43.63 41.41 -16.73
C LYS A 1627 -43.56 40.41 -17.88
N LEU A 1628 -42.34 39.92 -18.18
CA LEU A 1628 -42.19 38.96 -19.26
C LEU A 1628 -42.78 37.59 -18.91
N LEU A 1629 -42.93 37.27 -17.64
CA LEU A 1629 -43.39 35.96 -17.20
C LEU A 1629 -44.76 36.01 -16.54
N TRP A 1630 -45.61 36.93 -16.92
CA TRP A 1630 -46.93 37.07 -16.31
C TRP A 1630 -47.97 36.37 -17.19
N VAL A 1631 -48.81 35.55 -16.57
CA VAL A 1631 -49.86 34.83 -17.29
C VAL A 1631 -51.17 35.63 -17.21
N PRO A 1632 -51.72 36.05 -18.34
CA PRO A 1632 -52.97 36.82 -18.30
C PRO A 1632 -54.22 35.99 -18.07
N PHE A 1633 -54.26 34.75 -18.54
CA PHE A 1633 -55.48 33.96 -18.50
C PHE A 1633 -55.67 33.15 -17.23
N LEU A 1634 -54.89 33.44 -16.17
CA LEU A 1634 -54.96 32.59 -14.98
C LEU A 1634 -55.94 33.10 -13.94
N ASN A 1635 -56.12 34.42 -13.84
CA ASN A 1635 -56.97 35.00 -12.80
C ASN A 1635 -58.43 35.07 -13.21
N ASP A 1636 -58.87 34.21 -14.13
CA ASP A 1636 -60.25 34.06 -14.61
C ASP A 1636 -60.77 35.35 -15.25
N SER A 1637 -59.86 36.21 -15.72
CA SER A 1637 -60.29 37.36 -16.48
C SER A 1637 -60.71 36.90 -17.88
N LYS A 1638 -61.66 37.63 -18.47
CA LYS A 1638 -62.14 37.24 -19.78
C LYS A 1638 -61.14 37.55 -20.88
N LEU A 1639 -60.10 38.33 -20.60
CA LEU A 1639 -59.21 38.79 -21.65
C LEU A 1639 -58.16 37.74 -21.98
N GLU A 1640 -57.79 37.66 -23.26
CA GLU A 1640 -56.71 36.85 -23.76
C GLU A 1640 -56.10 37.59 -24.94
N PRO A 1641 -54.79 37.74 -24.98
CA PRO A 1641 -54.17 38.56 -26.02
C PRO A 1641 -54.04 37.79 -27.33
N ASP A 1642 -53.52 38.49 -28.34
CA ASP A 1642 -53.27 37.93 -29.66
C ASP A 1642 -51.80 38.16 -29.99
N VAL A 1643 -51.02 37.09 -30.03
CA VAL A 1643 -49.58 37.15 -30.13
C VAL A 1643 -49.13 36.38 -31.38
N ARG A 1644 -48.43 37.05 -32.29
CA ARG A 1644 -48.17 36.53 -33.62
C ARG A 1644 -47.12 37.36 -34.33
N TYR A 1645 -46.32 36.72 -35.18
CA TYR A 1645 -45.30 37.41 -35.97
C TYR A 1645 -45.93 38.09 -37.19
N PRO A 1646 -45.27 39.11 -37.73
CA PRO A 1646 -45.67 39.66 -39.03
C PRO A 1646 -45.38 38.70 -40.17
N VAL A 1647 -45.99 38.96 -41.32
CA VAL A 1647 -46.20 37.93 -42.33
C VAL A 1647 -45.59 38.28 -43.70
N LEU A 1648 -44.57 39.14 -43.75
CA LEU A 1648 -43.71 39.34 -44.92
C LEU A 1648 -44.40 39.75 -46.22
N ASN A 1649 -44.73 41.05 -46.34
CA ASN A 1649 -45.03 41.77 -47.59
C ASN A 1649 -46.19 41.12 -48.35
N GLU A 1650 -47.36 41.29 -47.72
CA GLU A 1650 -48.62 40.63 -48.02
C GLU A 1650 -49.05 40.75 -49.47
N GLU A 1651 -49.99 39.87 -49.87
CA GLU A 1651 -49.91 38.93 -50.98
C GLU A 1651 -49.05 37.76 -50.54
N SER A 1652 -49.07 37.48 -49.24
CA SER A 1652 -48.53 36.29 -48.60
C SER A 1652 -49.69 35.45 -48.09
N LYS A 1653 -49.38 34.42 -47.30
CA LYS A 1653 -50.38 33.41 -47.01
C LYS A 1653 -51.40 33.90 -45.99
N GLY A 1654 -50.98 34.16 -44.76
CA GLY A 1654 -51.92 34.55 -43.74
C GLY A 1654 -51.95 36.03 -43.47
N TYR A 1655 -52.93 36.73 -44.01
CA TYR A 1655 -53.05 38.18 -43.87
C TYR A 1655 -54.32 38.56 -43.14
N ILE A 1656 -55.46 37.96 -43.52
CA ILE A 1656 -56.73 37.91 -42.80
C ILE A 1656 -57.46 39.26 -42.68
N GLU A 1657 -56.84 40.36 -43.09
CA GLU A 1657 -57.38 41.70 -43.06
C GLU A 1657 -56.37 42.59 -43.78
N GLY A 1658 -56.77 43.84 -44.03
CA GLY A 1658 -55.85 44.87 -44.48
C GLY A 1658 -55.22 45.55 -43.25
N SER A 1659 -54.32 44.80 -42.62
CA SER A 1659 -53.86 45.12 -41.27
C SER A 1659 -52.60 45.97 -41.22
N ASP A 1660 -51.85 46.03 -42.33
CA ASP A 1660 -50.55 46.70 -42.41
C ASP A 1660 -49.59 46.19 -41.33
N TYR A 1661 -49.47 44.86 -41.26
CA TYR A 1661 -48.68 44.15 -40.27
C TYR A 1661 -47.66 43.28 -40.97
N THR A 1662 -46.95 43.88 -41.92
CA THR A 1662 -45.95 43.21 -42.72
C THR A 1662 -44.57 43.65 -42.30
N TYR A 1663 -43.58 42.86 -42.70
CA TYR A 1663 -42.19 43.23 -42.48
C TYR A 1663 -41.71 44.28 -43.47
N LYS A 1664 -42.49 44.55 -44.51
CA LYS A 1664 -42.15 45.63 -45.44
C LYS A 1664 -42.43 46.98 -44.81
N LYS A 1665 -43.47 47.09 -44.00
CA LYS A 1665 -43.79 48.34 -43.32
C LYS A 1665 -43.09 48.50 -41.98
N LEU A 1666 -42.92 47.44 -41.21
CA LEU A 1666 -42.13 47.49 -40.00
C LEU A 1666 -40.64 47.37 -40.24
N GLY A 1667 -40.19 47.43 -41.49
CA GLY A 1667 -38.80 47.19 -41.80
C GLY A 1667 -37.95 48.41 -42.07
N ASP A 1668 -38.47 49.36 -42.82
CA ASP A 1668 -37.67 50.48 -43.30
C ASP A 1668 -37.74 51.66 -42.33
N LYS A 1669 -36.86 52.64 -42.57
CA LYS A 1669 -36.75 53.81 -41.71
C LYS A 1669 -37.65 54.94 -42.19
N ASP A 1670 -38.89 54.60 -42.55
CA ASP A 1670 -39.88 55.57 -42.96
C ASP A 1670 -41.15 55.46 -42.13
N ASN A 1671 -41.55 54.24 -41.78
CA ASN A 1671 -42.63 54.04 -40.83
C ASN A 1671 -42.14 54.00 -39.41
N LEU A 1672 -40.91 53.54 -39.19
CA LEU A 1672 -40.27 53.63 -37.89
C LEU A 1672 -38.75 53.67 -38.08
N PRO A 1673 -38.04 54.54 -37.40
CA PRO A 1673 -36.58 54.49 -37.42
C PRO A 1673 -36.05 53.32 -36.59
N TYR A 1674 -34.73 53.26 -36.49
CA TYR A 1674 -34.10 52.08 -35.91
C TYR A 1674 -34.19 52.06 -34.39
N LYS A 1675 -33.99 53.23 -33.76
CA LYS A 1675 -33.91 53.29 -32.31
C LYS A 1675 -35.26 53.02 -31.67
N THR A 1676 -36.35 53.42 -32.32
CA THR A 1676 -37.66 53.10 -31.77
C THR A 1676 -38.00 51.62 -31.98
N ARG A 1677 -37.40 50.96 -32.96
CA ARG A 1677 -37.55 49.52 -33.10
C ARG A 1677 -36.86 48.79 -31.96
N VAL A 1678 -35.63 49.20 -31.63
CA VAL A 1678 -34.94 48.58 -30.50
C VAL A 1678 -35.65 48.87 -29.20
N LYS A 1679 -36.24 50.07 -29.08
CA LYS A 1679 -37.01 50.42 -27.89
C LYS A 1679 -38.29 49.59 -27.80
N GLY A 1680 -38.91 49.28 -28.94
CA GLY A 1680 -40.10 48.44 -28.91
C GLY A 1680 -39.79 46.99 -28.62
N LEU A 1681 -38.61 46.52 -29.03
CA LEU A 1681 -38.21 45.17 -28.68
C LEU A 1681 -37.76 45.07 -27.23
N THR A 1682 -37.35 46.17 -26.61
CA THR A 1682 -36.82 46.13 -25.26
C THR A 1682 -37.89 46.21 -24.18
N THR A 1683 -38.98 46.93 -24.40
CA THR A 1683 -40.02 47.07 -23.39
C THR A 1683 -41.05 45.96 -23.52
N PRO A 1684 -41.29 45.16 -22.49
CA PRO A 1684 -42.22 44.04 -22.63
C PRO A 1684 -43.67 44.44 -22.70
N TRP A 1685 -44.44 43.59 -23.37
CA TRP A 1685 -45.89 43.64 -23.55
C TRP A 1685 -46.38 44.90 -24.27
N SER A 1686 -45.51 45.56 -24.98
CA SER A 1686 -45.95 46.75 -25.68
C SER A 1686 -46.61 46.36 -27.00
N PRO A 1687 -47.72 47.01 -27.42
CA PRO A 1687 -48.36 46.70 -28.68
C PRO A 1687 -47.57 46.88 -29.97
N TRP A 1688 -47.82 46.07 -30.97
CA TRP A 1688 -47.16 46.23 -32.27
C TRP A 1688 -48.21 46.50 -33.34
N ASN A 1689 -49.48 46.60 -33.00
CA ASN A 1689 -50.48 46.97 -34.03
C ASN A 1689 -51.71 47.56 -33.36
N PRO A 1690 -51.99 48.89 -33.31
CA PRO A 1690 -51.08 49.95 -33.71
C PRO A 1690 -49.80 50.07 -32.87
N PHE A 1691 -48.75 50.70 -33.41
CA PHE A 1691 -47.42 50.82 -32.76
C PHE A 1691 -47.44 51.77 -31.55
N GLN A 1692 -46.46 51.69 -30.67
CA GLN A 1692 -46.42 52.59 -29.50
C GLN A 1692 -44.99 52.95 -29.12
N PRO B 14 18.45 40.67 -10.51
CA PRO B 14 17.58 39.73 -9.78
C PRO B 14 16.52 39.08 -10.65
N THR B 15 16.82 37.89 -11.18
CA THR B 15 15.84 37.09 -11.90
C THR B 15 15.10 36.18 -10.92
N ARG B 16 14.16 35.38 -11.45
CA ARG B 16 13.34 34.54 -10.57
C ARG B 16 14.10 33.32 -10.07
N GLU B 17 15.21 32.96 -10.72
CA GLU B 17 16.12 31.97 -10.17
C GLU B 17 16.69 32.42 -8.84
N ASP B 18 17.11 33.69 -8.74
CA ASP B 18 17.65 34.20 -7.49
C ASP B 18 16.57 34.36 -6.43
N ILE B 19 15.34 34.70 -6.83
CA ILE B 19 14.23 34.81 -5.88
C ILE B 19 13.90 33.45 -5.27
N ASP B 20 13.79 32.43 -6.13
CA ASP B 20 13.47 31.09 -5.63
C ASP B 20 14.63 30.49 -4.84
N ARG B 21 15.88 30.80 -5.21
CA ARG B 21 17.01 30.33 -4.43
C ARG B 21 17.04 30.99 -3.05
N LYS B 22 16.70 32.27 -2.96
CA LYS B 22 16.71 32.95 -1.66
C LYS B 22 15.57 32.46 -0.78
N GLU B 23 14.43 32.09 -1.38
CA GLU B 23 13.35 31.49 -0.58
C GLU B 23 13.74 30.10 -0.06
N ALA B 24 14.37 29.28 -0.90
CA ALA B 24 14.82 27.97 -0.45
C ALA B 24 15.90 28.07 0.61
N GLU B 25 16.78 29.07 0.50
CA GLU B 25 17.81 29.26 1.51
C GLU B 25 17.22 29.73 2.83
N ARG B 26 16.15 30.53 2.78
CA ARG B 26 15.44 30.89 4.01
C ARG B 26 14.82 29.67 4.67
N LEU B 27 14.22 28.77 3.87
CA LEU B 27 13.65 27.55 4.43
C LEU B 27 14.71 26.65 5.03
N LEU B 28 15.87 26.54 4.39
CA LEU B 28 16.94 25.69 4.92
C LEU B 28 17.55 26.29 6.18
N ASP B 29 17.62 27.62 6.26
CA ASP B 29 18.10 28.24 7.49
C ASP B 29 17.09 28.14 8.61
N GLU B 30 15.80 27.99 8.31
CA GLU B 30 14.83 27.69 9.35
C GLU B 30 14.91 26.23 9.78
N ALA B 31 15.25 25.33 8.86
CA ALA B 31 15.41 23.93 9.21
C ALA B 31 16.70 23.64 9.97
N PHE B 32 17.73 24.46 9.80
CA PHE B 32 18.97 24.34 10.55
C PHE B 32 18.91 24.92 11.95
N ASN B 33 17.73 25.26 12.45
CA ASN B 33 17.60 25.87 13.76
C ASN B 33 17.37 24.79 14.83
N PRO B 34 18.05 24.87 15.97
CA PRO B 34 17.89 23.83 16.99
C PRO B 34 16.58 23.87 17.75
N ARG B 35 15.82 24.96 17.68
CA ARG B 35 14.55 25.05 18.37
C ARG B 35 13.40 24.41 17.61
N THR B 36 13.67 23.80 16.45
CA THR B 36 12.62 23.20 15.64
C THR B 36 12.43 21.73 16.01
N LYS B 37 11.17 21.31 16.11
CA LYS B 37 10.84 19.91 16.31
C LYS B 37 11.08 19.13 15.01
N PRO B 38 11.30 17.81 15.09
CA PRO B 38 11.60 17.05 13.87
C PRO B 38 10.45 16.92 12.89
N VAL B 39 9.21 16.90 13.37
CA VAL B 39 8.06 16.71 12.50
C VAL B 39 7.80 17.92 11.62
N ASP B 40 8.33 19.09 11.97
CA ASP B 40 8.28 20.24 11.08
C ASP B 40 9.49 20.29 10.15
N ARG B 41 10.63 19.80 10.63
CA ARG B 41 11.85 19.79 9.82
C ARG B 41 11.70 18.89 8.62
N LYS B 42 11.04 17.74 8.79
CA LYS B 42 10.85 16.82 7.67
C LYS B 42 9.95 17.39 6.58
N LYS B 43 9.11 18.37 6.90
CA LYS B 43 8.30 19.05 5.90
C LYS B 43 9.03 20.23 5.25
N ILE B 44 9.80 20.97 6.05
CA ILE B 44 10.53 22.13 5.54
C ILE B 44 11.58 21.71 4.51
N ILE B 45 12.30 20.62 4.78
CA ILE B 45 13.34 20.16 3.87
C ILE B 45 12.73 19.71 2.55
N ASN B 46 11.57 19.08 2.62
CA ASN B 46 10.90 18.59 1.42
C ASN B 46 10.36 19.73 0.56
N SER B 47 9.90 20.82 1.19
CA SER B 47 9.49 22.00 0.42
C SER B 47 10.68 22.67 -0.28
N ALA B 48 11.81 22.79 0.42
CA ALA B 48 12.99 23.39 -0.18
C ALA B 48 13.52 22.56 -1.33
N LEU B 49 13.49 21.24 -1.19
CA LEU B 49 13.95 20.38 -2.26
C LEU B 49 13.01 20.40 -3.44
N LYS B 50 11.70 20.58 -3.20
CA LYS B 50 10.74 20.76 -4.28
C LYS B 50 11.09 21.97 -5.15
N ILE B 51 11.38 23.10 -4.50
CA ILE B 51 11.72 24.32 -5.25
C ILE B 51 13.03 24.15 -6.03
N LEU B 52 14.05 23.57 -5.39
CA LEU B 52 15.36 23.49 -6.05
C LEU B 52 15.38 22.48 -7.19
N ILE B 53 14.68 21.35 -7.04
CA ILE B 53 14.64 20.38 -8.12
C ILE B 53 13.75 20.89 -9.27
N GLY B 54 12.76 21.74 -8.97
CA GLY B 54 12.06 22.43 -10.04
C GLY B 54 12.96 23.35 -10.85
N LEU B 55 13.84 24.09 -10.17
CA LEU B 55 14.80 24.93 -10.89
C LEU B 55 15.77 24.10 -11.73
N TYR B 56 16.16 22.93 -11.22
CA TYR B 56 17.08 22.08 -11.98
C TYR B 56 16.41 21.50 -13.23
N LYS B 57 15.17 21.04 -13.09
CA LYS B 57 14.42 20.54 -14.24
C LYS B 57 14.14 21.63 -15.26
N GLU B 58 14.06 22.89 -14.82
CA GLU B 58 13.94 23.98 -15.78
C GLU B 58 15.26 24.24 -16.51
N LYS B 59 16.35 24.38 -15.78
CA LYS B 59 17.60 24.94 -16.32
C LYS B 59 18.77 23.99 -16.10
N LYS B 60 18.60 22.73 -16.49
CA LYS B 60 19.50 21.57 -16.29
C LYS B 60 21.01 21.80 -16.25
N ASP B 61 21.57 22.54 -17.20
CA ASP B 61 23.00 22.80 -17.16
C ASP B 61 23.32 24.28 -17.08
N ASP B 62 22.31 25.14 -17.11
CA ASP B 62 22.51 26.58 -17.00
C ASP B 62 22.49 27.05 -15.55
N LEU B 63 22.47 26.12 -14.60
CA LEU B 63 22.39 26.51 -13.20
C LEU B 63 23.73 27.02 -12.70
N THR B 64 23.67 27.97 -11.78
CA THR B 64 24.85 28.50 -11.14
C THR B 64 25.31 27.56 -10.04
N SER B 65 26.44 27.91 -9.42
CA SER B 65 27.01 27.04 -8.39
C SER B 65 26.24 27.12 -7.08
N ALA B 66 25.57 28.25 -6.83
CA ALA B 66 24.90 28.45 -5.55
C ALA B 66 23.70 27.53 -5.37
N SER B 67 22.95 27.26 -6.44
CA SER B 67 21.83 26.35 -6.34
C SER B 67 22.29 24.92 -6.12
N PHE B 68 23.43 24.55 -6.70
CA PHE B 68 24.00 23.23 -6.46
C PHE B 68 24.44 23.07 -5.02
N ILE B 69 25.00 24.12 -4.43
CA ILE B 69 25.39 24.09 -3.03
C ILE B 69 24.16 23.95 -2.13
N SER B 70 23.06 24.62 -2.48
CA SER B 70 21.85 24.50 -1.68
C SER B 70 21.21 23.12 -1.78
N ILE B 71 21.29 22.49 -2.95
CA ILE B 71 20.78 21.12 -3.10
C ILE B 71 21.62 20.15 -2.26
N ALA B 72 22.94 20.33 -2.24
CA ALA B 72 23.80 19.46 -1.43
C ALA B 72 23.53 19.63 0.06
N ARG B 73 23.27 20.86 0.51
CA ARG B 73 22.92 21.07 1.91
C ARG B 73 21.59 20.43 2.28
N ALA B 74 20.61 20.51 1.37
CA ALA B 74 19.32 19.88 1.62
C ALA B 74 19.45 18.36 1.70
N TYR B 75 20.36 17.79 0.91
CA TYR B 75 20.51 16.34 1.00
C TYR B 75 21.30 15.92 2.23
N TYR B 76 22.17 16.79 2.76
CA TYR B 76 22.75 16.54 4.07
C TYR B 76 21.68 16.51 5.16
N LEU B 77 20.70 17.42 5.08
CA LEU B 77 19.60 17.40 6.05
C LEU B 77 18.73 16.15 5.91
N VAL B 78 18.47 15.72 4.67
CA VAL B 78 17.73 14.48 4.42
C VAL B 78 18.48 13.29 5.01
N SER B 79 19.81 13.31 4.91
CA SER B 79 20.60 12.22 5.48
C SER B 79 20.52 12.20 7.01
N ILE B 80 20.53 13.35 7.65
CA ILE B 80 20.47 13.33 9.12
C ILE B 80 19.06 13.17 9.67
N THR B 81 18.03 13.29 8.84
CA THR B 81 16.68 13.08 9.35
C THR B 81 16.17 11.66 9.20
N ILE B 82 16.98 10.73 8.71
CA ILE B 82 16.61 9.33 8.58
C ILE B 82 17.22 8.55 9.73
N LEU B 83 16.38 7.99 10.57
CA LEU B 83 16.78 7.29 11.78
C LEU B 83 16.99 5.81 11.49
N PRO B 84 18.02 5.19 12.06
CA PRO B 84 18.26 3.77 11.82
C PRO B 84 17.30 2.88 12.60
N LYS B 85 16.75 1.89 11.91
CA LYS B 85 15.86 0.90 12.49
C LYS B 85 16.54 -0.46 12.46
N GLY B 86 16.50 -1.17 13.57
CA GLY B 86 17.25 -2.39 13.67
C GLY B 86 18.73 -2.12 13.89
N THR B 87 19.53 -3.17 13.71
CA THR B 87 20.98 -3.05 13.81
C THR B 87 21.57 -3.19 12.41
N THR B 88 21.49 -2.10 11.64
CA THR B 88 21.96 -1.94 10.27
C THR B 88 21.83 -0.47 9.93
N ILE B 89 22.83 0.09 9.26
CA ILE B 89 22.69 1.46 8.75
C ILE B 89 21.82 1.36 7.50
N PRO B 90 20.73 2.12 7.41
CA PRO B 90 19.80 1.94 6.28
C PRO B 90 20.37 2.49 4.99
N GLU B 91 19.87 1.95 3.89
CA GLU B 91 20.39 2.32 2.58
C GLU B 91 19.90 3.67 2.11
N LYS B 92 18.85 4.20 2.74
CA LYS B 92 18.37 5.53 2.40
C LYS B 92 19.37 6.62 2.78
N LYS B 93 20.07 6.43 3.89
CA LYS B 93 21.13 7.36 4.31
C LYS B 93 22.25 7.40 3.29
N LYS B 94 22.69 6.23 2.83
CA LYS B 94 23.74 6.16 1.84
C LYS B 94 23.30 6.73 0.50
N GLU B 95 22.03 6.55 0.14
CA GLU B 95 21.53 7.11 -1.10
C GLU B 95 21.48 8.65 -1.04
N ALA B 96 21.10 9.20 0.12
CA ALA B 96 21.07 10.65 0.27
C ALA B 96 22.46 11.25 0.19
N LEU B 97 23.44 10.63 0.85
CA LEU B 97 24.81 11.15 0.81
C LEU B 97 25.42 11.00 -0.58
N ARG B 98 25.09 9.93 -1.29
CA ARG B 98 25.59 9.73 -2.65
C ARG B 98 25.03 10.76 -3.62
N LYS B 99 23.73 11.07 -3.49
CA LYS B 99 23.14 12.08 -4.35
C LYS B 99 23.68 13.47 -4.06
N GLY B 100 23.96 13.76 -2.79
CA GLY B 100 24.56 15.06 -2.47
C GLY B 100 25.96 15.23 -3.03
N ILE B 101 26.76 14.16 -2.97
CA ILE B 101 28.11 14.20 -3.54
C ILE B 101 28.05 14.38 -5.05
N GLU B 102 27.15 13.66 -5.72
CA GLU B 102 27.02 13.78 -7.17
C GLU B 102 26.48 15.14 -7.59
N PHE B 103 25.70 15.79 -6.73
CA PHE B 103 25.25 17.15 -7.05
C PHE B 103 26.35 18.17 -6.87
N ILE B 104 27.17 18.06 -5.81
CA ILE B 104 28.20 19.07 -5.58
C ILE B 104 29.41 18.88 -6.49
N ASP B 105 29.58 17.69 -7.08
CA ASP B 105 30.66 17.51 -8.04
C ASP B 105 30.43 18.31 -9.31
N ARG B 106 29.17 18.58 -9.66
CA ARG B 106 28.89 19.42 -10.81
C ARG B 106 29.26 20.88 -10.55
N ALA B 107 29.07 21.36 -9.32
CA ALA B 107 29.51 22.70 -8.99
C ALA B 107 31.03 22.79 -8.87
N ILE B 108 31.69 21.69 -8.53
CA ILE B 108 33.15 21.69 -8.53
C ILE B 108 33.69 21.75 -9.95
N ASN B 109 33.14 20.91 -10.84
CA ASN B 109 33.62 20.87 -12.22
C ASN B 109 33.10 22.01 -13.08
N LYS B 110 32.13 22.79 -12.61
CA LYS B 110 31.72 24.00 -13.32
C LYS B 110 32.48 25.21 -12.78
N PHE B 111 33.66 25.41 -13.36
CA PHE B 111 34.63 26.40 -12.93
C PHE B 111 34.16 27.84 -13.19
N ASN B 112 35.07 28.78 -12.90
CA ASN B 112 34.89 30.22 -13.10
C ASN B 112 33.76 30.78 -12.23
N GLY B 113 33.86 30.50 -10.93
CA GLY B 113 33.08 31.18 -9.93
C GLY B 113 33.97 32.03 -9.02
N SER B 114 33.37 32.52 -7.94
CA SER B 114 34.15 33.24 -6.94
C SER B 114 34.93 32.27 -6.09
N ILE B 115 35.93 32.79 -5.38
CA ILE B 115 36.74 31.94 -4.52
C ILE B 115 35.96 31.55 -3.26
N LEU B 116 35.00 32.38 -2.86
CA LEU B 116 34.16 32.06 -1.71
C LEU B 116 33.24 30.90 -2.00
N ASP B 117 32.73 30.82 -3.23
CA ASP B 117 31.85 29.72 -3.59
C ASP B 117 32.61 28.41 -3.74
N SER B 118 33.88 28.49 -4.17
CA SER B 118 34.71 27.30 -4.20
C SER B 118 35.03 26.80 -2.79
N GLN B 119 35.24 27.73 -1.85
CA GLN B 119 35.38 27.37 -0.45
C GLN B 119 34.13 26.68 0.09
N ARG B 120 32.96 27.22 -0.23
CA ARG B 120 31.71 26.64 0.27
C ARG B 120 31.47 25.25 -0.30
N ALA B 121 31.79 25.05 -1.58
CA ALA B 121 31.57 23.75 -2.20
C ALA B 121 32.50 22.70 -1.64
N PHE B 122 33.77 23.06 -1.40
CA PHE B 122 34.67 22.08 -0.80
C PHE B 122 34.31 21.77 0.65
N ARG B 123 33.73 22.73 1.36
CA ARG B 123 33.27 22.48 2.72
C ARG B 123 32.11 21.49 2.76
N ILE B 124 31.12 21.66 1.87
CA ILE B 124 29.99 20.73 1.86
C ILE B 124 30.42 19.35 1.40
N LYS B 125 31.32 19.28 0.41
CA LYS B 125 31.80 17.97 -0.04
C LYS B 125 32.60 17.26 1.04
N SER B 126 33.33 18.02 1.86
CA SER B 126 34.09 17.41 2.95
C SER B 126 33.18 16.86 4.04
N VAL B 127 32.13 17.60 4.41
CA VAL B 127 31.29 17.05 5.48
C VAL B 127 30.46 15.87 5.01
N LEU B 128 30.02 15.86 3.74
CA LEU B 128 29.31 14.69 3.21
C LEU B 128 30.24 13.49 3.11
N SER B 129 31.52 13.70 2.77
CA SER B 129 32.45 12.60 2.69
C SER B 129 32.83 12.06 4.06
N ILE B 130 32.90 12.93 5.08
CA ILE B 130 33.16 12.45 6.45
C ILE B 130 32.02 11.59 6.95
N GLU B 131 30.77 12.01 6.72
CA GLU B 131 29.63 11.21 7.15
C GLU B 131 29.54 9.89 6.38
N PHE B 132 29.79 9.92 5.08
CA PHE B 132 29.70 8.69 4.29
C PHE B 132 30.84 7.73 4.62
N ASN B 133 32.01 8.24 4.99
CA ASN B 133 33.09 7.37 5.42
C ASN B 133 32.81 6.77 6.78
N ARG B 134 32.11 7.50 7.65
CA ARG B 134 31.68 6.93 8.92
C ARG B 134 30.68 5.81 8.72
N ILE B 135 29.74 5.98 7.78
CA ILE B 135 28.74 4.94 7.55
C ILE B 135 29.31 3.76 6.76
N ASP B 136 29.94 4.04 5.62
CA ASP B 136 30.39 2.99 4.70
C ASP B 136 31.89 3.17 4.45
N ARG B 137 32.62 2.06 4.49
CA ARG B 137 34.08 2.09 4.42
C ARG B 137 34.61 1.67 3.06
N GLU B 138 34.10 0.57 2.52
CA GLU B 138 34.58 0.07 1.23
C GLU B 138 34.10 0.91 0.05
N LYS B 139 33.09 1.76 0.25
CA LYS B 139 32.66 2.66 -0.81
C LYS B 139 33.46 3.96 -0.81
N CYS B 140 33.88 4.43 0.37
CA CYS B 140 34.66 5.65 0.52
C CYS B 140 35.78 5.36 1.53
N ASP B 141 36.96 5.02 1.02
CA ASP B 141 38.06 4.56 1.85
C ASP B 141 38.78 5.74 2.52
N ASN B 142 39.81 5.42 3.28
CA ASN B 142 40.54 6.44 4.03
C ASN B 142 41.52 7.24 3.17
N ILE B 143 42.07 6.62 2.12
CA ILE B 143 43.04 7.30 1.27
C ILE B 143 42.37 8.38 0.43
N LYS B 144 41.20 8.07 -0.13
CA LYS B 144 40.42 9.05 -0.87
C LYS B 144 39.98 10.21 0.02
N LEU B 145 39.58 9.89 1.25
CA LEU B 145 39.17 10.93 2.19
C LEU B 145 40.35 11.81 2.58
N LYS B 146 41.53 11.23 2.73
CA LYS B 146 42.73 11.99 3.07
C LYS B 146 43.10 12.96 1.95
N ASN B 147 43.04 12.49 0.70
CA ASN B 147 43.34 13.35 -0.45
C ASN B 147 42.33 14.48 -0.59
N LEU B 148 41.04 14.17 -0.44
CA LEU B 148 40.00 15.17 -0.57
C LEU B 148 40.07 16.20 0.55
N LEU B 149 40.43 15.78 1.75
CA LEU B 149 40.51 16.74 2.86
C LEU B 149 41.74 17.62 2.75
N ASN B 150 42.86 17.09 2.26
CA ASN B 150 44.03 17.94 2.00
C ASN B 150 43.73 18.96 0.91
N GLU B 151 43.03 18.55 -0.14
CA GLU B 151 42.61 19.49 -1.18
C GLU B 151 41.65 20.54 -0.65
N ALA B 152 40.78 20.17 0.28
CA ALA B 152 39.85 21.14 0.84
C ALA B 152 40.54 22.11 1.78
N VAL B 153 41.59 21.67 2.47
CA VAL B 153 42.30 22.59 3.35
C VAL B 153 43.30 23.45 2.58
N ASP B 154 43.64 23.08 1.34
CA ASP B 154 44.48 23.97 0.53
C ASP B 154 43.71 25.20 0.06
N LYS B 155 42.41 25.09 -0.13
CA LYS B 155 41.60 26.20 -0.61
C LYS B 155 41.32 27.24 0.46
N GLY B 156 41.71 27.00 1.71
CA GLY B 156 41.55 27.97 2.76
C GLY B 156 40.42 27.70 3.72
N CYS B 157 40.03 26.44 3.91
CA CYS B 157 38.97 26.09 4.84
C CYS B 157 39.54 25.91 6.24
N THR B 158 39.96 27.04 6.81
CA THR B 158 40.63 27.06 8.11
C THR B 158 40.03 28.08 9.07
N ASP B 159 38.89 28.68 8.74
CA ASP B 159 38.33 29.73 9.59
C ASP B 159 37.65 29.09 10.78
N PHE B 160 38.44 28.83 11.84
CA PHE B 160 37.97 28.11 13.00
C PHE B 160 37.10 28.95 13.93
N ASP B 161 36.94 30.24 13.67
CA ASP B 161 36.14 31.07 14.55
C ASP B 161 34.69 31.18 14.11
N THR B 162 34.40 30.97 12.83
CA THR B 162 33.08 31.25 12.28
C THR B 162 32.30 30.01 11.89
N TYR B 163 32.99 28.95 11.46
CA TYR B 163 32.35 27.70 11.06
C TYR B 163 32.96 26.54 11.84
N GLU B 164 32.10 25.66 12.36
CA GLU B 164 32.58 24.50 13.10
C GLU B 164 32.92 23.32 12.18
N TRP B 165 32.52 23.39 10.91
CA TRP B 165 32.86 22.32 9.98
C TRP B 165 34.35 22.32 9.66
N ASP B 166 35.01 23.48 9.76
CA ASP B 166 36.46 23.51 9.65
C ASP B 166 37.13 22.82 10.83
N ILE B 167 36.53 22.91 12.02
CA ILE B 167 37.07 22.21 13.18
C ILE B 167 36.92 20.71 12.99
N GLN B 168 35.79 20.28 12.40
CA GLN B 168 35.59 18.86 12.13
C GLN B 168 36.58 18.33 11.09
N ILE B 169 36.84 19.11 10.04
CA ILE B 169 37.83 18.73 9.03
C ILE B 169 39.22 18.62 9.63
N ALA B 170 39.59 19.58 10.49
CA ALA B 170 40.92 19.58 11.08
C ALA B 170 41.12 18.42 12.03
N ILE B 171 40.10 18.08 12.82
CA ILE B 171 40.23 16.97 13.76
C ILE B 171 40.25 15.64 13.04
N ARG B 172 39.48 15.50 11.96
CA ARG B 172 39.50 14.25 11.21
C ARG B 172 40.81 14.06 10.46
N LEU B 173 41.39 15.16 9.97
CA LEU B 173 42.71 15.05 9.33
C LEU B 173 43.79 14.75 10.35
N CYS B 174 43.65 15.26 11.57
CA CYS B 174 44.59 14.88 12.63
C CYS B 174 44.48 13.41 12.99
N GLU B 175 43.27 12.86 12.96
CA GLU B 175 43.08 11.45 13.21
C GLU B 175 43.66 10.60 12.10
N LEU B 176 43.58 11.06 10.85
CA LEU B 176 44.06 10.25 9.73
C LEU B 176 45.59 10.21 9.64
N GLY B 177 46.28 11.16 10.26
CA GLY B 177 47.72 11.05 10.44
C GLY B 177 48.55 12.18 9.88
N VAL B 178 47.98 13.16 9.21
CA VAL B 178 48.77 14.22 8.62
C VAL B 178 49.09 15.28 9.66
N ASP B 179 50.20 15.99 9.46
CA ASP B 179 50.62 17.00 10.41
C ASP B 179 49.79 18.28 10.28
N MET B 180 49.37 18.80 11.43
CA MET B 180 48.53 19.99 11.53
C MET B 180 49.03 20.89 12.64
N GLU B 181 50.35 21.06 12.74
CA GLU B 181 50.91 21.82 13.86
C GLU B 181 50.74 23.32 13.67
N GLY B 182 50.50 23.79 12.44
CA GLY B 182 50.36 25.21 12.23
C GLY B 182 49.04 25.78 12.72
N HIS B 183 48.00 24.96 12.79
CA HIS B 183 46.66 25.43 13.09
C HIS B 183 46.24 25.21 14.53
N PHE B 184 47.19 24.82 15.39
CA PHE B 184 46.86 24.39 16.75
C PHE B 184 46.39 25.55 17.62
N ASP B 185 47.00 26.72 17.46
CA ASP B 185 46.65 27.85 18.33
C ASP B 185 45.27 28.40 18.01
N ASN B 186 44.93 28.48 16.71
CA ASN B 186 43.59 28.87 16.31
C ASN B 186 42.57 27.79 16.66
N LEU B 187 42.98 26.52 16.67
CA LEU B 187 42.06 25.45 17.06
C LEU B 187 41.71 25.51 18.53
N ILE B 188 42.69 25.79 19.39
CA ILE B 188 42.42 25.82 20.81
C ILE B 188 41.68 27.10 21.21
N LYS B 189 42.07 28.25 20.63
CA LYS B 189 41.43 29.49 21.06
C LYS B 189 40.02 29.69 20.52
N SER B 190 39.55 28.81 19.63
CA SER B 190 38.21 28.93 19.07
C SER B 190 37.16 28.54 20.08
N ASN B 191 36.08 29.32 20.14
CA ASN B 191 35.03 29.09 21.11
C ASN B 191 33.87 28.27 20.57
N LYS B 192 33.99 27.74 19.35
CA LYS B 192 33.00 26.83 18.81
C LYS B 192 33.32 25.38 19.15
N ALA B 193 34.54 25.09 19.54
CA ALA B 193 34.98 23.72 19.76
C ALA B 193 34.51 23.19 21.11
N ASN B 194 34.09 21.93 21.11
CA ASN B 194 33.73 21.27 22.35
C ASN B 194 34.97 20.58 22.91
N ASP B 195 34.81 19.83 24.00
CA ASP B 195 35.97 19.42 24.76
C ASP B 195 36.62 18.15 24.23
N LEU B 196 35.85 17.31 23.53
CA LEU B 196 36.42 16.13 22.91
C LEU B 196 37.35 16.49 21.77
N GLN B 197 36.98 17.52 21.00
CA GLN B 197 37.86 18.00 19.93
C GLN B 197 39.13 18.61 20.47
N LYS B 198 39.06 19.30 21.61
CA LYS B 198 40.27 19.86 22.22
C LYS B 198 41.17 18.76 22.77
N ALA B 199 40.58 17.70 23.35
CA ALA B 199 41.39 16.60 23.84
C ALA B 199 42.04 15.82 22.70
N LYS B 200 41.30 15.63 21.61
CA LYS B 200 41.85 15.02 20.41
C LYS B 200 42.97 15.86 19.82
N ALA B 201 42.80 17.19 19.83
CA ALA B 201 43.82 18.08 19.29
C ALA B 201 45.10 18.01 20.10
N TYR B 202 44.99 18.05 21.43
CA TYR B 202 46.16 17.96 22.30
C TYR B 202 46.88 16.64 22.12
N TYR B 203 46.14 15.52 22.14
CA TYR B 203 46.74 14.20 22.08
C TYR B 203 47.35 13.92 20.71
N PHE B 204 46.74 14.39 19.63
CA PHE B 204 47.21 14.03 18.32
C PHE B 204 48.24 14.99 17.73
N ILE B 205 48.33 16.22 18.24
CA ILE B 205 49.32 17.18 17.76
C ILE B 205 50.44 17.39 18.78
N LYS B 206 50.10 17.83 19.98
CA LYS B 206 51.12 18.31 20.89
C LYS B 206 51.67 17.22 21.79
N LYS B 207 51.06 16.03 21.78
CA LYS B 207 51.42 14.88 22.62
C LYS B 207 51.44 15.23 24.11
N ASP B 208 50.53 16.09 24.55
CA ASP B 208 50.43 16.49 25.94
C ASP B 208 49.27 15.74 26.58
N ASP B 209 49.57 14.91 27.59
CA ASP B 209 48.57 14.06 28.22
C ASP B 209 47.83 14.72 29.36
N HIS B 210 48.43 15.72 30.01
CA HIS B 210 47.77 16.35 31.16
C HIS B 210 46.58 17.19 30.72
N LYS B 211 46.76 17.99 29.66
CA LYS B 211 45.67 18.80 29.15
C LYS B 211 44.59 17.96 28.48
N ALA B 212 45.02 16.88 27.82
CA ALA B 212 44.07 15.93 27.25
C ALA B 212 43.24 15.27 28.32
N LYS B 213 43.87 14.93 29.45
CA LYS B 213 43.17 14.34 30.56
C LYS B 213 42.14 15.29 31.15
N GLU B 214 42.50 16.57 31.28
CA GLU B 214 41.56 17.56 31.81
C GLU B 214 40.35 17.76 30.91
N HIS B 215 40.59 17.89 29.59
CA HIS B 215 39.48 18.15 28.68
C HIS B 215 38.59 16.92 28.53
N MET B 216 39.15 15.72 28.66
CA MET B 216 38.30 14.55 28.63
C MET B 216 37.47 14.39 29.89
N ASP B 217 38.00 14.82 31.05
CA ASP B 217 37.19 14.81 32.27
C ASP B 217 36.00 15.74 32.14
N LYS B 218 36.22 16.93 31.58
CA LYS B 218 35.11 17.85 31.35
C LYS B 218 34.10 17.30 30.34
N CYS B 219 34.58 16.54 29.34
CA CYS B 219 33.68 15.94 28.36
C CYS B 219 32.77 14.90 28.99
N THR B 220 33.30 14.06 29.88
CA THR B 220 32.47 13.04 30.51
C THR B 220 31.47 13.64 31.50
N ALA B 221 31.91 14.65 32.26
CA ALA B 221 30.99 15.37 33.13
C ALA B 221 29.91 16.10 32.33
N SER B 222 30.20 16.50 31.09
CA SER B 222 29.15 17.02 30.23
C SER B 222 28.24 15.91 29.73
N LEU B 223 28.78 14.72 29.52
CA LEU B 223 27.99 13.60 29.01
C LEU B 223 27.00 13.06 30.03
N LYS B 224 27.18 13.39 31.31
CA LYS B 224 26.24 12.97 32.34
C LYS B 224 24.80 13.46 32.14
N TYR B 225 24.57 14.50 31.33
CA TYR B 225 23.23 15.07 31.16
C TYR B 225 22.66 14.92 29.76
N THR B 226 23.41 14.34 28.82
CA THR B 226 22.91 14.20 27.46
C THR B 226 22.34 12.81 27.23
N PRO B 227 21.27 12.69 26.44
CA PRO B 227 20.72 11.36 26.16
C PRO B 227 21.65 10.52 25.30
N CYS B 228 21.38 9.21 25.32
CA CYS B 228 22.26 8.25 24.66
C CYS B 228 22.07 8.20 23.15
N SER B 229 21.13 8.94 22.60
CA SER B 229 20.98 9.01 21.16
C SER B 229 21.88 10.04 20.53
N HIS B 230 22.74 10.67 21.31
CA HIS B 230 23.59 11.74 20.85
C HIS B 230 24.78 11.20 20.07
N ARG B 231 25.44 12.10 19.37
CA ARG B 231 26.64 11.80 18.60
C ARG B 231 27.87 11.71 19.49
N LEU B 232 27.84 12.41 20.62
CA LEU B 232 29.02 12.56 21.47
C LEU B 232 29.38 11.24 22.15
N TRP B 233 28.38 10.40 22.42
CA TRP B 233 28.64 9.08 23.01
C TRP B 233 29.41 8.19 22.05
N ASP B 234 28.96 8.15 20.79
CA ASP B 234 29.63 7.38 19.75
C ASP B 234 31.06 7.87 19.53
N GLU B 235 31.25 9.20 19.49
CA GLU B 235 32.58 9.74 19.27
C GLU B 235 33.52 9.48 20.45
N THR B 236 32.99 9.55 21.67
CA THR B 236 33.82 9.30 22.85
C THR B 236 34.26 7.85 22.95
N VAL B 237 33.35 6.91 22.69
CA VAL B 237 33.72 5.51 22.76
C VAL B 237 34.65 5.13 21.61
N GLY B 238 34.49 5.77 20.45
CA GLY B 238 35.45 5.57 19.37
C GLY B 238 36.84 6.07 19.71
N PHE B 239 36.92 7.19 20.43
CA PHE B 239 38.21 7.69 20.89
C PHE B 239 38.86 6.74 21.89
N ILE B 240 38.07 6.15 22.79
CA ILE B 240 38.64 5.20 23.74
C ILE B 240 39.11 3.93 23.04
N GLU B 241 38.38 3.51 22.00
CA GLU B 241 38.80 2.33 21.23
C GLU B 241 40.09 2.59 20.47
N ARG B 242 40.25 3.79 19.91
CA ARG B 242 41.49 4.15 19.24
C ARG B 242 42.66 4.25 20.23
N LEU B 243 42.41 4.78 21.42
CA LEU B 243 43.45 4.87 22.44
C LEU B 243 43.88 3.49 22.92
N LYS B 244 42.95 2.54 23.03
CA LYS B 244 43.31 1.19 23.42
C LYS B 244 44.07 0.49 22.31
N GLY B 245 43.71 0.74 21.05
CA GLY B 245 44.44 0.15 19.95
C GLY B 245 45.85 0.69 19.80
N ASP B 246 46.07 1.95 20.16
CA ASP B 246 47.40 2.55 20.05
C ASP B 246 48.31 2.20 21.22
N SER B 247 47.84 1.37 22.17
CA SER B 247 48.54 0.99 23.38
C SER B 247 48.93 2.19 24.23
N SER B 248 47.94 3.00 24.57
CA SER B 248 48.14 4.10 25.50
C SER B 248 47.88 3.66 26.93
N THR B 249 48.08 4.58 27.86
CA THR B 249 47.87 4.33 29.29
C THR B 249 46.79 5.22 29.88
N LEU B 250 45.86 5.70 29.06
CA LEU B 250 44.78 6.55 29.53
C LEU B 250 43.39 5.97 29.32
N TRP B 251 43.26 4.90 28.52
CA TRP B 251 41.95 4.35 28.24
C TRP B 251 41.35 3.67 29.46
N ARG B 252 42.21 3.19 30.36
CA ARG B 252 41.75 2.61 31.63
C ARG B 252 40.99 3.62 32.46
N ASP B 253 41.49 4.84 32.55
CA ASP B 253 40.81 5.85 33.34
C ASP B 253 39.66 6.50 32.58
N PHE B 254 39.70 6.48 31.25
CA PHE B 254 38.59 7.08 30.51
C PHE B 254 37.36 6.18 30.51
N ALA B 255 37.57 4.86 30.43
CA ALA B 255 36.46 3.92 30.32
C ALA B 255 35.59 3.89 31.57
N ILE B 256 36.19 4.01 32.75
CA ILE B 256 35.44 3.93 34.00
C ILE B 256 34.59 5.17 34.19
N LYS B 257 35.10 6.34 33.82
CA LYS B 257 34.33 7.57 33.94
C LYS B 257 33.19 7.61 32.93
N THR B 258 33.42 7.09 31.71
CA THR B 258 32.34 7.04 30.75
C THR B 258 31.26 6.05 31.17
N TYR B 259 31.65 4.93 31.80
CA TYR B 259 30.68 3.99 32.34
C TYR B 259 29.85 4.62 33.46
N ARG B 260 30.49 5.41 34.32
CA ARG B 260 29.77 6.05 35.42
C ARG B 260 28.77 7.07 34.89
N SER B 261 29.16 7.82 33.86
CA SER B 261 28.24 8.78 33.26
C SER B 261 27.05 8.09 32.60
N CYS B 262 27.30 6.95 31.94
CA CYS B 262 26.21 6.21 31.33
C CYS B 262 25.25 5.63 32.36
N ARG B 263 25.78 5.18 33.50
CA ARG B 263 24.93 4.67 34.57
C ARG B 263 24.04 5.75 35.17
N VAL B 264 24.63 6.93 35.45
CA VAL B 264 23.85 8.03 36.02
C VAL B 264 22.81 8.55 35.02
N GLN B 265 23.13 8.54 33.73
CA GLN B 265 22.14 8.95 32.74
C GLN B 265 21.02 7.94 32.58
N GLU B 266 21.33 6.65 32.65
CA GLU B 266 20.31 5.63 32.48
C GLU B 266 19.43 5.46 33.72
N LYS B 267 19.88 5.97 34.87
CA LYS B 267 19.11 5.84 36.12
C LYS B 267 17.76 6.54 36.05
N GLU B 268 17.61 7.56 35.21
CA GLU B 268 16.46 8.46 35.30
C GLU B 268 15.15 7.82 34.82
N THR B 269 15.18 6.70 34.13
CA THR B 269 13.97 6.09 33.61
C THR B 269 13.24 5.32 34.71
N GLY B 270 11.92 5.19 34.57
CA GLY B 270 11.06 4.59 35.59
C GLY B 270 11.08 3.08 35.63
N THR B 271 9.96 2.50 36.07
CA THR B 271 9.89 1.06 36.30
C THR B 271 9.77 0.26 35.01
N LEU B 272 9.28 0.86 33.94
CA LEU B 272 9.29 0.23 32.62
C LEU B 272 10.72 0.26 32.11
N ARG B 273 11.41 -0.87 32.23
CA ARG B 273 12.85 -0.93 31.99
C ARG B 273 13.15 -0.88 30.50
N LEU B 274 13.79 0.21 30.07
CA LEU B 274 14.09 0.41 28.67
C LEU B 274 15.36 1.23 28.54
N ARG B 275 16.06 1.03 27.43
CA ARG B 275 17.18 1.87 27.07
C ARG B 275 17.27 1.95 25.56
N TRP B 276 17.82 3.04 25.08
CA TRP B 276 17.94 3.28 23.65
C TRP B 276 19.05 2.40 23.08
N TYR B 277 18.79 1.82 21.92
CA TYR B 277 19.78 0.95 21.29
C TYR B 277 20.78 1.80 20.53
N TRP B 278 22.04 1.74 20.94
CA TRP B 278 23.15 2.26 20.16
C TRP B 278 24.24 1.21 20.10
N SER B 279 24.99 1.21 19.00
CA SER B 279 25.82 0.08 18.64
C SER B 279 27.06 -0.08 19.50
N ARG B 280 27.55 0.98 20.11
CA ARG B 280 28.79 0.93 20.88
C ARG B 280 28.55 0.90 22.39
N HIS B 281 27.41 0.38 22.82
CA HIS B 281 27.14 0.24 24.25
C HIS B 281 27.94 -0.93 24.82
N ARG B 282 27.90 -2.05 24.11
CA ARG B 282 28.52 -3.28 24.59
C ARG B 282 30.04 -3.18 24.61
N VAL B 283 30.62 -2.45 23.66
CA VAL B 283 32.07 -2.29 23.66
C VAL B 283 32.51 -1.39 24.80
N LEU B 284 31.66 -0.46 25.22
CA LEU B 284 31.99 0.39 26.35
C LEU B 284 31.98 -0.40 27.64
N TYR B 285 30.95 -1.24 27.82
CA TYR B 285 30.91 -2.06 29.02
C TYR B 285 32.01 -3.12 29.03
N ASP B 286 32.40 -3.61 27.85
CA ASP B 286 33.47 -4.60 27.79
C ASP B 286 34.82 -3.97 28.09
N MET B 287 35.07 -2.76 27.60
CA MET B 287 36.31 -2.08 27.91
C MET B 287 36.39 -1.64 29.36
N ALA B 288 35.26 -1.26 29.96
CA ALA B 288 35.25 -0.96 31.40
C ALA B 288 35.55 -2.19 32.24
N PHE B 289 34.96 -3.34 31.87
CA PHE B 289 35.25 -4.60 32.54
C PHE B 289 36.72 -4.97 32.42
N LEU B 290 37.29 -4.80 31.24
CA LEU B 290 38.69 -5.16 31.02
C LEU B 290 39.63 -4.23 31.77
N ALA B 291 39.26 -2.95 31.90
CA ALA B 291 40.07 -2.00 32.67
C ALA B 291 40.09 -2.35 34.15
N VAL B 292 38.92 -2.61 34.74
CA VAL B 292 38.89 -2.92 36.17
C VAL B 292 39.55 -4.28 36.43
N LYS B 293 39.45 -5.21 35.49
CA LYS B 293 40.08 -6.52 35.65
C LYS B 293 41.60 -6.42 35.59
N GLU B 294 42.12 -5.58 34.69
CA GLU B 294 43.56 -5.39 34.62
C GLU B 294 44.10 -4.61 35.81
N GLN B 295 43.28 -3.77 36.42
CA GLN B 295 43.69 -3.17 37.69
C GLN B 295 43.66 -4.19 38.83
N ALA B 296 42.74 -5.16 38.77
CA ALA B 296 42.59 -6.09 39.88
C ALA B 296 43.62 -7.21 39.86
N ASP B 297 44.05 -7.64 38.67
CA ASP B 297 45.05 -8.70 38.63
C ASP B 297 46.45 -8.21 38.96
N ASP B 298 46.67 -6.89 39.01
CA ASP B 298 47.95 -6.35 39.44
C ASP B 298 48.15 -6.60 40.93
N GLU B 299 49.39 -6.90 41.30
CA GLU B 299 49.70 -7.23 42.69
C GLU B 299 49.65 -5.97 43.55
N GLU B 300 49.04 -6.10 44.72
CA GLU B 300 48.93 -5.00 45.66
C GLU B 300 49.07 -5.60 47.05
N PRO B 301 49.81 -4.97 47.96
CA PRO B 301 49.89 -5.50 49.33
C PRO B 301 48.57 -5.40 50.08
N ASP B 302 47.72 -4.44 49.75
CA ASP B 302 46.41 -4.31 50.36
C ASP B 302 45.45 -5.28 49.69
N VAL B 303 44.69 -6.03 50.49
CA VAL B 303 43.69 -6.93 49.95
C VAL B 303 42.32 -6.29 49.79
N ASN B 304 42.04 -5.23 50.56
CA ASN B 304 40.72 -4.61 50.51
C ASN B 304 40.48 -3.89 49.19
N VAL B 305 41.54 -3.37 48.58
CA VAL B 305 41.41 -2.77 47.25
C VAL B 305 41.04 -3.84 46.22
N LYS B 306 41.62 -5.05 46.35
CA LYS B 306 41.30 -6.12 45.41
C LYS B 306 39.87 -6.61 45.58
N GLN B 307 39.40 -6.69 46.82
CA GLN B 307 38.00 -7.01 47.08
C GLN B 307 37.08 -5.94 46.48
N ALA B 308 37.46 -4.67 46.57
CA ALA B 308 36.66 -3.60 46.00
C ALA B 308 36.63 -3.67 44.47
N LYS B 309 37.73 -4.12 43.86
CA LYS B 309 37.75 -4.20 42.40
C LYS B 309 36.89 -5.36 41.88
N ILE B 310 36.88 -6.49 42.59
CA ILE B 310 36.02 -7.59 42.15
C ILE B 310 34.55 -7.26 42.38
N LYS B 311 34.25 -6.51 43.44
CA LYS B 311 32.90 -6.00 43.62
C LYS B 311 32.49 -5.02 42.52
N LYS B 312 33.44 -4.22 42.04
CA LYS B 312 33.17 -3.30 40.94
C LYS B 312 32.86 -4.06 39.66
N LEU B 313 33.54 -5.19 39.43
CA LEU B 313 33.24 -6.04 38.28
C LEU B 313 31.82 -6.57 38.32
N ALA B 314 31.40 -7.05 39.49
CA ALA B 314 30.03 -7.53 39.65
C ALA B 314 29.00 -6.42 39.43
N GLU B 315 29.33 -5.19 39.86
CA GLU B 315 28.42 -4.07 39.66
C GLU B 315 28.25 -3.72 38.19
N ILE B 316 29.34 -3.75 37.42
CA ILE B 316 29.27 -3.49 35.98
C ILE B 316 28.41 -4.54 35.28
N SER B 317 28.58 -5.81 35.69
CA SER B 317 27.78 -6.88 35.09
C SER B 317 26.29 -6.73 35.39
N ASP B 318 25.93 -6.38 36.62
CA ASP B 318 24.52 -6.19 36.96
C ASP B 318 23.91 -4.99 36.24
N SER B 319 24.68 -3.90 36.10
CA SER B 319 24.18 -2.72 35.41
C SER B 319 23.99 -2.98 33.92
N LEU B 320 24.74 -3.92 33.35
CA LEU B 320 24.42 -4.33 31.99
C LEU B 320 23.16 -5.17 31.95
N LYS B 321 22.98 -6.07 32.92
CA LYS B 321 21.86 -7.01 32.87
C LYS B 321 20.51 -6.43 33.27
N SER B 322 20.41 -5.18 33.73
CA SER B 322 19.12 -4.66 34.17
C SER B 322 18.13 -4.44 33.02
N ARG B 323 18.43 -3.54 32.09
CA ARG B 323 17.50 -3.19 31.02
C ARG B 323 17.58 -4.20 29.87
N PHE B 324 16.84 -3.96 28.77
CA PHE B 324 16.99 -4.87 27.63
C PHE B 324 16.98 -4.27 26.22
N SER B 325 16.90 -2.96 26.04
CA SER B 325 17.31 -2.25 24.81
C SER B 325 16.48 -2.67 23.58
N LEU B 326 15.22 -2.27 23.58
CA LEU B 326 14.35 -2.49 22.43
C LEU B 326 14.74 -1.58 21.27
N ARG B 327 14.50 -2.06 20.05
CA ARG B 327 14.86 -1.34 18.83
C ARG B 327 13.82 -0.26 18.51
N LEU B 328 13.99 0.38 17.36
CA LEU B 328 13.21 1.59 17.07
C LEU B 328 11.86 1.28 16.45
N SER B 329 11.82 0.34 15.49
CA SER B 329 10.55 -0.02 14.86
C SER B 329 9.59 -0.69 15.84
N ASP B 330 10.12 -1.49 16.76
CA ASP B 330 9.29 -2.06 17.81
C ASP B 330 8.81 -1.00 18.78
N MET B 331 9.58 0.06 18.98
CA MET B 331 9.12 1.16 19.82
C MET B 331 8.04 1.97 19.12
N GLU B 332 8.14 2.13 17.81
CA GLU B 332 7.14 2.89 17.07
C GLU B 332 5.83 2.11 16.93
N LYS B 333 5.90 0.78 16.91
CA LYS B 333 4.70 -0.04 16.80
C LYS B 333 4.10 -0.45 18.14
N MET B 334 4.32 0.30 19.21
CA MET B 334 3.87 -0.19 20.51
C MET B 334 2.40 0.14 20.72
N PRO B 335 1.61 -0.77 21.31
CA PRO B 335 0.18 -0.52 21.47
C PRO B 335 -0.12 0.57 22.49
N LYS B 336 -1.28 1.18 22.33
CA LYS B 336 -1.65 2.40 23.04
C LYS B 336 -2.66 2.08 24.13
N SER B 337 -2.21 2.18 25.38
CA SER B 337 -3.05 1.98 26.56
C SER B 337 -2.34 2.57 27.75
N ASP B 338 -3.09 2.74 28.85
CA ASP B 338 -2.60 3.25 30.14
C ASP B 338 -1.99 4.64 29.95
N ASP B 339 -2.90 5.60 29.72
CA ASP B 339 -2.58 6.93 29.17
C ASP B 339 -1.51 7.72 29.93
N GLU B 340 -1.17 7.33 31.16
CA GLU B 340 0.02 7.89 31.80
C GLU B 340 1.30 7.16 31.39
N SER B 341 1.26 5.82 31.30
CA SER B 341 2.45 5.07 30.90
C SER B 341 2.73 5.20 29.41
N ASN B 342 1.67 5.28 28.61
CA ASN B 342 1.83 5.63 27.20
C ASN B 342 2.43 7.02 27.05
N HIS B 343 2.04 7.94 27.94
CA HIS B 343 2.61 9.29 27.93
C HIS B 343 4.10 9.26 28.31
N GLU B 344 4.47 8.41 29.27
CA GLU B 344 5.88 8.27 29.64
C GLU B 344 6.71 7.71 28.50
N PHE B 345 6.18 6.71 27.81
CA PHE B 345 6.88 6.11 26.68
C PHE B 345 7.02 7.10 25.51
N LYS B 346 5.96 7.87 25.23
CA LYS B 346 6.04 8.84 24.15
C LYS B 346 6.99 9.99 24.47
N LYS B 347 7.06 10.37 25.76
CA LYS B 347 8.03 11.37 26.19
C LYS B 347 9.46 10.87 26.00
N PHE B 348 9.70 9.59 26.32
CA PHE B 348 11.02 9.00 26.14
C PHE B 348 11.43 8.96 24.67
N LEU B 349 10.49 8.57 23.79
CA LEU B 349 10.79 8.47 22.36
C LEU B 349 11.07 9.84 21.75
N ASP B 350 10.26 10.85 22.08
CA ASP B 350 10.51 12.16 21.49
C ASP B 350 11.78 12.81 22.01
N LYS B 351 12.13 12.57 23.29
CA LYS B 351 13.40 13.04 23.82
C LYS B 351 14.58 12.43 23.06
N CYS B 352 14.51 11.12 22.77
CA CYS B 352 15.62 10.47 22.09
C CYS B 352 15.78 10.94 20.63
N VAL B 353 14.68 11.06 19.89
CA VAL B 353 14.79 11.51 18.49
C VAL B 353 15.25 12.97 18.41
N THR B 354 14.77 13.81 19.34
CA THR B 354 15.18 15.21 19.34
C THR B 354 16.67 15.36 19.67
N ALA B 355 17.18 14.55 20.60
CA ALA B 355 18.62 14.59 20.90
C ALA B 355 19.45 14.12 19.72
N TYR B 356 18.96 13.09 19.00
CA TYR B 356 19.66 12.56 17.84
C TYR B 356 19.82 13.60 16.75
N GLN B 357 18.77 14.38 16.47
CA GLN B 357 18.91 15.39 15.43
C GLN B 357 19.66 16.62 15.92
N ASP B 358 19.53 16.97 17.20
CA ASP B 358 20.16 18.16 17.75
C ASP B 358 21.67 18.01 17.78
N GLY B 359 22.16 16.77 17.87
CA GLY B 359 23.60 16.57 17.78
C GLY B 359 24.21 16.96 16.44
N TYR B 360 23.45 16.79 15.35
CA TYR B 360 23.95 17.06 14.01
C TYR B 360 23.63 18.45 13.52
N VAL B 361 22.59 19.09 14.07
CA VAL B 361 22.25 20.42 13.59
C VAL B 361 23.22 21.49 14.12
N ILE B 362 23.52 21.49 15.41
CA ILE B 362 24.57 22.31 16.00
C ILE B 362 25.39 21.46 16.96
N ASN B 363 26.40 22.08 17.56
CA ASN B 363 27.29 21.37 18.47
C ASN B 363 27.69 22.23 19.66
N ALA B 388 10.44 0.47 44.57
CA ALA B 388 11.15 0.09 45.78
C ALA B 388 12.64 0.39 45.65
N LYS B 389 13.37 0.23 46.74
CA LYS B 389 14.81 0.45 46.72
C LYS B 389 15.53 -0.80 46.20
N LEU B 390 16.76 -0.59 45.75
CA LEU B 390 17.59 -1.67 45.23
C LEU B 390 18.52 -2.16 46.33
N LEU B 391 18.68 -3.47 46.41
CA LEU B 391 19.52 -4.03 47.44
C LEU B 391 20.99 -3.87 47.09
N GLU B 392 21.82 -3.76 48.12
CA GLU B 392 23.26 -3.78 47.94
C GLU B 392 23.72 -5.17 47.56
N LEU B 393 24.88 -5.25 46.92
CA LEU B 393 25.42 -6.52 46.46
C LEU B 393 25.82 -7.44 47.60
N THR B 394 26.05 -6.89 48.78
CA THR B 394 26.46 -7.68 49.94
C THR B 394 25.29 -8.06 50.84
N GLN B 395 24.07 -7.69 50.49
CA GLN B 395 22.90 -7.97 51.31
C GLN B 395 22.31 -9.32 50.89
N VAL B 396 22.82 -10.40 51.47
CA VAL B 396 22.36 -11.75 51.20
C VAL B 396 22.16 -12.49 52.51
N PRO B 397 21.16 -13.34 52.63
CA PRO B 397 20.98 -14.12 53.87
C PRO B 397 22.10 -15.11 54.10
N GLU B 398 22.23 -15.54 55.35
CA GLU B 398 23.37 -16.33 55.77
C GLU B 398 23.28 -17.75 55.24
N GLY B 399 24.43 -18.29 54.87
CA GLY B 399 24.47 -19.60 54.26
C GLY B 399 24.20 -19.61 52.78
N TRP B 400 24.38 -18.48 52.10
CA TRP B 400 24.17 -18.39 50.66
C TRP B 400 25.46 -18.01 49.96
N VAL B 401 25.50 -18.33 48.67
CA VAL B 401 26.64 -18.07 47.80
C VAL B 401 26.08 -17.56 46.48
N VAL B 402 26.57 -16.42 46.01
CA VAL B 402 26.02 -15.80 44.80
C VAL B 402 27.05 -15.85 43.68
N VAL B 403 26.62 -16.27 42.49
CA VAL B 403 27.50 -16.43 41.33
C VAL B 403 26.97 -15.58 40.18
N HIS B 404 27.76 -14.59 39.77
CA HIS B 404 27.47 -13.71 38.65
C HIS B 404 28.28 -14.16 37.43
N PHE B 405 27.75 -13.86 36.25
CA PHE B 405 28.37 -14.25 35.00
C PHE B 405 28.52 -13.04 34.07
N TYR B 406 29.57 -13.05 33.25
CA TYR B 406 29.74 -12.05 32.21
C TYR B 406 30.41 -12.72 31.02
N LEU B 407 29.97 -12.39 29.82
CA LEU B 407 30.55 -12.92 28.59
C LEU B 407 31.20 -11.78 27.83
N ASN B 408 32.53 -11.74 27.83
CA ASN B 408 33.27 -10.65 27.23
C ASN B 408 33.50 -10.95 25.76
N LYS B 409 32.82 -10.19 24.90
CA LYS B 409 32.90 -10.36 23.46
C LYS B 409 34.19 -9.79 22.89
N LEU B 410 34.80 -8.82 23.58
CA LEU B 410 35.99 -8.17 23.05
C LEU B 410 37.20 -9.08 23.17
N GLU B 411 37.42 -9.67 24.34
CA GLU B 411 38.52 -10.61 24.50
C GLU B 411 38.11 -12.04 24.19
N GLY B 412 36.82 -12.31 24.04
CA GLY B 412 36.35 -13.64 23.73
C GLY B 412 36.47 -14.61 24.89
N MET B 413 35.99 -14.22 26.07
CA MET B 413 36.16 -15.05 27.25
C MET B 413 34.90 -14.95 28.10
N GLY B 414 34.88 -15.70 29.21
CA GLY B 414 33.75 -15.62 30.10
C GLY B 414 34.17 -15.65 31.56
N ASN B 415 33.63 -14.73 32.35
CA ASN B 415 34.05 -14.52 33.72
C ASN B 415 32.94 -14.91 34.69
N ALA B 416 33.29 -15.64 35.74
CA ALA B 416 32.37 -16.02 36.80
C ALA B 416 32.87 -15.47 38.13
N ILE B 417 31.98 -14.76 38.82
CA ILE B 417 32.32 -13.99 40.03
C ILE B 417 31.50 -14.51 41.19
N VAL B 418 32.16 -14.98 42.25
CA VAL B 418 31.51 -15.60 43.38
C VAL B 418 31.65 -14.70 44.62
N PHE B 419 30.56 -14.60 45.36
CA PHE B 419 30.52 -13.91 46.64
C PHE B 419 30.05 -14.87 47.71
N ASP B 420 30.82 -14.94 48.80
CA ASP B 420 30.52 -15.82 49.92
C ASP B 420 30.27 -14.96 51.15
N LYS B 421 29.15 -15.21 51.83
CA LYS B 421 28.67 -14.30 52.87
C LYS B 421 29.25 -14.66 54.24
N CYS B 422 29.39 -15.95 54.53
CA CYS B 422 29.90 -16.36 55.83
C CYS B 422 31.38 -16.00 55.98
N ALA B 423 32.16 -16.20 54.91
CA ALA B 423 33.55 -15.77 54.92
C ALA B 423 33.73 -14.32 54.48
N ASN B 424 32.71 -13.71 53.88
CA ASN B 424 32.71 -12.35 53.33
C ASN B 424 33.86 -12.15 52.33
N SER B 425 33.80 -12.90 51.24
CA SER B 425 34.91 -12.88 50.30
C SER B 425 34.39 -12.85 48.87
N TRP B 426 35.24 -12.35 47.98
CA TRP B 426 34.98 -12.31 46.55
C TRP B 426 36.07 -13.05 45.80
N GLN B 427 35.69 -13.79 44.75
CA GLN B 427 36.65 -14.42 43.85
C GLN B 427 36.09 -14.40 42.43
N TYR B 428 36.95 -14.72 41.46
CA TYR B 428 36.51 -14.81 40.07
C TYR B 428 37.42 -15.75 39.29
N LYS B 429 36.84 -16.39 38.26
CA LYS B 429 37.56 -17.30 37.38
C LYS B 429 37.10 -17.07 35.95
N GLU B 430 37.81 -17.68 35.00
CA GLU B 430 37.56 -17.49 33.57
C GLU B 430 37.37 -18.83 32.88
N PHE B 431 36.68 -18.79 31.74
CA PHE B 431 36.45 -19.99 30.92
C PHE B 431 36.18 -19.57 29.48
N GLN B 432 36.12 -20.57 28.61
CA GLN B 432 35.83 -20.42 27.20
C GLN B 432 34.35 -20.71 26.92
N TYR B 433 33.84 -20.20 25.79
CA TYR B 433 32.42 -20.36 25.53
C TYR B 433 32.06 -20.71 24.09
N LYS B 434 33.00 -21.22 23.28
CA LYS B 434 32.66 -21.49 21.89
C LYS B 434 32.07 -22.89 21.70
N GLU B 435 32.76 -23.92 22.20
CA GLU B 435 32.28 -25.27 22.02
C GLU B 435 31.00 -25.53 22.82
N LEU B 436 30.84 -24.83 23.94
CA LEU B 436 29.57 -24.84 24.67
C LEU B 436 28.43 -24.32 23.81
N PHE B 437 28.70 -23.28 23.02
CA PHE B 437 27.69 -22.72 22.13
C PHE B 437 27.35 -23.70 21.02
N GLU B 438 28.34 -24.44 20.53
CA GLU B 438 28.07 -25.43 19.48
C GLU B 438 27.22 -26.59 20.00
N VAL B 439 27.52 -27.11 21.19
CA VAL B 439 26.72 -28.19 21.76
C VAL B 439 25.30 -27.72 22.09
N PHE B 440 25.16 -26.45 22.51
CA PHE B 440 23.84 -25.92 22.78
C PHE B 440 23.00 -25.77 21.51
N LEU B 441 23.61 -25.32 20.41
CA LEU B 441 22.87 -25.21 19.15
C LEU B 441 22.47 -26.57 18.61
N THR B 442 23.35 -27.57 18.81
CA THR B 442 23.01 -28.95 18.46
C THR B 442 21.78 -29.44 19.22
N TRP B 443 21.74 -29.19 20.53
CA TRP B 443 20.58 -29.60 21.31
C TRP B 443 19.32 -28.83 20.93
N GLN B 444 19.47 -27.55 20.53
CA GLN B 444 18.30 -26.77 20.14
C GLN B 444 17.67 -27.30 18.86
N ALA B 445 18.49 -27.62 17.85
CA ALA B 445 17.95 -28.18 16.62
C ALA B 445 17.32 -29.54 16.83
N ASN B 446 17.99 -30.41 17.60
CA ASN B 446 17.44 -31.73 17.84
C ASN B 446 16.18 -31.70 18.69
N TYR B 447 16.05 -30.75 19.62
CA TYR B 447 14.83 -30.62 20.40
C TYR B 447 13.68 -30.15 19.53
N ASN B 448 13.90 -29.06 18.78
CA ASN B 448 12.86 -28.50 17.91
C ASN B 448 12.42 -29.46 16.81
N LEU B 449 13.20 -30.48 16.51
CA LEU B 449 12.63 -31.51 15.64
C LEU B 449 12.02 -32.69 16.41
N TYR B 450 12.67 -33.21 17.45
CA TYR B 450 12.35 -34.49 18.07
C TYR B 450 12.34 -34.36 19.60
N LYS B 451 11.48 -33.46 20.10
CA LYS B 451 11.34 -32.99 21.48
C LYS B 451 11.69 -33.94 22.63
N GLU B 452 11.23 -35.17 22.59
CA GLU B 452 11.54 -36.10 23.67
C GLU B 452 12.68 -37.02 23.32
N ASN B 453 13.08 -37.08 22.05
CA ASN B 453 14.14 -37.98 21.60
C ASN B 453 15.46 -37.25 21.39
N ALA B 454 15.54 -35.99 21.82
CA ALA B 454 16.81 -35.26 21.90
C ALA B 454 17.48 -35.40 23.28
N ALA B 455 17.19 -36.49 24.00
CA ALA B 455 17.64 -36.61 25.38
C ALA B 455 19.12 -36.93 25.48
N GLU B 456 19.67 -37.65 24.51
CA GLU B 456 21.11 -37.91 24.51
C GLU B 456 21.92 -36.64 24.26
N HIS B 457 21.37 -35.73 23.46
CA HIS B 457 22.02 -34.45 23.26
C HIS B 457 21.89 -33.58 24.51
N LEU B 458 20.81 -33.73 25.26
CA LEU B 458 20.73 -33.07 26.57
C LEU B 458 21.80 -33.57 27.54
N VAL B 459 22.03 -34.89 27.57
CA VAL B 459 23.06 -35.45 28.44
C VAL B 459 24.46 -34.99 28.02
N THR B 460 24.69 -34.89 26.71
CA THR B 460 25.97 -34.38 26.22
C THR B 460 26.17 -32.91 26.57
N LEU B 461 25.10 -32.11 26.55
CA LEU B 461 25.22 -30.71 26.93
C LEU B 461 25.52 -30.55 28.42
N CYS B 462 24.92 -31.41 29.26
CA CYS B 462 25.23 -31.35 30.70
C CYS B 462 26.67 -31.75 30.99
N LYS B 463 27.18 -32.77 30.29
CA LYS B 463 28.60 -33.12 30.43
C LYS B 463 29.52 -32.02 29.90
N LYS B 464 29.09 -31.30 28.87
CA LYS B 464 29.92 -30.22 28.35
C LYS B 464 29.96 -29.04 29.31
N ILE B 465 28.85 -28.73 29.98
CA ILE B 465 28.86 -27.69 31.02
C ILE B 465 29.78 -28.09 32.16
N GLY B 466 29.76 -29.37 32.52
CA GLY B 466 30.67 -29.85 33.55
C GLY B 466 32.12 -29.86 33.13
N GLU B 467 32.40 -29.91 31.83
CA GLU B 467 33.79 -29.92 31.39
C GLU B 467 34.32 -28.51 31.13
N THR B 468 33.49 -27.56 30.70
CA THR B 468 34.00 -26.23 30.41
C THR B 468 34.11 -25.38 31.67
N MET B 469 33.28 -25.65 32.68
CA MET B 469 33.26 -24.88 33.93
C MET B 469 33.56 -25.84 35.07
N PRO B 470 34.83 -26.19 35.30
CA PRO B 470 35.15 -27.17 36.33
C PRO B 470 35.23 -26.59 37.74
N PHE B 471 34.97 -25.31 37.91
CA PHE B 471 35.15 -24.68 39.20
C PHE B 471 33.97 -24.88 40.14
N LEU B 472 32.79 -25.19 39.63
CA LEU B 472 31.65 -25.35 40.52
C LEU B 472 31.51 -26.74 41.09
N PHE B 473 32.55 -27.56 41.01
CA PHE B 473 32.62 -28.81 41.76
C PHE B 473 33.79 -28.83 42.74
N CYS B 474 34.59 -27.77 42.80
CA CYS B 474 35.69 -27.69 43.74
C CYS B 474 35.25 -26.96 45.01
N ASP B 475 35.87 -27.31 46.13
CA ASP B 475 35.44 -26.79 47.42
C ASP B 475 35.89 -25.35 47.68
N ASN B 476 36.95 -24.88 47.00
CA ASN B 476 37.43 -23.52 47.26
C ASN B 476 36.49 -22.47 46.68
N PHE B 477 35.95 -22.71 45.49
CA PHE B 477 35.11 -21.71 44.83
C PHE B 477 33.72 -21.68 45.44
N ILE B 478 32.97 -22.78 45.33
CA ILE B 478 31.64 -22.90 45.89
C ILE B 478 31.71 -23.91 47.04
N PRO B 479 31.41 -23.52 48.27
CA PRO B 479 31.58 -24.43 49.40
C PRO B 479 30.52 -25.51 49.44
N ASN B 480 30.83 -26.57 50.17
CA ASN B 480 29.97 -27.74 50.20
C ASN B 480 28.74 -27.49 51.06
N GLY B 481 27.58 -27.81 50.50
CA GLY B 481 26.34 -27.72 51.22
C GLY B 481 25.71 -26.35 51.25
N LYS B 482 26.12 -25.44 50.38
CA LYS B 482 25.60 -24.09 50.38
C LYS B 482 24.49 -23.96 49.35
N ASP B 483 23.63 -22.96 49.55
CA ASP B 483 22.64 -22.61 48.56
C ASP B 483 23.20 -21.63 47.55
N VAL B 484 22.94 -21.86 46.28
CA VAL B 484 23.59 -21.14 45.19
C VAL B 484 22.52 -20.39 44.40
N LEU B 485 22.80 -19.12 44.13
CA LEU B 485 21.95 -18.27 43.31
C LEU B 485 22.69 -17.90 42.05
N PHE B 486 22.13 -18.23 40.90
CA PHE B 486 22.74 -17.96 39.61
C PHE B 486 22.11 -16.72 38.98
N VAL B 487 22.96 -15.80 38.54
CA VAL B 487 22.53 -14.64 37.77
C VAL B 487 23.21 -14.74 36.41
N PRO B 488 22.61 -15.41 35.43
CA PRO B 488 23.31 -15.68 34.17
C PRO B 488 23.27 -14.55 33.17
N HIS B 489 24.27 -14.56 32.29
CA HIS B 489 24.33 -13.71 31.11
C HIS B 489 23.69 -14.50 29.95
N ASP B 490 23.92 -14.07 28.71
CA ASP B 490 22.96 -14.24 27.62
C ASP B 490 22.51 -15.66 27.28
N PHE B 491 23.34 -16.47 26.63
CA PHE B 491 22.88 -17.81 26.30
C PHE B 491 23.04 -18.77 27.45
N LEU B 492 23.62 -18.31 28.56
CA LEU B 492 23.57 -19.04 29.81
C LEU B 492 22.22 -18.95 30.49
N HIS B 493 21.30 -18.14 29.96
CA HIS B 493 19.95 -18.14 30.50
C HIS B 493 19.17 -19.40 30.15
N ARG B 494 19.61 -20.15 29.14
CA ARG B 494 18.90 -21.32 28.64
C ARG B 494 19.56 -22.64 29.02
N LEU B 495 20.77 -22.62 29.49
CA LEU B 495 21.45 -23.86 29.86
C LEU B 495 20.98 -24.33 31.23
N PRO B 496 20.80 -25.61 31.41
CA PRO B 496 20.53 -26.09 32.77
C PRO B 496 21.80 -26.17 33.61
N LEU B 497 22.00 -25.20 34.50
CA LEU B 497 23.21 -25.18 35.30
C LEU B 497 23.11 -26.08 36.51
N HIS B 498 21.89 -26.38 36.95
CA HIS B 498 21.69 -27.25 38.11
C HIS B 498 21.83 -28.72 37.77
N GLY B 499 21.92 -29.08 36.50
CA GLY B 499 22.06 -30.47 36.13
C GLY B 499 23.39 -30.80 35.49
N SER B 500 24.44 -30.09 35.87
CA SER B 500 25.76 -30.33 35.31
C SER B 500 26.36 -31.60 35.91
N ILE B 501 27.26 -32.22 35.15
CA ILE B 501 27.83 -33.52 35.50
C ILE B 501 29.34 -33.36 35.64
N GLU B 502 29.89 -33.87 36.73
CA GLU B 502 31.32 -33.78 37.00
C GLU B 502 32.12 -34.63 36.03
N ASN B 503 33.28 -34.11 35.63
CA ASN B 503 34.11 -34.73 34.59
C ASN B 503 34.93 -35.87 35.21
N LYS B 504 34.26 -36.98 35.46
CA LYS B 504 34.88 -38.15 36.08
C LYS B 504 34.36 -39.40 35.39
N THR B 505 34.57 -40.54 36.03
CA THR B 505 34.00 -41.79 35.55
C THR B 505 32.53 -41.90 35.93
N ASN B 506 32.24 -41.91 37.23
CA ASN B 506 30.86 -41.89 37.73
C ASN B 506 30.58 -40.49 38.26
N GLY B 507 30.18 -39.59 37.36
CA GLY B 507 30.00 -38.20 37.72
C GLY B 507 28.72 -37.98 38.52
N LYS B 508 28.74 -36.94 39.34
CA LYS B 508 27.59 -36.55 40.13
C LYS B 508 26.95 -35.29 39.58
N LEU B 509 25.70 -35.08 39.95
CA LEU B 509 24.99 -33.89 39.53
C LEU B 509 25.20 -32.74 40.53
N PHE B 510 24.92 -31.53 40.07
CA PHE B 510 25.06 -30.36 40.93
C PHE B 510 23.90 -30.23 41.91
N LEU B 511 22.72 -30.75 41.57
CA LEU B 511 21.57 -30.64 42.45
C LEU B 511 21.56 -31.70 43.54
N GLU B 512 22.56 -32.57 43.60
CA GLU B 512 22.62 -33.55 44.66
C GLU B 512 23.29 -33.00 45.92
N ASN B 513 24.07 -31.94 45.81
CA ASN B 513 24.72 -31.34 46.96
C ASN B 513 24.18 -29.95 47.31
N HIS B 514 23.80 -29.17 46.31
CA HIS B 514 23.40 -27.78 46.51
C HIS B 514 21.94 -27.59 46.10
N SER B 515 21.35 -26.50 46.57
CA SER B 515 19.99 -26.10 46.22
C SER B 515 20.05 -24.82 45.41
N CYS B 516 19.65 -24.89 44.14
CA CYS B 516 19.90 -23.83 43.18
C CYS B 516 18.67 -22.95 43.00
N CYS B 517 18.93 -21.66 42.78
CA CYS B 517 17.90 -20.70 42.44
C CYS B 517 18.42 -19.78 41.34
N TYR B 518 17.51 -19.13 40.63
CA TYR B 518 17.88 -18.35 39.45
C TYR B 518 17.31 -16.95 39.56
N LEU B 519 17.96 -16.01 38.88
CA LEU B 519 17.45 -14.66 38.81
C LEU B 519 17.93 -14.01 37.52
N PRO B 520 17.10 -13.21 36.85
CA PRO B 520 17.56 -12.58 35.60
C PRO B 520 18.58 -11.49 35.83
N ALA B 521 18.43 -10.69 36.87
CA ALA B 521 19.42 -9.70 37.27
C ALA B 521 19.32 -9.51 38.77
N TRP B 522 20.32 -8.83 39.34
CA TRP B 522 20.29 -8.62 40.78
C TRP B 522 19.30 -7.55 41.19
N SER B 523 18.92 -6.66 40.27
CA SER B 523 17.96 -5.62 40.58
C SER B 523 16.54 -6.16 40.78
N PHE B 524 16.27 -7.38 40.33
CA PHE B 524 14.95 -7.98 40.51
C PHE B 524 14.75 -8.57 41.90
N ALA B 525 15.78 -8.62 42.73
CA ALA B 525 15.62 -9.11 44.08
C ALA B 525 15.02 -8.04 44.98
N SER B 526 14.27 -8.48 45.98
CA SER B 526 13.63 -7.55 46.89
C SER B 526 13.53 -8.22 48.26
N GLU B 527 12.73 -7.64 49.15
CA GLU B 527 12.55 -8.17 50.49
C GLU B 527 11.05 -8.17 50.79
N LYS B 528 10.71 -8.45 52.06
CA LYS B 528 9.34 -8.57 52.57
C LYS B 528 8.58 -9.66 51.79
N GLU B 529 8.99 -10.89 52.06
CA GLU B 529 8.28 -12.07 51.54
C GLU B 529 6.93 -12.15 52.26
N ALA B 530 5.87 -11.76 51.56
CA ALA B 530 4.55 -11.66 52.17
C ALA B 530 3.92 -13.03 52.25
N SER B 531 3.90 -13.60 53.45
CA SER B 531 3.32 -14.92 53.71
C SER B 531 1.96 -14.82 54.36
N THR B 532 1.15 -13.86 53.90
CA THR B 532 -0.03 -13.43 54.65
C THR B 532 -1.13 -14.49 54.68
N SER B 533 -1.65 -14.86 53.52
CA SER B 533 -2.89 -15.60 53.44
C SER B 533 -2.68 -17.11 53.41
N ASP B 534 -3.80 -17.83 53.41
CA ASP B 534 -3.86 -19.29 53.24
C ASP B 534 -4.70 -19.68 52.02
N GLU B 535 -4.85 -18.77 51.07
CA GLU B 535 -5.70 -18.98 49.92
C GLU B 535 -4.98 -19.78 48.83
N TYR B 536 -5.74 -20.56 48.08
CA TYR B 536 -5.21 -21.32 46.95
C TYR B 536 -6.10 -21.07 45.74
N VAL B 537 -5.50 -20.64 44.62
CA VAL B 537 -6.23 -20.27 43.41
C VAL B 537 -5.68 -21.10 42.25
N LEU B 538 -6.58 -21.54 41.36
CA LEU B 538 -6.22 -22.20 40.11
C LEU B 538 -6.91 -21.48 38.95
N LEU B 539 -6.22 -21.45 37.81
CA LEU B 539 -6.79 -20.96 36.56
C LEU B 539 -6.38 -21.90 35.44
N LYS B 540 -7.27 -22.05 34.44
CA LYS B 540 -7.06 -23.05 33.41
C LYS B 540 -7.87 -22.70 32.17
N ASN B 541 -7.21 -22.67 31.01
CA ASN B 541 -7.88 -22.35 29.75
C ASN B 541 -7.79 -23.45 28.70
N PHE B 542 -6.70 -24.21 28.65
CA PHE B 542 -6.51 -25.18 27.59
C PHE B 542 -7.01 -26.55 28.02
N ASP B 543 -7.53 -27.30 27.06
CA ASP B 543 -8.11 -28.62 27.31
C ASP B 543 -7.49 -29.67 26.39
N GLN B 544 -6.18 -29.58 26.17
CA GLN B 544 -5.45 -30.59 25.40
C GLN B 544 -4.88 -31.69 26.29
N GLY B 545 -3.95 -31.34 27.18
CA GLY B 545 -3.56 -32.24 28.25
C GLY B 545 -4.55 -32.09 29.39
N HIS B 546 -5.01 -33.20 29.92
CA HIS B 546 -6.18 -33.21 30.79
C HIS B 546 -5.78 -33.10 32.25
N PHE B 547 -6.47 -32.22 32.98
CA PHE B 547 -6.18 -31.93 34.38
C PHE B 547 -7.42 -32.07 35.25
N GLU B 548 -8.36 -32.95 34.90
CA GLU B 548 -9.63 -33.02 35.62
C GLU B 548 -9.47 -33.58 37.03
N THR B 549 -8.55 -34.54 37.20
CA THR B 549 -8.27 -35.08 38.54
C THR B 549 -7.67 -34.01 39.45
N LEU B 550 -6.92 -33.08 38.88
CA LEU B 550 -6.45 -31.93 39.63
C LEU B 550 -7.55 -30.90 39.84
N GLN B 551 -8.46 -30.80 38.88
CA GLN B 551 -9.54 -29.81 38.95
C GLN B 551 -10.54 -30.15 40.04
N ASN B 552 -10.78 -31.43 40.29
CA ASN B 552 -11.80 -31.84 41.24
C ASN B 552 -11.37 -31.81 42.70
N ASN B 553 -10.18 -31.30 43.02
CA ASN B 553 -9.75 -31.22 44.41
C ASN B 553 -10.41 -30.05 45.11
N GLN B 554 -10.57 -30.16 46.43
CA GLN B 554 -11.29 -29.15 47.19
C GLN B 554 -10.39 -28.07 47.77
N ILE B 555 -9.07 -28.15 47.58
CA ILE B 555 -8.17 -27.15 48.14
C ILE B 555 -8.35 -25.83 47.40
N TRP B 556 -8.76 -25.88 46.13
CA TRP B 556 -9.15 -24.67 45.39
C TRP B 556 -10.53 -24.17 45.83
N GLY B 557 -10.65 -23.83 47.12
CA GLY B 557 -11.94 -23.57 47.72
C GLY B 557 -12.44 -22.16 47.59
N THR B 558 -11.59 -21.26 47.12
CA THR B 558 -11.98 -19.87 46.99
C THR B 558 -12.84 -19.68 45.75
N GLN B 559 -13.71 -18.67 45.77
CA GLN B 559 -14.53 -18.36 44.62
C GLN B 559 -13.73 -17.74 43.49
N SER B 560 -12.49 -17.31 43.75
CA SER B 560 -11.64 -16.77 42.72
C SER B 560 -11.17 -17.82 41.73
N VAL B 561 -11.20 -19.10 42.12
CA VAL B 561 -10.78 -20.18 41.23
C VAL B 561 -11.78 -20.35 40.11
N LYS B 562 -11.29 -20.48 38.89
CA LYS B 562 -12.18 -20.81 37.78
C LYS B 562 -11.44 -21.59 36.72
N ASP B 563 -12.21 -22.17 35.80
CA ASP B 563 -11.69 -23.04 34.74
C ASP B 563 -12.10 -22.56 33.35
N GLY B 564 -12.31 -21.25 33.18
CA GLY B 564 -12.53 -20.64 31.88
C GLY B 564 -11.40 -19.72 31.46
N ALA B 565 -10.87 -18.96 32.44
CA ALA B 565 -9.59 -18.25 32.38
C ALA B 565 -9.55 -17.19 31.26
N SER B 566 -10.30 -16.12 31.48
CA SER B 566 -10.10 -14.88 30.75
C SER B 566 -9.10 -13.99 31.50
N SER B 567 -8.71 -12.89 30.86
CA SER B 567 -7.68 -12.03 31.43
C SER B 567 -8.21 -11.17 32.57
N ASP B 568 -9.47 -10.75 32.48
CA ASP B 568 -10.10 -10.03 33.58
C ASP B 568 -10.30 -10.91 34.81
N ASP B 569 -10.30 -12.23 34.64
CA ASP B 569 -10.27 -13.13 35.79
C ASP B 569 -8.91 -13.09 36.47
N LEU B 570 -7.86 -12.76 35.74
CA LEU B 570 -6.55 -12.59 36.37
C LEU B 570 -6.45 -11.24 37.06
N GLU B 571 -7.05 -10.21 36.47
CA GLU B 571 -6.95 -8.88 37.08
C GLU B 571 -7.93 -8.65 38.24
N ASN B 572 -8.67 -9.65 38.71
CA ASN B 572 -9.62 -9.45 39.81
C ASN B 572 -9.25 -10.17 41.09
N ILE B 573 -8.12 -10.86 41.14
CA ILE B 573 -7.67 -11.47 42.40
C ILE B 573 -7.23 -10.36 43.34
N ARG B 574 -7.54 -10.50 44.63
CA ARG B 574 -7.43 -9.35 45.50
C ARG B 574 -6.73 -9.56 46.83
N ASN B 575 -6.69 -10.75 47.39
CA ASN B 575 -6.28 -10.88 48.78
C ASN B 575 -4.97 -11.61 48.99
N ASN B 576 -4.06 -11.54 48.01
CA ASN B 576 -2.70 -12.09 48.03
C ASN B 576 -2.66 -13.57 48.39
N PRO B 577 -3.04 -14.46 47.49
CA PRO B 577 -3.05 -15.89 47.82
C PRO B 577 -1.67 -16.46 47.99
N ARG B 578 -1.60 -17.57 48.73
CA ARG B 578 -0.33 -18.21 49.01
C ARG B 578 0.21 -18.96 47.81
N LEU B 579 -0.67 -19.50 46.97
CA LEU B 579 -0.23 -20.20 45.77
C LEU B 579 -1.21 -19.93 44.65
N LEU B 580 -0.72 -19.43 43.54
CA LEU B 580 -1.49 -19.27 42.32
C LEU B 580 -0.93 -20.22 41.27
N THR B 581 -1.82 -20.88 40.53
CA THR B 581 -1.42 -21.84 39.51
C THR B 581 -2.08 -21.47 38.20
N ILE B 582 -1.27 -21.08 37.21
CA ILE B 582 -1.76 -20.69 35.89
C ILE B 582 -1.41 -21.80 34.91
N LEU B 583 -2.41 -22.28 34.20
CA LEU B 583 -2.28 -23.43 33.30
C LEU B 583 -2.84 -23.06 31.93
N CYS B 584 -1.98 -22.64 31.02
CA CYS B 584 -2.39 -22.20 29.69
C CYS B 584 -1.22 -22.40 28.74
N HIS B 585 -1.47 -22.10 27.47
CA HIS B 585 -0.42 -22.06 26.47
C HIS B 585 0.18 -20.66 26.39
N GLY B 586 1.28 -20.54 25.65
CA GLY B 586 1.95 -19.27 25.49
C GLY B 586 2.22 -18.97 24.03
N GLU B 587 2.64 -17.73 23.79
CA GLU B 587 2.98 -17.29 22.45
C GLU B 587 4.01 -16.18 22.55
N ALA B 588 5.03 -16.22 21.72
CA ALA B 588 6.18 -15.34 21.81
C ALA B 588 6.26 -14.43 20.60
N ASN B 589 6.37 -13.12 20.86
CA ASN B 589 6.71 -12.18 19.80
C ASN B 589 8.22 -12.17 19.66
N MET B 590 8.70 -12.28 18.42
CA MET B 590 10.12 -12.50 18.20
C MET B 590 10.93 -11.22 18.16
N SER B 591 10.31 -10.06 18.31
CA SER B 591 11.03 -8.80 18.38
C SER B 591 10.78 -8.05 19.68
N ASN B 592 9.51 -7.84 20.04
CA ASN B 592 9.15 -7.04 21.20
C ASN B 592 8.77 -7.95 22.35
N PRO B 593 9.50 -7.93 23.47
CA PRO B 593 9.10 -8.75 24.61
C PRO B 593 7.92 -8.21 25.38
N PHE B 594 7.42 -7.04 25.05
CA PHE B 594 6.21 -6.50 25.67
C PHE B 594 4.94 -7.08 25.06
N ARG B 595 5.06 -7.93 24.05
CA ARG B 595 3.92 -8.52 23.37
C ARG B 595 3.82 -10.03 23.54
N SER B 596 4.68 -10.63 24.34
CA SER B 596 4.55 -12.05 24.64
C SER B 596 3.36 -12.28 25.56
N MET B 597 2.49 -13.21 25.20
CA MET B 597 1.21 -13.34 25.87
C MET B 597 1.00 -14.74 26.40
N LEU B 598 0.26 -14.81 27.49
CA LEU B 598 -0.28 -16.06 28.01
C LEU B 598 -1.66 -16.27 27.39
N LYS B 599 -1.84 -17.41 26.73
CA LYS B 599 -3.03 -17.65 25.91
C LYS B 599 -4.22 -17.98 26.80
N LEU B 600 -4.78 -16.93 27.40
CA LEU B 600 -6.01 -17.04 28.15
C LEU B 600 -7.18 -16.72 27.21
N ALA B 601 -8.39 -16.65 27.75
CA ALA B 601 -9.55 -16.38 26.92
C ALA B 601 -9.60 -14.92 26.52
N ASN B 602 -10.46 -14.65 25.53
CA ASN B 602 -10.70 -13.38 24.81
C ASN B 602 -9.46 -12.50 24.64
N GLY B 603 -8.43 -13.10 24.04
CA GLY B 603 -7.27 -12.37 23.57
C GLY B 603 -5.99 -12.57 24.36
N GLY B 604 -6.06 -13.17 25.52
CA GLY B 604 -4.86 -13.35 26.32
C GLY B 604 -4.45 -12.07 27.03
N ILE B 605 -3.32 -12.18 27.75
CA ILE B 605 -2.80 -11.08 28.55
C ILE B 605 -1.30 -10.99 28.29
N THR B 606 -0.82 -9.79 28.00
CA THR B 606 0.57 -9.61 27.58
C THR B 606 1.45 -9.20 28.75
N TYR B 607 2.71 -8.89 28.45
CA TYR B 607 3.66 -8.41 29.45
C TYR B 607 3.25 -7.06 29.99
N LEU B 608 2.88 -6.14 29.09
CA LEU B 608 2.53 -4.79 29.48
C LEU B 608 1.24 -4.74 30.28
N GLU B 609 0.28 -5.59 29.93
CA GLU B 609 -0.97 -5.64 30.67
C GLU B 609 -0.78 -6.25 32.06
N ILE B 610 0.17 -7.18 32.21
CA ILE B 610 0.51 -7.69 33.52
C ILE B 610 1.14 -6.60 34.36
N LEU B 611 2.04 -5.81 33.76
CA LEU B 611 2.71 -4.74 34.50
C LEU B 611 1.77 -3.61 34.87
N ASN B 612 0.70 -3.40 34.10
CA ASN B 612 -0.20 -2.29 34.39
C ASN B 612 -1.39 -2.69 35.26
N SER B 613 -1.93 -3.90 35.09
CA SER B 613 -3.24 -4.22 35.64
C SER B 613 -3.21 -5.11 36.87
N VAL B 614 -2.36 -6.13 36.91
CA VAL B 614 -2.43 -7.13 37.96
C VAL B 614 -1.78 -6.59 39.22
N LYS B 615 -2.52 -6.61 40.34
CA LYS B 615 -2.09 -5.97 41.57
C LYS B 615 -1.94 -6.95 42.73
N GLY B 616 -2.94 -7.78 42.99
CA GLY B 616 -2.92 -8.57 44.21
C GLY B 616 -2.13 -9.86 44.17
N LEU B 617 -0.80 -9.76 44.10
CA LEU B 617 0.05 -10.94 44.03
C LEU B 617 1.30 -10.76 44.89
N LYS B 618 1.20 -10.02 45.97
CA LYS B 618 2.35 -9.74 46.83
C LYS B 618 2.69 -10.98 47.65
N GLY B 619 3.88 -11.51 47.46
CA GLY B 619 4.33 -12.68 48.21
C GLY B 619 3.66 -13.97 47.82
N SER B 620 3.40 -14.17 46.54
CA SER B 620 2.66 -15.33 46.08
C SER B 620 3.57 -16.24 45.27
N GLN B 621 3.59 -17.52 45.62
CA GLN B 621 4.23 -18.50 44.78
C GLN B 621 3.36 -18.75 43.56
N VAL B 622 3.94 -18.63 42.38
CA VAL B 622 3.24 -18.84 41.12
C VAL B 622 3.84 -20.07 40.43
N ILE B 623 2.98 -20.95 39.95
CA ILE B 623 3.40 -22.12 39.17
C ILE B 623 2.82 -21.98 37.78
N LEU B 624 3.69 -21.76 36.80
CA LEU B 624 3.28 -21.66 35.41
C LEU B 624 3.19 -23.05 34.80
N GLY B 625 2.31 -23.20 33.82
CA GLY B 625 2.16 -24.45 33.11
C GLY B 625 2.79 -24.42 31.74
N ALA B 626 2.90 -23.22 31.18
CA ALA B 626 3.53 -23.05 29.88
C ALA B 626 5.03 -23.20 30.00
N CYS B 627 5.64 -23.75 28.95
CA CYS B 627 7.07 -23.95 28.94
C CYS B 627 7.79 -22.67 28.53
N GLU B 628 9.09 -22.63 28.80
CA GLU B 628 9.86 -21.42 28.49
C GLU B 628 10.11 -21.27 27.01
N THR B 629 10.15 -22.39 26.27
CA THR B 629 10.41 -22.34 24.83
C THR B 629 9.23 -21.75 24.06
N ASP B 630 8.03 -21.77 24.63
CA ASP B 630 6.91 -21.10 23.99
C ASP B 630 6.85 -19.62 24.30
N LEU B 631 7.48 -19.17 25.39
CA LEU B 631 7.42 -17.76 25.78
C LEU B 631 8.58 -16.94 25.25
N VAL B 632 9.72 -17.55 24.96
CA VAL B 632 10.86 -16.83 24.38
C VAL B 632 11.12 -17.40 22.99
N PRO B 633 11.64 -16.61 22.06
CA PRO B 633 12.00 -17.15 20.76
C PRO B 633 13.34 -17.85 20.82
N PRO B 634 13.65 -18.73 19.87
CA PRO B 634 14.97 -19.36 19.86
C PRO B 634 16.05 -18.39 19.42
N LEU B 635 17.26 -18.62 19.91
CA LEU B 635 18.36 -17.68 19.70
C LEU B 635 19.18 -18.09 18.49
N SER B 636 19.61 -17.09 17.72
CA SER B 636 20.45 -17.28 16.56
C SER B 636 21.76 -16.51 16.65
N ASP B 637 22.10 -16.01 17.84
CA ASP B 637 23.36 -15.34 18.07
C ASP B 637 23.80 -15.66 19.49
N VAL B 638 25.03 -15.28 19.82
CA VAL B 638 25.56 -15.55 21.15
C VAL B 638 24.89 -14.66 22.19
N MET B 639 24.53 -13.44 21.82
CA MET B 639 23.90 -12.52 22.75
C MET B 639 22.39 -12.52 22.57
N ASP B 640 21.68 -12.53 23.69
CA ASP B 640 20.23 -12.46 23.67
C ASP B 640 19.77 -11.82 24.98
N GLU B 641 18.82 -10.89 24.86
CA GLU B 641 18.18 -10.29 26.01
C GLU B 641 16.68 -10.32 25.76
N HIS B 642 16.00 -11.21 26.43
CA HIS B 642 14.57 -11.42 26.18
C HIS B 642 13.99 -11.98 27.47
N TYR B 643 13.20 -11.18 28.15
CA TYR B 643 12.66 -11.55 29.44
C TYR B 643 11.26 -12.09 29.27
N SER B 644 10.98 -13.22 29.90
CA SER B 644 9.69 -13.87 29.75
C SER B 644 8.66 -13.18 30.65
N VAL B 645 7.49 -13.80 30.80
CA VAL B 645 6.48 -13.28 31.71
C VAL B 645 6.83 -13.54 33.17
N ALA B 646 7.84 -14.38 33.44
CA ALA B 646 8.28 -14.62 34.81
C ALA B 646 8.88 -13.36 35.41
N THR B 647 9.60 -12.57 34.62
CA THR B 647 10.18 -11.34 35.14
C THR B 647 9.12 -10.28 35.40
N ALA B 648 8.07 -10.25 34.59
CA ALA B 648 6.97 -9.33 34.86
C ALA B 648 6.19 -9.74 36.09
N LEU B 649 6.06 -11.05 36.32
CA LEU B 649 5.46 -11.53 37.55
C LEU B 649 6.33 -11.22 38.76
N LEU B 650 7.65 -11.19 38.59
CA LEU B 650 8.53 -10.77 39.68
C LEU B 650 8.47 -9.27 39.93
N LEU B 651 8.27 -8.47 38.88
CA LEU B 651 8.18 -7.03 39.07
C LEU B 651 6.83 -6.62 39.66
N ILE B 652 5.78 -7.40 39.41
CA ILE B 652 4.48 -7.13 40.03
C ILE B 652 4.56 -7.39 41.53
N GLY B 653 5.32 -8.38 41.95
CA GLY B 653 5.54 -8.60 43.37
C GLY B 653 5.50 -10.04 43.83
N ALA B 654 5.46 -10.99 42.90
CA ALA B 654 5.42 -12.40 43.28
C ALA B 654 6.77 -12.85 43.81
N ALA B 655 6.73 -13.75 44.78
CA ALA B 655 7.94 -14.17 45.47
C ALA B 655 8.71 -15.24 44.73
N GLY B 656 8.05 -15.97 43.81
CA GLY B 656 8.75 -16.98 43.05
C GLY B 656 7.90 -17.66 42.02
N VAL B 657 8.44 -17.82 40.81
CA VAL B 657 7.78 -18.55 39.74
C VAL B 657 8.53 -19.84 39.50
N VAL B 658 7.82 -20.95 39.48
CA VAL B 658 8.39 -22.27 39.20
C VAL B 658 7.88 -22.71 37.85
N GLY B 659 8.80 -23.04 36.95
CA GLY B 659 8.43 -23.27 35.56
C GLY B 659 9.19 -24.42 34.93
N THR B 660 8.84 -24.69 33.69
CA THR B 660 9.47 -25.71 32.85
C THR B 660 10.31 -25.02 31.80
N MET B 661 11.54 -25.50 31.63
CA MET B 661 12.40 -24.94 30.60
C MET B 661 12.08 -25.49 29.22
N TRP B 662 11.49 -26.67 29.14
CA TRP B 662 11.09 -27.24 27.87
C TRP B 662 9.81 -28.05 28.08
N LYS B 663 9.27 -28.59 27.00
CA LYS B 663 7.96 -29.23 27.03
C LYS B 663 8.05 -30.61 27.67
N VAL B 664 7.33 -30.79 28.77
CA VAL B 664 7.26 -32.07 29.45
C VAL B 664 5.83 -32.57 29.30
N ARG B 665 5.64 -33.87 29.53
CA ARG B 665 4.32 -34.47 29.62
C ARG B 665 3.52 -33.86 30.76
N SER B 666 2.19 -33.91 30.64
CA SER B 666 1.32 -33.22 31.58
C SER B 666 1.28 -33.91 32.94
N ASN B 667 1.61 -35.20 32.99
CA ASN B 667 1.55 -35.95 34.23
C ASN B 667 2.61 -35.46 35.22
N LYS B 668 3.76 -35.00 34.71
CA LYS B 668 4.81 -34.47 35.59
C LYS B 668 4.40 -33.14 36.21
N THR B 669 3.72 -32.29 35.44
CA THR B 669 3.25 -31.02 35.97
C THR B 669 2.15 -31.23 37.01
N LYS B 670 1.26 -32.20 36.76
CA LYS B 670 0.25 -32.55 37.75
C LYS B 670 0.89 -33.12 39.02
N SER B 671 1.96 -33.90 38.87
CA SER B 671 2.65 -34.44 40.04
C SER B 671 3.34 -33.34 40.85
N LEU B 672 3.91 -32.35 40.17
CA LEU B 672 4.52 -31.22 40.87
C LEU B 672 3.48 -30.40 41.62
N ILE B 673 2.31 -30.17 41.00
CA ILE B 673 1.29 -29.36 41.65
C ILE B 673 0.70 -30.09 42.86
N GLU B 674 0.55 -31.41 42.77
CA GLU B 674 0.07 -32.17 43.92
C GLU B 674 1.10 -32.21 45.04
N TRP B 675 2.38 -32.31 44.70
CA TRP B 675 3.41 -32.28 45.74
C TRP B 675 3.55 -30.91 46.37
N LYS B 676 3.27 -29.85 45.61
CA LYS B 676 3.31 -28.52 46.19
C LYS B 676 2.10 -28.25 47.08
N LEU B 677 0.94 -28.82 46.73
CA LEU B 677 -0.22 -28.68 47.60
C LEU B 677 -0.04 -29.47 48.89
N GLU B 678 0.63 -30.62 48.81
CA GLU B 678 0.86 -31.40 50.04
C GLU B 678 1.91 -30.73 50.92
N ASN B 679 2.93 -30.14 50.30
CA ASN B 679 4.04 -29.48 51.02
C ASN B 679 4.36 -28.18 50.31
N ILE B 680 4.11 -27.05 50.98
CA ILE B 680 4.46 -25.75 50.39
C ILE B 680 5.80 -25.23 50.90
N GLU B 681 6.42 -25.91 51.86
CA GLU B 681 7.65 -25.45 52.48
C GLU B 681 8.86 -26.29 52.12
N TYR B 682 8.73 -27.23 51.19
CA TYR B 682 9.83 -28.11 50.83
C TYR B 682 10.50 -27.66 49.54
N LYS B 683 11.79 -27.96 49.44
CA LYS B 683 12.59 -27.49 48.32
C LYS B 683 12.46 -28.42 47.12
N LEU B 684 12.68 -27.86 45.95
CA LEU B 684 12.42 -28.56 44.69
C LEU B 684 13.45 -29.64 44.39
N ASN B 685 14.68 -29.47 44.85
CA ASN B 685 15.73 -30.43 44.50
C ASN B 685 15.56 -31.75 45.24
N GLU B 686 14.85 -31.76 46.37
CA GLU B 686 14.52 -33.02 47.02
C GLU B 686 13.59 -33.86 46.17
N TRP B 687 12.56 -33.21 45.62
CA TRP B 687 11.67 -33.87 44.68
C TRP B 687 12.38 -34.28 43.40
N GLN B 688 13.39 -33.52 42.96
CA GLN B 688 14.12 -33.91 41.77
C GLN B 688 15.05 -35.10 42.03
N LYS B 689 15.58 -35.21 43.24
CA LYS B 689 16.39 -36.37 43.58
C LYS B 689 15.55 -37.61 43.80
N GLU B 690 14.32 -37.46 44.28
CA GLU B 690 13.52 -38.63 44.63
C GLU B 690 12.90 -39.29 43.41
N THR B 691 12.32 -38.51 42.50
CA THR B 691 11.59 -39.04 41.37
C THR B 691 12.44 -39.24 40.12
N GLY B 692 13.72 -39.57 40.28
CA GLY B 692 14.50 -39.99 39.14
C GLY B 692 15.25 -38.89 38.41
N GLY B 693 16.05 -38.11 39.11
CA GLY B 693 16.86 -37.09 38.48
C GLY B 693 18.29 -37.50 38.26
N ALA B 694 18.73 -38.53 38.97
CA ALA B 694 20.09 -39.02 38.88
C ALA B 694 20.20 -40.24 37.96
N ALA B 695 19.34 -40.34 36.97
CA ALA B 695 19.25 -41.52 36.11
C ALA B 695 19.73 -41.24 34.70
N TYR B 696 20.80 -40.46 34.52
CA TYR B 696 21.27 -40.15 33.18
C TYR B 696 21.96 -41.33 32.51
N LYS B 697 22.42 -42.31 33.27
CA LYS B 697 23.17 -43.40 32.67
C LYS B 697 22.26 -44.44 32.03
N ASP B 698 21.20 -44.84 32.72
CA ASP B 698 20.37 -45.93 32.23
C ASP B 698 19.15 -45.44 31.44
N HIS B 699 18.52 -44.34 31.83
CA HIS B 699 17.30 -43.87 31.17
C HIS B 699 17.32 -42.36 31.00
N PRO B 700 17.74 -41.87 29.84
CA PRO B 700 17.70 -40.44 29.55
C PRO B 700 16.32 -39.81 29.48
N PRO B 701 15.21 -40.52 29.17
CA PRO B 701 13.91 -39.83 29.30
C PRO B 701 13.51 -39.37 30.69
N THR B 702 13.80 -40.16 31.74
CA THR B 702 13.47 -39.72 33.09
C THR B 702 14.34 -38.55 33.52
N PHE B 703 15.59 -38.54 33.07
CA PHE B 703 16.47 -37.40 33.30
C PHE B 703 15.99 -36.17 32.54
N TYR B 704 15.42 -36.35 31.36
CA TYR B 704 14.83 -35.24 30.62
C TYR B 704 13.63 -34.67 31.34
N ARG B 705 12.82 -35.54 31.95
CA ARG B 705 11.61 -35.07 32.61
C ARG B 705 11.86 -34.52 34.00
N SER B 706 12.99 -34.83 34.63
CA SER B 706 13.20 -34.35 36.00
C SER B 706 13.83 -32.96 36.04
N ILE B 707 14.85 -32.70 35.22
CA ILE B 707 15.64 -31.48 35.38
C ILE B 707 15.06 -30.33 34.57
N ALA B 708 13.82 -30.46 34.12
CA ALA B 708 13.19 -29.38 33.39
C ALA B 708 12.67 -28.26 34.27
N PHE B 709 12.60 -28.45 35.57
CA PHE B 709 11.92 -27.52 36.46
C PHE B 709 12.89 -26.55 37.12
N ARG B 710 12.45 -25.31 37.27
CA ARG B 710 13.35 -24.22 37.65
C ARG B 710 12.60 -23.24 38.52
N SER B 711 13.28 -22.73 39.56
CA SER B 711 12.74 -21.70 40.45
C SER B 711 13.41 -20.37 40.13
N ILE B 712 12.60 -19.35 39.85
CA ILE B 712 13.08 -18.09 39.31
C ILE B 712 12.81 -16.97 40.32
N GLY B 713 12.99 -17.25 41.61
CA GLY B 713 12.81 -16.20 42.58
C GLY B 713 13.71 -16.27 43.80
N PHE B 714 14.46 -15.21 44.07
CA PHE B 714 15.34 -15.19 45.23
C PHE B 714 14.63 -14.58 46.43
N PRO B 715 14.69 -15.21 47.62
CA PRO B 715 14.18 -14.65 48.86
C PRO B 715 14.87 -13.35 49.26
ZN ZN D . 33.61 -44.68 5.66
ZN ZN E . 12.01 -17.86 10.76
ZN ZN F . -4.00 11.42 6.94
ZN ZN G . -20.46 33.48 -14.91
#